data_7VYO
#
_entry.id   7VYO
#
_cell.length_a   110.955
_cell.length_b   110.955
_cell.length_c   231.544
_cell.angle_alpha   90.000
_cell.angle_beta   90.000
_cell.angle_gamma   120.000
#
_symmetry.space_group_name_H-M   'P 31 2 1'
#
loop_
_entity.id
_entity.type
_entity.pdbx_description
1 polymer GdmN
2 non-polymer 'SULFATE ION'
3 non-polymer 'FE (III) ION'
4 non-polymer GLYCEROL
5 non-polymer 1,2-ETHANEDIOL
6 non-polymer DI(HYDROXYETHYL)ETHER
7 non-polymer 'PHOSPHORIC ACID MONO(FORMAMIDE)ESTER'
8 non-polymer 'CHLORIDE ION'
9 water water
#
_entity_poly.entity_id   1
_entity_poly.type   'polypeptide(L)'
_entity_poly.pdbx_seq_one_letter_code
;MLVLGLNGNFSAADTDVVPQLGEVFFHDSAASLIRDGELVAAVEEERLNRIKKTTKFPLNAVRECLALAGARPEDVDAVG
YYFPENHIDTVLNHLYTEYPRAPLRYSRELIRQRLKEGLGWDLPDEKLVYVPHHEAHAYSSYLHSGMDSALVLVLDGRGE
LHSGTVYRAEGTRLEKLADYPVPKSLGGLYLNATYLLGYGFGDEYKVMGLAPWGNPETYRDTFAKLYTLQDNGEYELHGN
IMVPNLVSPLFYAEGFRPRRKGEPFTQAHRDFAAALQETVEKIVLHILEYWAKTSGHSRLCFGGGVAHNSSLNGLILKSG
LFDEVFVHPASHDAGAGEGAAYAAAASLGTLERPGKRLLSASLGPALGGREQIRARLADWAPLIDVEFPDDAVETAAGLL
AEGQVLGWAYGRSEFGPRALGHRSIVADARPEENRTRINAMVKKREGFRPFAPVVTAEAARDYFDLSGADGNHEFMSFVV
PVLPERRTELGAVTHVDGTARVQVVSAESGERFHRLVRRFGELTGTPVLLNTSFNNNAEPIVQSLDDVVTSFLTTDLDVL
VVEDCLVRGKASPDLGVLVPRFRPVTRLVERRTAGPDASAGAKTHEIHLDYDGGPSAKVSPELYELLGAVDGTTTLGDLA
KTVGGLSDALATEVFALWEQRFLTLAPAGDIGPLADDGTRGH
;
_entity_poly.pdbx_strand_id   A,B
#
# COMPACT_ATOMS: atom_id res chain seq x y z
N MET A 1 -33.97 4.91 -27.36
CA MET A 1 -32.60 5.01 -26.86
C MET A 1 -32.52 4.80 -25.35
N LEU A 2 -32.00 3.65 -24.94
CA LEU A 2 -31.78 3.30 -23.55
C LEU A 2 -30.28 3.06 -23.36
N VAL A 3 -29.64 3.83 -22.48
CA VAL A 3 -28.18 3.80 -22.35
C VAL A 3 -27.77 3.74 -20.88
N LEU A 4 -26.86 2.81 -20.58
CA LEU A 4 -26.37 2.55 -19.24
C LEU A 4 -25.04 3.29 -19.05
N GLY A 5 -24.93 4.06 -17.96
CA GLY A 5 -23.68 4.69 -17.59
C GLY A 5 -23.04 3.96 -16.43
N LEU A 6 -21.75 3.64 -16.59
CA LEU A 6 -20.98 2.87 -15.62
C LEU A 6 -19.74 3.62 -15.17
N ASN A 7 -19.41 3.50 -13.88
CA ASN A 7 -18.14 3.94 -13.33
C ASN A 7 -17.79 3.03 -12.17
N GLY A 8 -16.50 2.96 -11.87
CA GLY A 8 -16.01 2.13 -10.78
C GLY A 8 -15.02 1.09 -11.29
N ASN A 9 -14.52 0.29 -10.35
CA ASN A 9 -13.63 -0.81 -10.70
C ASN A 9 -14.47 -2.06 -10.98
N PHE A 10 -13.86 -3.24 -11.00
CA PHE A 10 -14.44 -4.45 -11.58
C PHE A 10 -14.51 -5.61 -10.60
N SER A 11 -14.39 -5.34 -9.31
CA SER A 11 -14.29 -6.40 -8.31
C SER A 11 -15.66 -7.01 -8.03
N ALA A 12 -15.64 -8.31 -7.72
CA ALA A 12 -16.84 -9.03 -7.35
C ALA A 12 -17.26 -8.63 -5.93
N ALA A 13 -18.34 -9.25 -5.45
CA ALA A 13 -18.88 -8.85 -4.14
C ALA A 13 -17.93 -9.23 -3.01
N ASP A 14 -17.28 -10.39 -3.11
CA ASP A 14 -16.57 -10.98 -1.99
C ASP A 14 -15.06 -10.95 -2.13
N THR A 15 -14.54 -10.60 -3.30
CA THR A 15 -13.11 -10.44 -3.52
C THR A 15 -12.89 -9.15 -4.31
N ASP A 16 -11.65 -8.69 -4.34
CA ASP A 16 -11.26 -7.57 -5.18
C ASP A 16 -10.31 -8.05 -6.27
N VAL A 17 -10.28 -7.28 -7.39
CA VAL A 17 -9.50 -7.63 -8.58
C VAL A 17 -8.06 -8.01 -8.22
N VAL A 18 -7.45 -7.28 -7.28
CA VAL A 18 -6.23 -7.74 -6.63
C VAL A 18 -6.48 -7.68 -5.13
N PRO A 19 -5.82 -8.51 -4.32
CA PRO A 19 -6.04 -8.50 -2.87
C PRO A 19 -5.91 -7.10 -2.28
N GLN A 20 -6.92 -6.69 -1.51
CA GLN A 20 -6.90 -5.42 -0.79
C GLN A 20 -6.72 -4.24 -1.75
N LEU A 21 -7.33 -4.35 -2.93
CA LEU A 21 -7.35 -3.24 -3.89
C LEU A 21 -7.61 -1.93 -3.18
N GLY A 22 -6.69 -0.98 -3.34
CA GLY A 22 -6.78 0.29 -2.66
C GLY A 22 -8.11 0.98 -2.90
N GLU A 23 -8.67 1.56 -1.83
CA GLU A 23 -9.93 2.31 -1.90
C GLU A 23 -9.91 3.47 -2.90
N VAL A 24 -8.73 3.89 -3.40
CA VAL A 24 -8.67 5.01 -4.35
C VAL A 24 -8.73 4.58 -5.82
N PHE A 25 -8.78 3.28 -6.09
CA PHE A 25 -8.70 2.81 -7.49
C PHE A 25 -10.12 2.68 -8.05
N PHE A 26 -10.63 3.79 -8.62
CA PHE A 26 -11.91 3.85 -9.31
C PHE A 26 -13.08 3.61 -8.35
N HIS A 27 -13.35 4.62 -7.53
CA HIS A 27 -14.24 4.55 -6.38
C HIS A 27 -15.59 5.17 -6.71
N ASP A 28 -16.51 5.13 -5.72
CA ASP A 28 -17.87 5.63 -5.89
C ASP A 28 -18.59 4.93 -7.05
N SER A 29 -18.32 3.65 -7.25
CA SER A 29 -18.98 2.85 -8.28
C SER A 29 -20.47 3.11 -8.29
N ALA A 30 -21.04 3.21 -9.49
CA ALA A 30 -22.44 3.55 -9.66
C ALA A 30 -22.90 3.14 -11.06
N ALA A 31 -24.20 3.14 -11.24
CA ALA A 31 -24.80 2.89 -12.54
C ALA A 31 -25.96 3.85 -12.68
N SER A 32 -26.14 4.34 -13.90
CA SER A 32 -27.19 5.27 -14.26
C SER A 32 -27.81 4.78 -15.56
N LEU A 33 -29.07 5.14 -15.75
CA LEU A 33 -29.82 4.69 -16.91
C LEU A 33 -30.51 5.90 -17.51
N ILE A 34 -30.22 6.18 -18.78
N ILE A 34 -30.21 6.21 -18.76
CA ILE A 34 -30.86 7.25 -19.54
CA ILE A 34 -30.91 7.28 -19.47
C ILE A 34 -31.80 6.62 -20.55
C ILE A 34 -31.79 6.67 -20.55
N ARG A 35 -32.98 7.21 -20.71
CA ARG A 35 -33.93 6.79 -21.74
C ARG A 35 -34.46 8.04 -22.41
N ASP A 36 -34.28 8.14 -23.72
CA ASP A 36 -34.76 9.29 -24.50
C ASP A 36 -34.23 10.60 -23.91
N GLY A 37 -32.99 10.58 -23.46
CA GLY A 37 -32.34 11.77 -22.92
C GLY A 37 -32.67 12.10 -21.49
N GLU A 38 -33.55 11.33 -20.84
CA GLU A 38 -33.94 11.58 -19.46
C GLU A 38 -33.27 10.57 -18.55
N LEU A 39 -32.81 11.06 -17.39
CA LEU A 39 -32.18 10.21 -16.38
C LEU A 39 -33.29 9.53 -15.59
N VAL A 40 -33.55 8.26 -15.89
CA VAL A 40 -34.71 7.59 -15.29
C VAL A 40 -34.36 6.81 -14.03
N ALA A 41 -33.09 6.44 -13.84
CA ALA A 41 -32.68 5.73 -12.64
C ALA A 41 -31.19 5.91 -12.44
N ALA A 42 -30.77 6.00 -11.18
CA ALA A 42 -29.36 6.13 -10.83
C ALA A 42 -29.20 5.74 -9.37
N VAL A 43 -28.20 4.92 -9.06
CA VAL A 43 -27.90 4.58 -7.67
C VAL A 43 -26.42 4.22 -7.57
N GLU A 44 -25.81 4.64 -6.47
CA GLU A 44 -24.43 4.26 -6.17
C GLU A 44 -24.40 2.87 -5.54
N GLU A 45 -23.42 2.08 -5.97
CA GLU A 45 -23.28 0.72 -5.46
C GLU A 45 -23.08 0.69 -3.94
N GLU A 46 -22.49 1.75 -3.35
CA GLU A 46 -22.30 1.78 -1.89
C GLU A 46 -23.62 1.57 -1.16
N ARG A 47 -24.73 2.01 -1.77
CA ARG A 47 -26.04 1.89 -1.12
C ARG A 47 -26.48 0.44 -1.04
N LEU A 48 -26.04 -0.39 -1.98
CA LEU A 48 -26.44 -1.79 -2.06
C LEU A 48 -25.44 -2.74 -1.41
N ASN A 49 -24.13 -2.54 -1.56
CA ASN A 49 -23.21 -3.40 -0.85
C ASN A 49 -22.79 -2.83 0.50
N ARG A 50 -23.29 -1.63 0.85
CA ARG A 50 -23.10 -1.00 2.17
C ARG A 50 -21.64 -0.66 2.48
N ILE A 51 -20.79 -0.54 1.46
CA ILE A 51 -19.40 -0.09 1.64
C ILE A 51 -19.31 1.34 1.10
N LYS A 52 -19.09 2.31 2.00
CA LYS A 52 -19.00 3.71 1.58
C LYS A 52 -17.95 3.89 0.49
N LYS A 53 -18.34 4.60 -0.59
CA LYS A 53 -17.47 5.00 -1.71
C LYS A 53 -16.83 3.80 -2.42
N THR A 54 -17.53 2.66 -2.44
CA THR A 54 -16.95 1.38 -2.85
C THR A 54 -16.37 1.44 -4.28
N THR A 55 -15.34 0.63 -4.49
CA THR A 55 -14.74 0.44 -5.80
C THR A 55 -15.30 -0.77 -6.54
N LYS A 56 -16.13 -1.58 -5.89
CA LYS A 56 -16.56 -2.83 -6.49
C LYS A 56 -17.46 -2.55 -7.69
N PHE A 57 -17.47 -3.49 -8.63
CA PHE A 57 -18.28 -3.32 -9.82
C PHE A 57 -19.75 -3.13 -9.45
N PRO A 58 -20.41 -2.15 -9.99
CA PRO A 58 -21.78 -1.81 -9.58
C PRO A 58 -22.85 -2.73 -10.19
N LEU A 59 -22.67 -4.03 -9.99
CA LEU A 59 -23.60 -5.04 -10.49
C LEU A 59 -25.02 -4.82 -9.94
N ASN A 60 -25.14 -4.64 -8.63
CA ASN A 60 -26.46 -4.49 -8.04
C ASN A 60 -27.13 -3.21 -8.53
N ALA A 61 -26.34 -2.14 -8.70
CA ALA A 61 -26.86 -0.88 -9.22
C ALA A 61 -27.39 -1.03 -10.64
N VAL A 62 -26.71 -1.80 -11.49
CA VAL A 62 -27.22 -2.05 -12.83
C VAL A 62 -28.55 -2.80 -12.74
N ARG A 63 -28.60 -3.83 -11.90
CA ARG A 63 -29.84 -4.59 -11.76
C ARG A 63 -30.98 -3.70 -11.29
N GLU A 64 -30.72 -2.87 -10.25
CA GLU A 64 -31.76 -1.98 -9.74
C GLU A 64 -32.18 -0.95 -10.77
N CYS A 65 -31.22 -0.45 -11.57
CA CYS A 65 -31.59 0.53 -12.58
C CYS A 65 -32.51 -0.09 -13.63
N LEU A 66 -32.17 -1.30 -14.11
CA LEU A 66 -33.03 -1.97 -15.10
C LEU A 66 -34.42 -2.19 -14.55
N ALA A 67 -34.53 -2.60 -13.29
CA ALA A 67 -35.85 -2.84 -12.71
C ALA A 67 -36.65 -1.55 -12.65
N LEU A 68 -36.02 -0.45 -12.23
CA LEU A 68 -36.73 0.82 -12.15
C LEU A 68 -37.23 1.24 -13.53
N ALA A 69 -36.46 0.96 -14.59
CA ALA A 69 -36.87 1.32 -15.94
C ALA A 69 -37.85 0.32 -16.54
N GLY A 70 -38.09 -0.81 -15.88
CA GLY A 70 -38.90 -1.84 -16.49
C GLY A 70 -38.25 -2.49 -17.68
N ALA A 71 -36.92 -2.46 -17.75
CA ALA A 71 -36.19 -2.95 -18.90
C ALA A 71 -35.46 -4.26 -18.59
N ARG A 72 -35.21 -5.04 -19.63
CA ARG A 72 -34.32 -6.20 -19.58
C ARG A 72 -32.93 -5.78 -20.09
N PRO A 73 -31.87 -6.51 -19.70
CA PRO A 73 -30.53 -6.16 -20.21
C PRO A 73 -30.47 -6.03 -21.73
N GLU A 74 -31.23 -6.87 -22.45
CA GLU A 74 -31.24 -6.82 -23.91
C GLU A 74 -31.87 -5.53 -24.45
N ASP A 75 -32.63 -4.82 -23.64
CA ASP A 75 -33.18 -3.55 -24.09
C ASP A 75 -32.15 -2.43 -24.15
N VAL A 76 -30.98 -2.61 -23.53
CA VAL A 76 -30.01 -1.53 -23.43
C VAL A 76 -29.33 -1.33 -24.78
N ASP A 77 -29.37 -0.10 -25.30
CA ASP A 77 -28.78 0.13 -26.62
C ASP A 77 -27.27 0.31 -26.55
N ALA A 78 -26.74 0.88 -25.46
CA ALA A 78 -25.31 1.12 -25.34
C ALA A 78 -24.93 1.22 -23.87
N VAL A 79 -23.64 1.03 -23.62
CA VAL A 79 -23.05 1.18 -22.29
C VAL A 79 -21.86 2.13 -22.42
N GLY A 80 -21.86 3.21 -21.65
CA GLY A 80 -20.71 4.09 -21.54
C GLY A 80 -19.94 3.82 -20.26
N TYR A 81 -18.61 3.80 -20.38
CA TYR A 81 -17.72 3.71 -19.22
C TYR A 81 -16.95 5.02 -19.08
N TYR A 82 -16.86 5.53 -17.83
CA TYR A 82 -16.41 6.91 -17.54
C TYR A 82 -14.89 7.18 -17.72
N PHE A 83 -14.06 6.32 -18.31
CA PHE A 83 -12.65 6.59 -18.56
C PHE A 83 -12.31 6.01 -19.92
N PRO A 84 -11.26 6.51 -20.57
CA PRO A 84 -10.78 5.86 -21.80
C PRO A 84 -10.22 4.48 -21.51
N GLU A 85 -10.37 3.59 -22.52
CA GLU A 85 -9.98 2.19 -22.38
C GLU A 85 -8.51 2.03 -22.04
N ASN A 86 -7.63 2.75 -22.76
CA ASN A 86 -6.19 2.59 -22.58
C ASN A 86 -5.77 2.99 -21.16
N HIS A 87 -6.41 4.00 -20.59
CA HIS A 87 -6.03 4.46 -19.26
C HIS A 87 -6.41 3.43 -18.19
N ILE A 88 -7.69 3.01 -18.15
CA ILE A 88 -8.10 2.03 -17.14
C ILE A 88 -7.31 0.74 -17.31
N ASP A 89 -7.06 0.31 -18.56
CA ASP A 89 -6.31 -0.93 -18.76
C ASP A 89 -4.84 -0.78 -18.35
N THR A 90 -4.25 0.41 -18.56
CA THR A 90 -2.88 0.63 -18.13
C THR A 90 -2.77 0.60 -16.61
N VAL A 91 -3.79 1.11 -15.90
CA VAL A 91 -3.76 1.00 -14.44
C VAL A 91 -3.96 -0.44 -14.00
N LEU A 92 -4.89 -1.17 -14.64
CA LEU A 92 -5.03 -2.59 -14.30
C LEU A 92 -3.72 -3.33 -14.57
N ASN A 93 -3.08 -3.03 -15.70
CA ASN A 93 -1.80 -3.66 -16.01
C ASN A 93 -0.76 -3.37 -14.93
N HIS A 94 -0.72 -2.12 -14.43
CA HIS A 94 0.17 -1.77 -13.32
C HIS A 94 -0.12 -2.63 -12.08
N LEU A 95 -1.38 -2.73 -11.68
CA LEU A 95 -1.72 -3.59 -10.55
C LEU A 95 -1.29 -5.03 -10.81
N TYR A 96 -1.40 -5.50 -12.05
CA TYR A 96 -1.05 -6.89 -12.34
C TYR A 96 0.45 -7.13 -12.26
N THR A 97 1.29 -6.10 -12.49
CA THR A 97 2.72 -6.29 -12.30
C THR A 97 3.06 -6.41 -10.83
N GLU A 98 2.26 -5.79 -9.97
CA GLU A 98 2.47 -5.88 -8.54
C GLU A 98 1.96 -7.20 -7.96
N TYR A 99 1.03 -7.86 -8.66
CA TYR A 99 0.36 -9.07 -8.17
C TYR A 99 0.47 -10.12 -9.26
N PRO A 100 1.62 -10.82 -9.33
CA PRO A 100 1.85 -11.74 -10.47
C PRO A 100 0.94 -12.98 -10.46
N ARG A 101 0.16 -13.21 -9.40
CA ARG A 101 -0.82 -14.29 -9.47
C ARG A 101 -2.12 -13.85 -10.14
N ALA A 102 -2.36 -12.56 -10.31
CA ALA A 102 -3.64 -12.12 -10.86
C ALA A 102 -3.70 -12.39 -12.37
N PRO A 103 -4.81 -12.93 -12.87
CA PRO A 103 -4.97 -13.13 -14.31
C PRO A 103 -5.02 -11.81 -15.06
N LEU A 104 -4.48 -11.82 -16.27
CA LEU A 104 -4.42 -10.60 -17.08
C LEU A 104 -5.78 -10.38 -17.74
N ARG A 105 -6.72 -9.82 -16.97
CA ARG A 105 -8.07 -9.50 -17.43
C ARG A 105 -8.23 -7.99 -17.46
N TYR A 106 -8.40 -7.43 -18.64
CA TYR A 106 -8.51 -5.99 -18.78
C TYR A 106 -9.97 -5.60 -18.79
N SER A 107 -10.24 -4.29 -18.92
CA SER A 107 -11.54 -3.77 -18.52
C SER A 107 -12.67 -4.30 -19.40
N ARG A 108 -12.42 -4.44 -20.71
CA ARG A 108 -13.47 -4.95 -21.60
C ARG A 108 -13.93 -6.33 -21.18
N GLU A 109 -12.98 -7.25 -20.98
CA GLU A 109 -13.27 -8.59 -20.52
C GLU A 109 -13.97 -8.58 -19.17
N LEU A 110 -13.52 -7.71 -18.25
CA LEU A 110 -14.09 -7.72 -16.91
C LEU A 110 -15.52 -7.19 -16.93
N ILE A 111 -15.76 -6.10 -17.66
CA ILE A 111 -17.12 -5.57 -17.79
C ILE A 111 -18.05 -6.63 -18.34
N ARG A 112 -17.62 -7.29 -19.42
CA ARG A 112 -18.48 -8.27 -20.05
C ARG A 112 -18.66 -9.50 -19.18
N GLN A 113 -17.62 -9.91 -18.45
CA GLN A 113 -17.75 -11.05 -17.57
C GLN A 113 -18.75 -10.76 -16.45
N ARG A 114 -18.71 -9.55 -15.89
CA ARG A 114 -19.59 -9.22 -14.78
C ARG A 114 -21.04 -9.15 -15.22
N LEU A 115 -21.28 -8.52 -16.37
CA LEU A 115 -22.65 -8.42 -16.86
C LEU A 115 -23.18 -9.79 -17.27
N LYS A 116 -22.33 -10.65 -17.85
CA LYS A 116 -22.77 -11.99 -18.23
C LYS A 116 -23.04 -12.86 -17.01
N GLU A 117 -22.05 -12.99 -16.11
CA GLU A 117 -22.23 -13.80 -14.92
C GLU A 117 -23.28 -13.18 -13.99
N GLY A 118 -23.27 -11.87 -13.82
CA GLY A 118 -24.15 -11.25 -12.84
C GLY A 118 -25.56 -11.00 -13.32
N LEU A 119 -25.76 -10.82 -14.64
CA LEU A 119 -27.09 -10.53 -15.16
C LEU A 119 -27.53 -11.43 -16.30
N GLY A 120 -26.67 -12.34 -16.76
CA GLY A 120 -27.00 -13.15 -17.92
C GLY A 120 -27.07 -12.32 -19.18
N TRP A 121 -26.21 -11.32 -19.30
CA TRP A 121 -26.26 -10.33 -20.38
C TRP A 121 -24.96 -10.41 -21.16
N ASP A 122 -25.08 -10.79 -22.43
CA ASP A 122 -23.93 -10.83 -23.34
C ASP A 122 -23.88 -9.47 -24.01
N LEU A 123 -22.98 -8.62 -23.52
CA LEU A 123 -22.86 -7.27 -24.09
C LEU A 123 -22.02 -7.34 -25.36
N PRO A 124 -22.56 -6.93 -26.50
CA PRO A 124 -21.72 -6.84 -27.72
C PRO A 124 -20.62 -5.79 -27.55
N ASP A 125 -19.43 -6.12 -28.05
CA ASP A 125 -18.32 -5.15 -28.02
C ASP A 125 -18.72 -3.81 -28.61
N GLU A 126 -19.52 -3.85 -29.68
CA GLU A 126 -19.88 -2.62 -30.39
C GLU A 126 -20.82 -1.73 -29.58
N LYS A 127 -21.40 -2.25 -28.51
CA LYS A 127 -22.25 -1.43 -27.64
C LYS A 127 -21.49 -0.82 -26.46
N LEU A 128 -20.24 -1.21 -26.22
CA LEU A 128 -19.43 -0.68 -25.12
C LEU A 128 -18.64 0.53 -25.61
N VAL A 129 -18.81 1.68 -24.95
CA VAL A 129 -18.14 2.92 -25.34
C VAL A 129 -17.39 3.47 -24.14
N TYR A 130 -16.09 3.69 -24.30
CA TYR A 130 -15.26 4.33 -23.30
C TYR A 130 -15.18 5.81 -23.60
N VAL A 131 -15.14 6.62 -22.55
CA VAL A 131 -15.40 8.04 -22.68
C VAL A 131 -14.33 8.83 -21.93
N PRO A 132 -13.83 9.95 -22.46
CA PRO A 132 -12.92 10.80 -21.66
C PRO A 132 -13.59 11.27 -20.38
N HIS A 133 -12.84 11.20 -19.27
CA HIS A 133 -13.43 11.34 -17.95
C HIS A 133 -14.07 12.71 -17.75
N HIS A 134 -13.36 13.78 -18.12
CA HIS A 134 -13.93 15.10 -17.88
C HIS A 134 -15.04 15.43 -18.87
N GLU A 135 -15.03 14.78 -20.03
CA GLU A 135 -16.17 14.90 -20.93
C GLU A 135 -17.43 14.30 -20.30
N ALA A 136 -17.31 13.16 -19.63
CA ALA A 136 -18.47 12.58 -18.95
C ALA A 136 -18.96 13.49 -17.82
N HIS A 137 -18.04 13.97 -16.98
CA HIS A 137 -18.41 14.96 -15.95
C HIS A 137 -19.17 16.13 -16.56
N ALA A 138 -18.64 16.70 -17.64
CA ALA A 138 -19.24 17.91 -18.20
C ALA A 138 -20.65 17.65 -18.74
N TYR A 139 -20.83 16.54 -19.47
CA TYR A 139 -22.16 16.22 -19.98
C TYR A 139 -23.17 16.14 -18.84
N SER A 140 -22.83 15.40 -17.79
CA SER A 140 -23.72 15.26 -16.65
C SER A 140 -24.08 16.63 -16.05
N SER A 141 -23.08 17.46 -15.80
CA SER A 141 -23.35 18.74 -15.15
C SER A 141 -24.15 19.67 -16.06
N TYR A 142 -23.82 19.71 -17.35
CA TYR A 142 -24.45 20.71 -18.21
C TYR A 142 -25.82 20.25 -18.69
N LEU A 143 -25.98 18.96 -19.03
CA LEU A 143 -27.25 18.56 -19.65
C LEU A 143 -28.40 18.60 -18.66
N HIS A 144 -28.13 18.54 -17.36
CA HIS A 144 -29.18 18.65 -16.36
C HIS A 144 -29.41 20.06 -15.87
N SER A 145 -28.68 21.04 -16.40
CA SER A 145 -28.75 22.43 -15.94
C SER A 145 -29.99 23.18 -16.44
N GLY A 146 -30.70 22.69 -17.44
CA GLY A 146 -31.73 23.51 -18.06
C GLY A 146 -31.21 24.66 -18.90
N MET A 147 -29.90 24.81 -19.06
CA MET A 147 -29.36 25.89 -19.87
C MET A 147 -29.01 25.37 -21.26
N ASP A 148 -29.21 26.24 -22.25
CA ASP A 148 -28.89 25.93 -23.65
C ASP A 148 -27.50 26.41 -24.05
N SER A 149 -26.78 27.11 -23.16
CA SER A 149 -25.39 27.47 -23.37
C SER A 149 -24.76 27.85 -22.03
N ALA A 150 -23.46 27.64 -21.89
CA ALA A 150 -22.79 27.84 -20.62
C ALA A 150 -21.29 27.64 -20.70
N LEU A 151 -20.61 28.23 -19.73
CA LEU A 151 -19.28 27.76 -19.35
C LEU A 151 -19.43 26.54 -18.44
N VAL A 152 -18.68 25.50 -18.72
CA VAL A 152 -18.69 24.30 -17.90
C VAL A 152 -17.28 24.08 -17.38
N LEU A 153 -17.12 24.08 -16.06
CA LEU A 153 -15.84 23.79 -15.42
C LEU A 153 -15.91 22.42 -14.75
N VAL A 154 -14.89 21.60 -14.98
CA VAL A 154 -14.71 20.32 -14.31
C VAL A 154 -13.41 20.38 -13.55
N LEU A 155 -13.46 20.18 -12.24
CA LEU A 155 -12.27 20.02 -11.39
C LEU A 155 -12.47 18.82 -10.49
N ASP A 156 -11.57 17.85 -10.55
CA ASP A 156 -11.71 16.66 -9.71
C ASP A 156 -10.31 16.24 -9.23
N GLY A 157 -10.20 15.02 -8.76
CA GLY A 157 -8.91 14.45 -8.46
C GLY A 157 -8.11 14.33 -9.74
N ARG A 158 -8.57 13.52 -10.71
CA ARG A 158 -7.95 13.47 -12.02
C ARG A 158 -8.84 12.73 -13.03
N GLY A 159 -8.73 13.12 -14.30
CA GLY A 159 -9.14 12.29 -15.41
C GLY A 159 -7.95 11.49 -15.93
N GLU A 160 -8.05 11.03 -17.18
CA GLU A 160 -6.93 10.29 -17.75
C GLU A 160 -5.70 11.17 -17.91
N LEU A 161 -5.88 12.43 -18.34
CA LEU A 161 -4.75 13.32 -18.61
C LEU A 161 -4.78 14.64 -17.86
N HIS A 162 -5.85 14.98 -17.17
CA HIS A 162 -6.00 16.32 -16.63
C HIS A 162 -6.68 16.26 -15.26
N SER A 163 -6.34 17.22 -14.40
CA SER A 163 -7.08 17.42 -13.16
C SER A 163 -8.19 18.45 -13.31
N GLY A 164 -8.20 19.22 -14.39
CA GLY A 164 -9.25 20.21 -14.60
C GLY A 164 -9.44 20.46 -16.08
N THR A 165 -10.69 20.74 -16.48
CA THR A 165 -11.03 21.04 -17.87
C THR A 165 -12.10 22.12 -17.93
N VAL A 166 -11.97 23.02 -18.90
CA VAL A 166 -12.92 24.11 -19.15
C VAL A 166 -13.55 23.88 -20.51
N TYR A 167 -14.89 23.90 -20.57
CA TYR A 167 -15.61 23.70 -21.82
C TYR A 167 -16.51 24.89 -22.11
N ARG A 168 -16.73 25.15 -23.39
CA ARG A 168 -17.92 25.87 -23.83
C ARG A 168 -19.01 24.85 -24.15
N ALA A 169 -20.23 25.12 -23.72
CA ALA A 169 -21.37 24.26 -24.01
C ALA A 169 -22.43 25.05 -24.79
N GLU A 170 -22.91 24.48 -25.89
CA GLU A 170 -23.95 25.13 -26.68
C GLU A 170 -24.83 24.05 -27.29
N GLY A 171 -26.14 24.20 -27.13
CA GLY A 171 -27.03 23.12 -27.56
C GLY A 171 -26.61 21.88 -26.82
N THR A 172 -26.28 20.82 -27.55
CA THR A 172 -25.72 19.61 -26.96
C THR A 172 -24.25 19.42 -27.30
N ARG A 173 -23.57 20.47 -27.76
CA ARG A 173 -22.17 20.31 -28.15
C ARG A 173 -21.29 20.87 -27.05
N LEU A 174 -20.24 20.12 -26.71
CA LEU A 174 -19.19 20.56 -25.82
C LEU A 174 -17.98 20.93 -26.65
N GLU A 175 -17.33 22.02 -26.30
CA GLU A 175 -16.14 22.48 -27.00
C GLU A 175 -15.11 22.85 -25.95
N LYS A 176 -13.98 22.14 -25.95
CA LYS A 176 -12.95 22.37 -24.93
C LYS A 176 -12.26 23.71 -25.14
N LEU A 177 -12.09 24.44 -24.04
CA LEU A 177 -11.40 25.72 -24.00
C LEU A 177 -10.01 25.64 -23.38
N ALA A 178 -9.83 24.81 -22.35
CA ALA A 178 -8.59 24.78 -21.59
C ALA A 178 -8.57 23.52 -20.74
N ASP A 179 -7.37 23.18 -20.25
CA ASP A 179 -7.26 22.13 -19.24
C ASP A 179 -6.06 22.40 -18.35
N TYR A 180 -5.96 21.60 -17.28
CA TYR A 180 -4.90 21.73 -16.28
C TYR A 180 -4.34 20.33 -16.01
N PRO A 181 -3.03 20.18 -15.98
CA PRO A 181 -2.44 18.84 -15.83
C PRO A 181 -2.77 18.20 -14.48
N VAL A 182 -2.57 16.87 -14.46
CA VAL A 182 -2.83 16.08 -13.26
C VAL A 182 -2.13 16.61 -12.02
N PRO A 183 -0.82 16.94 -12.05
CA PRO A 183 -0.16 17.36 -10.78
C PRO A 183 -0.67 18.67 -10.21
N LYS A 184 -1.45 19.45 -10.95
CA LYS A 184 -2.06 20.63 -10.37
C LYS A 184 -3.40 20.34 -9.68
N SER A 185 -3.70 19.07 -9.42
CA SER A 185 -5.02 18.68 -8.95
C SER A 185 -5.40 19.38 -7.65
N LEU A 186 -6.55 20.08 -7.66
CA LEU A 186 -7.07 20.61 -6.40
C LEU A 186 -7.74 19.52 -5.58
N GLY A 187 -8.29 18.49 -6.22
CA GLY A 187 -8.72 17.33 -5.46
C GLY A 187 -7.56 16.66 -4.73
N GLY A 188 -6.43 16.49 -5.43
CA GLY A 188 -5.25 15.94 -4.78
C GLY A 188 -4.73 16.83 -3.66
N LEU A 189 -4.68 18.14 -3.90
CA LEU A 189 -4.23 19.05 -2.86
C LEU A 189 -5.12 18.95 -1.61
N TYR A 190 -6.45 18.95 -1.79
CA TYR A 190 -7.34 18.93 -0.64
C TYR A 190 -7.23 17.62 0.14
N LEU A 191 -7.06 16.51 -0.58
CA LEU A 191 -6.87 15.21 0.04
C LEU A 191 -5.51 15.10 0.74
N ASN A 192 -4.45 15.59 0.09
CA ASN A 192 -3.14 15.65 0.75
C ASN A 192 -3.25 16.32 2.12
N ALA A 193 -3.92 17.49 2.17
CA ALA A 193 -3.98 18.24 3.41
C ALA A 193 -4.90 17.57 4.41
N THR A 194 -5.99 16.97 3.92
CA THR A 194 -6.91 16.23 4.77
C THR A 194 -6.21 15.19 5.62
N TYR A 195 -5.21 14.50 5.06
CA TYR A 195 -4.48 13.49 5.82
C TYR A 195 -3.74 14.09 7.02
N LEU A 196 -3.47 15.41 7.04
CA LEU A 196 -2.78 16.02 8.17
C LEU A 196 -3.68 16.16 9.39
N LEU A 197 -5.00 16.06 9.19
CA LEU A 197 -5.95 16.21 10.26
C LEU A 197 -6.45 14.87 10.79
N GLY A 198 -5.67 13.80 10.63
CA GLY A 198 -6.12 12.50 11.11
C GLY A 198 -7.24 11.89 10.30
N TYR A 199 -7.58 12.49 9.17
CA TYR A 199 -8.64 12.02 8.29
C TYR A 199 -8.05 11.31 7.08
N GLY A 200 -8.91 10.66 6.31
CA GLY A 200 -8.44 9.98 5.12
C GLY A 200 -9.29 10.20 3.89
N PHE A 201 -9.19 9.28 2.95
CA PHE A 201 -9.95 9.34 1.70
C PHE A 201 -11.44 9.45 2.00
N GLY A 202 -12.12 10.36 1.32
CA GLY A 202 -13.54 10.56 1.53
C GLY A 202 -13.91 11.54 2.62
N ASP A 203 -12.96 11.95 3.48
CA ASP A 203 -13.25 12.82 4.61
C ASP A 203 -13.12 14.31 4.30
N GLU A 204 -12.82 14.70 3.06
CA GLU A 204 -12.56 16.11 2.75
C GLU A 204 -13.71 17.01 3.18
N TYR A 205 -14.96 16.55 3.01
CA TYR A 205 -16.12 17.36 3.38
C TYR A 205 -16.17 17.62 4.88
N LYS A 206 -15.57 16.74 5.69
CA LYS A 206 -15.46 17.02 7.13
C LYS A 206 -14.47 18.16 7.37
N VAL A 207 -13.35 18.15 6.66
CA VAL A 207 -12.40 19.25 6.76
C VAL A 207 -13.06 20.56 6.35
N MET A 208 -13.88 20.51 5.31
CA MET A 208 -14.67 21.68 4.91
CA MET A 208 -14.65 21.69 4.92
C MET A 208 -15.56 22.17 6.05
N GLY A 209 -16.12 21.25 6.82
CA GLY A 209 -16.97 21.64 7.94
C GLY A 209 -16.19 22.22 9.09
N LEU A 210 -14.91 21.83 9.21
CA LEU A 210 -14.03 22.36 10.24
C LEU A 210 -13.53 23.77 9.92
N ALA A 211 -13.28 24.07 8.64
CA ALA A 211 -12.61 25.31 8.26
C ALA A 211 -13.21 26.58 8.85
N PRO A 212 -14.54 26.79 8.93
CA PRO A 212 -15.05 28.06 9.49
C PRO A 212 -14.73 28.25 10.97
N TRP A 213 -14.35 27.18 11.70
CA TRP A 213 -13.90 27.33 13.08
C TRP A 213 -12.49 27.91 13.19
N GLY A 214 -11.78 28.06 12.08
CA GLY A 214 -10.40 28.47 12.12
C GLY A 214 -10.21 29.84 11.51
N ASN A 215 -9.02 30.38 11.75
CA ASN A 215 -8.58 31.65 11.18
C ASN A 215 -7.59 31.35 10.08
N PRO A 216 -7.90 31.71 8.83
CA PRO A 216 -6.97 31.40 7.73
C PRO A 216 -5.67 32.21 7.76
N GLU A 217 -5.54 33.20 8.64
CA GLU A 217 -4.31 33.99 8.70
C GLU A 217 -3.12 33.16 9.18
N THR A 218 -3.34 32.24 10.13
CA THR A 218 -2.21 31.56 10.76
C THR A 218 -1.32 30.90 9.71
N TYR A 219 -1.91 30.11 8.80
CA TYR A 219 -1.13 29.32 7.86
C TYR A 219 -1.23 29.83 6.44
N ARG A 220 -1.77 31.04 6.22
CA ARG A 220 -1.89 31.58 4.87
C ARG A 220 -0.54 31.64 4.17
N ASP A 221 0.49 32.14 4.86
CA ASP A 221 1.77 32.33 4.18
C ASP A 221 2.52 31.01 3.99
N THR A 222 2.16 29.99 4.75
CA THR A 222 2.72 28.67 4.50
C THR A 222 2.11 28.05 3.25
N PHE A 223 0.77 28.03 3.17
CA PHE A 223 0.09 27.55 1.96
C PHE A 223 0.51 28.34 0.73
N ALA A 224 0.83 29.64 0.89
CA ALA A 224 1.25 30.44 -0.26
C ALA A 224 2.55 29.94 -0.87
N LYS A 225 3.39 29.22 -0.11
CA LYS A 225 4.55 28.57 -0.69
C LYS A 225 4.18 27.37 -1.53
N LEU A 226 2.95 26.86 -1.44
CA LEU A 226 2.57 25.65 -2.16
C LEU A 226 1.83 25.92 -3.47
N TYR A 227 1.51 27.17 -3.77
CA TYR A 227 0.93 27.47 -5.07
C TYR A 227 1.30 28.89 -5.49
N THR A 228 1.21 29.13 -6.79
CA THR A 228 1.34 30.47 -7.35
C THR A 228 0.22 30.72 -8.36
N LEU A 229 -0.52 31.81 -8.17
CA LEU A 229 -1.45 32.27 -9.19
C LEU A 229 -0.66 32.92 -10.32
N GLN A 230 -0.94 32.54 -11.56
CA GLN A 230 -0.24 33.09 -12.71
C GLN A 230 -1.20 33.81 -13.65
N ASP A 231 -0.62 34.51 -14.63
CA ASP A 231 -1.39 35.30 -15.59
C ASP A 231 -2.39 34.43 -16.34
N ASN A 232 -3.51 35.04 -16.71
CA ASN A 232 -4.46 34.46 -17.65
C ASN A 232 -5.00 33.12 -17.14
N GLY A 233 -5.44 33.14 -15.89
CA GLY A 233 -6.10 31.99 -15.29
C GLY A 233 -5.22 30.79 -15.08
N GLU A 234 -3.91 30.95 -15.12
CA GLU A 234 -3.02 29.84 -14.84
C GLU A 234 -2.67 29.81 -13.35
N TYR A 235 -2.14 28.67 -12.93
CA TYR A 235 -1.63 28.55 -11.57
C TYR A 235 -0.66 27.39 -11.54
N GLU A 236 0.08 27.30 -10.44
CA GLU A 236 1.05 26.25 -10.27
C GLU A 236 0.94 25.71 -8.84
N LEU A 237 1.09 24.41 -8.69
CA LEU A 237 1.32 23.78 -7.40
C LEU A 237 2.79 23.37 -7.33
N HIS A 238 3.43 23.62 -6.20
CA HIS A 238 4.86 23.35 -6.05
C HIS A 238 5.07 22.06 -5.28
N GLY A 239 5.46 21.01 -6.00
CA GLY A 239 5.64 19.69 -5.43
C GLY A 239 6.99 19.55 -4.75
N ASN A 240 7.30 18.30 -4.38
CA ASN A 240 8.52 17.98 -3.66
C ASN A 240 8.88 16.55 -4.03
N ILE A 241 10.15 16.20 -3.83
CA ILE A 241 10.61 14.83 -4.10
C ILE A 241 10.76 14.02 -2.82
N MET A 242 10.20 14.50 -1.70
CA MET A 242 10.35 13.78 -0.45
C MET A 242 9.32 12.66 -0.30
N VAL A 243 8.04 13.00 -0.36
CA VAL A 243 6.97 12.01 -0.19
C VAL A 243 5.84 12.34 -1.16
N PRO A 244 4.95 11.35 -1.48
CA PRO A 244 3.81 11.66 -2.35
C PRO A 244 2.69 12.42 -1.61
N ASN A 245 3.01 13.63 -1.16
CA ASN A 245 2.03 14.50 -0.53
C ASN A 245 2.56 15.92 -0.63
N LEU A 246 1.78 16.81 -1.23
CA LEU A 246 2.23 18.17 -1.51
C LEU A 246 2.39 19.00 -0.25
N VAL A 247 1.70 18.63 0.81
CA VAL A 247 1.46 19.50 1.95
C VAL A 247 2.29 19.11 3.16
N SER A 248 2.39 17.81 3.47
CA SER A 248 2.97 17.42 4.75
C SER A 248 4.44 17.83 4.93
N PRO A 249 5.33 17.76 3.92
CA PRO A 249 6.74 18.14 4.20
C PRO A 249 6.92 19.57 4.67
N LEU A 250 6.32 20.54 3.99
CA LEU A 250 6.49 21.92 4.42
C LEU A 250 5.90 22.14 5.80
N PHE A 251 4.71 21.60 6.06
CA PHE A 251 4.11 21.81 7.38
C PHE A 251 4.88 21.08 8.47
N TYR A 252 5.45 19.91 8.17
CA TYR A 252 6.35 19.30 9.14
C TYR A 252 7.54 20.21 9.44
N ALA A 253 8.13 20.82 8.41
CA ALA A 253 9.31 21.65 8.65
C ALA A 253 8.99 22.88 9.49
N GLU A 254 7.73 23.30 9.51
CA GLU A 254 7.34 24.45 10.31
C GLU A 254 6.77 24.04 11.67
N GLY A 255 6.87 22.76 12.02
CA GLY A 255 6.48 22.31 13.35
C GLY A 255 5.05 21.84 13.47
N PHE A 256 4.33 21.73 12.35
CA PHE A 256 2.96 21.23 12.38
C PHE A 256 2.95 19.71 12.42
N ARG A 257 2.27 19.15 13.38
CA ARG A 257 2.30 17.70 13.44
C ARG A 257 0.91 17.13 13.18
N PRO A 258 0.80 16.03 12.43
CA PRO A 258 -0.52 15.50 12.07
C PRO A 258 -1.33 15.05 13.27
N ARG A 259 -2.60 15.43 13.28
CA ARG A 259 -3.51 14.99 14.33
C ARG A 259 -3.62 13.47 14.35
N ARG A 260 -3.75 12.91 15.55
CA ARG A 260 -3.94 11.49 15.76
C ARG A 260 -5.41 11.19 16.02
N LYS A 261 -5.81 9.94 15.78
CA LYS A 261 -7.20 9.57 15.97
C LYS A 261 -7.56 9.65 17.45
N GLY A 262 -8.77 10.12 17.73
CA GLY A 262 -9.16 10.32 19.11
C GLY A 262 -8.60 11.55 19.78
N GLU A 263 -7.74 12.32 19.09
CA GLU A 263 -7.31 13.55 19.71
C GLU A 263 -8.26 14.68 19.33
N PRO A 264 -8.40 15.70 20.17
CA PRO A 264 -9.24 16.84 19.82
C PRO A 264 -8.68 17.59 18.61
N PHE A 265 -9.55 18.39 18.01
CA PHE A 265 -9.15 19.29 16.94
C PHE A 265 -8.77 20.62 17.58
N THR A 266 -7.46 20.87 17.68
CA THR A 266 -6.96 22.09 18.29
C THR A 266 -7.26 23.31 17.41
N GLN A 267 -6.92 24.49 17.95
CA GLN A 267 -7.08 25.70 17.15
C GLN A 267 -6.15 25.69 15.96
N ALA A 268 -4.97 25.07 16.10
CA ALA A 268 -4.06 24.97 14.97
C ALA A 268 -4.63 24.08 13.87
N HIS A 269 -5.28 22.96 14.26
CA HIS A 269 -5.96 22.12 13.29
C HIS A 269 -7.05 22.92 12.56
N ARG A 270 -7.82 23.70 13.33
CA ARG A 270 -8.90 24.49 12.75
C ARG A 270 -8.37 25.55 11.80
N ASP A 271 -7.25 26.19 12.18
CA ASP A 271 -6.66 27.21 11.33
C ASP A 271 -6.09 26.60 10.05
N PHE A 272 -5.41 25.46 10.18
CA PHE A 272 -4.96 24.72 9.01
C PHE A 272 -6.11 24.47 8.04
N ALA A 273 -7.23 23.92 8.53
CA ALA A 273 -8.38 23.69 7.67
C ALA A 273 -8.87 24.98 7.03
N ALA A 274 -8.86 26.08 7.78
CA ALA A 274 -9.30 27.35 7.24
C ALA A 274 -8.37 27.84 6.15
N ALA A 275 -7.06 27.70 6.36
CA ALA A 275 -6.13 28.20 5.35
C ALA A 275 -6.17 27.31 4.11
N LEU A 276 -6.38 26.00 4.29
CA LEU A 276 -6.54 25.11 3.14
C LEU A 276 -7.76 25.50 2.30
N GLN A 277 -8.92 25.67 2.95
CA GLN A 277 -10.15 26.00 2.23
C GLN A 277 -9.99 27.32 1.48
N GLU A 278 -9.37 28.33 2.11
CA GLU A 278 -9.14 29.60 1.45
C GLU A 278 -8.25 29.43 0.22
N THR A 279 -7.21 28.59 0.35
CA THR A 279 -6.31 28.32 -0.76
C THR A 279 -7.08 27.84 -2.00
N VAL A 280 -7.95 26.83 -1.82
CA VAL A 280 -8.67 26.28 -2.96
C VAL A 280 -9.67 27.30 -3.50
N GLU A 281 -10.32 28.05 -2.61
CA GLU A 281 -11.19 29.14 -3.07
C GLU A 281 -10.42 30.14 -3.91
N LYS A 282 -9.23 30.55 -3.45
CA LYS A 282 -8.44 31.51 -4.21
C LYS A 282 -8.09 30.97 -5.60
N ILE A 283 -7.74 29.70 -5.69
CA ILE A 283 -7.35 29.15 -6.98
C ILE A 283 -8.54 29.08 -7.93
N VAL A 284 -9.66 28.51 -7.45
CA VAL A 284 -10.78 28.28 -8.34
C VAL A 284 -11.36 29.60 -8.81
N LEU A 285 -11.47 30.58 -7.90
CA LEU A 285 -11.97 31.89 -8.27
C LEU A 285 -11.02 32.58 -9.26
N HIS A 286 -9.72 32.29 -9.16
CA HIS A 286 -8.74 32.76 -10.14
C HIS A 286 -9.00 32.13 -11.50
N ILE A 287 -9.24 30.82 -11.54
CA ILE A 287 -9.59 30.17 -12.80
C ILE A 287 -10.85 30.78 -13.39
N LEU A 288 -11.88 30.93 -12.57
CA LEU A 288 -13.18 31.35 -13.10
C LEU A 288 -13.19 32.84 -13.44
N GLU A 289 -12.52 33.68 -12.64
CA GLU A 289 -12.42 35.09 -13.00
C GLU A 289 -11.90 35.23 -14.41
N TYR A 290 -10.90 34.42 -14.77
CA TYR A 290 -10.32 34.52 -16.09
C TYR A 290 -11.26 33.98 -17.15
N TRP A 291 -11.83 32.78 -16.94
CA TRP A 291 -12.63 32.16 -17.99
C TRP A 291 -14.00 32.77 -18.14
N ALA A 292 -14.53 33.41 -17.09
CA ALA A 292 -15.76 34.21 -17.25
C ALA A 292 -15.56 35.30 -18.29
N LYS A 293 -14.52 36.13 -18.12
CA LYS A 293 -14.34 37.26 -19.03
C LYS A 293 -13.81 36.82 -20.38
N THR A 294 -13.07 35.73 -20.44
CA THR A 294 -12.49 35.28 -21.70
C THR A 294 -13.55 34.58 -22.56
N SER A 295 -14.26 33.62 -21.98
CA SER A 295 -15.26 32.88 -22.73
C SER A 295 -16.49 33.74 -23.00
N GLY A 296 -16.75 34.73 -22.16
CA GLY A 296 -17.94 35.56 -22.32
C GLY A 296 -19.24 34.97 -21.81
N HIS A 297 -19.23 33.79 -21.16
CA HIS A 297 -20.47 33.17 -20.68
C HIS A 297 -20.91 33.77 -19.36
N SER A 298 -22.19 34.12 -19.26
CA SER A 298 -22.80 34.57 -18.02
C SER A 298 -23.35 33.44 -17.14
N ARG A 299 -23.37 32.20 -17.63
CA ARG A 299 -23.89 31.06 -16.87
C ARG A 299 -22.80 30.02 -16.68
N LEU A 300 -22.76 29.39 -15.50
CA LEU A 300 -21.74 28.40 -15.19
C LEU A 300 -22.37 27.09 -14.73
N CYS A 301 -21.83 25.97 -15.23
CA CYS A 301 -22.05 24.64 -14.67
C CYS A 301 -20.73 24.16 -14.11
N PHE A 302 -20.74 23.72 -12.86
CA PHE A 302 -19.53 23.33 -12.15
C PHE A 302 -19.68 21.88 -11.72
N GLY A 303 -18.83 21.00 -12.24
CA GLY A 303 -18.84 19.59 -11.92
C GLY A 303 -17.47 19.04 -11.62
N GLY A 304 -17.37 17.72 -11.45
CA GLY A 304 -16.17 17.15 -10.88
C GLY A 304 -16.25 17.16 -9.36
N GLY A 305 -15.46 16.27 -8.73
CA GLY A 305 -15.54 16.10 -7.29
C GLY A 305 -15.37 17.39 -6.50
N VAL A 306 -14.55 18.31 -7.01
CA VAL A 306 -14.34 19.57 -6.29
C VAL A 306 -15.62 20.39 -6.18
N ALA A 307 -16.59 20.18 -7.10
CA ALA A 307 -17.86 20.91 -6.99
C ALA A 307 -18.73 20.43 -5.84
N HIS A 308 -18.31 19.43 -5.07
CA HIS A 308 -18.98 19.16 -3.82
C HIS A 308 -18.42 19.98 -2.66
N ASN A 309 -17.52 20.94 -2.94
CA ASN A 309 -17.09 21.88 -1.91
C ASN A 309 -18.12 23.00 -1.85
N SER A 310 -19.06 22.89 -0.90
CA SER A 310 -20.20 23.81 -0.91
C SER A 310 -19.82 25.22 -0.47
N SER A 311 -18.79 25.35 0.37
CA SER A 311 -18.29 26.68 0.72
C SER A 311 -17.73 27.36 -0.51
N LEU A 312 -16.90 26.64 -1.27
CA LEU A 312 -16.41 27.15 -2.53
C LEU A 312 -17.57 27.56 -3.45
N ASN A 313 -18.58 26.70 -3.56
CA ASN A 313 -19.71 27.02 -4.42
C ASN A 313 -20.40 28.29 -3.96
N GLY A 314 -20.60 28.44 -2.65
CA GLY A 314 -21.23 29.64 -2.14
C GLY A 314 -20.44 30.90 -2.43
N LEU A 315 -19.11 30.80 -2.38
CA LEU A 315 -18.27 31.94 -2.78
C LEU A 315 -18.42 32.24 -4.27
N ILE A 316 -18.45 31.21 -5.11
CA ILE A 316 -18.68 31.44 -6.55
C ILE A 316 -20.00 32.15 -6.76
N LEU A 317 -21.00 31.76 -5.99
CA LEU A 317 -22.31 32.38 -6.09
C LEU A 317 -22.26 33.87 -5.75
N LYS A 318 -21.50 34.22 -4.71
CA LYS A 318 -21.42 35.62 -4.28
C LYS A 318 -20.39 36.41 -5.07
N SER A 319 -19.63 35.76 -5.95
CA SER A 319 -18.56 36.47 -6.63
C SER A 319 -19.07 37.46 -7.67
N GLY A 320 -20.30 37.31 -8.15
CA GLY A 320 -20.77 38.15 -9.22
C GLY A 320 -20.14 37.88 -10.57
N LEU A 321 -19.28 36.87 -10.67
CA LEU A 321 -18.72 36.51 -11.96
C LEU A 321 -19.79 35.99 -12.92
N PHE A 322 -20.90 35.44 -12.41
CA PHE A 322 -21.92 34.80 -13.24
C PHE A 322 -23.32 35.18 -12.77
N ASP A 323 -24.27 35.16 -13.71
CA ASP A 323 -25.68 35.35 -13.38
C ASP A 323 -26.32 34.09 -12.83
N GLU A 324 -25.88 32.91 -13.30
CA GLU A 324 -26.48 31.64 -12.91
C GLU A 324 -25.38 30.61 -12.75
N VAL A 325 -25.49 29.80 -11.69
CA VAL A 325 -24.59 28.67 -11.51
C VAL A 325 -25.44 27.44 -11.26
N PHE A 326 -25.05 26.31 -11.86
CA PHE A 326 -25.72 25.03 -11.64
C PHE A 326 -24.71 23.97 -11.20
N VAL A 327 -25.06 23.21 -10.16
CA VAL A 327 -24.28 22.05 -9.72
C VAL A 327 -25.21 20.86 -9.61
N HIS A 328 -24.77 19.71 -10.11
CA HIS A 328 -25.46 18.43 -10.11
C HIS A 328 -25.35 17.80 -8.71
N PRO A 329 -26.39 17.09 -8.25
CA PRO A 329 -26.31 16.43 -6.92
C PRO A 329 -25.26 15.33 -6.85
N ALA A 330 -24.80 14.81 -7.99
CA ALA A 330 -23.73 13.81 -8.01
C ALA A 330 -22.65 14.34 -8.96
N SER A 331 -21.80 15.22 -8.43
CA SER A 331 -20.72 15.81 -9.23
C SER A 331 -19.44 15.00 -9.15
N HIS A 332 -19.37 14.01 -8.26
CA HIS A 332 -18.22 13.13 -8.18
C HIS A 332 -18.36 12.06 -9.26
N ASP A 333 -17.64 10.94 -9.12
CA ASP A 333 -17.53 10.02 -10.25
C ASP A 333 -18.81 9.27 -10.55
N ALA A 334 -19.76 9.23 -9.61
CA ALA A 334 -21.05 8.65 -9.98
C ALA A 334 -21.70 9.48 -11.08
N GLY A 335 -21.50 10.81 -11.05
CA GLY A 335 -22.04 11.67 -12.09
C GLY A 335 -21.29 11.53 -13.40
N ALA A 336 -19.98 11.30 -13.33
CA ALA A 336 -19.25 10.96 -14.55
C ALA A 336 -19.76 9.66 -15.15
N GLY A 337 -20.20 8.72 -14.31
CA GLY A 337 -20.82 7.51 -14.83
C GLY A 337 -22.07 7.83 -15.62
N GLU A 338 -22.93 8.70 -15.08
CA GLU A 338 -24.09 9.17 -15.83
C GLU A 338 -23.69 9.89 -17.11
N GLY A 339 -22.72 10.81 -17.01
CA GLY A 339 -22.25 11.51 -18.19
C GLY A 339 -21.68 10.59 -19.25
N ALA A 340 -21.13 9.44 -18.85
CA ALA A 340 -20.63 8.49 -19.84
C ALA A 340 -21.77 7.91 -20.68
N ALA A 341 -22.99 7.84 -20.14
CA ALA A 341 -24.12 7.37 -20.94
C ALA A 341 -24.48 8.36 -22.03
N TYR A 342 -24.55 9.65 -21.69
CA TYR A 342 -24.81 10.68 -22.69
C TYR A 342 -23.73 10.68 -23.76
N ALA A 343 -22.46 10.57 -23.36
CA ALA A 343 -21.38 10.49 -24.34
C ALA A 343 -21.52 9.26 -25.22
N ALA A 344 -21.92 8.12 -24.64
CA ALA A 344 -22.09 6.92 -25.44
C ALA A 344 -23.22 7.09 -26.45
N ALA A 345 -24.33 7.71 -26.01
CA ALA A 345 -25.41 8.02 -26.94
C ALA A 345 -24.94 8.96 -28.04
N ALA A 346 -24.15 9.98 -27.68
CA ALA A 346 -23.66 10.93 -28.68
C ALA A 346 -22.80 10.25 -29.73
N SER A 347 -22.02 9.23 -29.35
CA SER A 347 -21.08 8.60 -30.27
C SER A 347 -21.73 7.58 -31.19
N LEU A 348 -22.97 7.17 -30.89
CA LEU A 348 -23.65 6.16 -31.69
C LEU A 348 -24.80 6.73 -32.50
N GLY A 349 -25.22 7.96 -32.24
CA GLY A 349 -26.33 8.53 -32.95
C GLY A 349 -26.47 9.99 -32.57
N THR A 350 -27.68 10.48 -32.44
CA THR A 350 -27.89 11.83 -31.96
C THR A 350 -28.04 11.82 -30.44
N LEU A 351 -27.58 12.89 -29.81
CA LEU A 351 -27.68 13.04 -28.37
C LEU A 351 -29.03 13.61 -28.00
N GLU A 352 -29.82 12.85 -27.27
CA GLU A 352 -31.04 13.36 -26.68
C GLU A 352 -30.71 13.85 -25.28
N ARG A 353 -31.27 14.99 -24.91
CA ARG A 353 -30.95 15.64 -23.65
C ARG A 353 -32.22 15.81 -22.81
N PRO A 354 -32.07 16.01 -21.49
CA PRO A 354 -33.25 16.33 -20.66
C PRO A 354 -33.89 17.63 -21.12
N GLY A 355 -35.21 17.71 -20.97
CA GLY A 355 -35.92 18.92 -21.33
C GLY A 355 -36.10 19.93 -20.23
N LYS A 356 -35.58 19.68 -19.03
CA LYS A 356 -35.79 20.55 -17.87
C LYS A 356 -34.58 20.43 -16.95
N ARG A 357 -34.37 21.47 -16.13
CA ARG A 357 -33.37 21.37 -15.08
C ARG A 357 -33.74 20.24 -14.10
N LEU A 358 -32.75 19.48 -13.68
CA LEU A 358 -32.98 18.46 -12.65
C LEU A 358 -33.36 19.13 -11.33
N LEU A 359 -34.48 18.72 -10.74
CA LEU A 359 -34.85 19.25 -9.43
C LEU A 359 -34.86 18.21 -8.33
N SER A 360 -34.89 16.93 -8.67
CA SER A 360 -34.98 15.88 -7.68
C SER A 360 -33.88 14.86 -7.93
N ALA A 361 -33.25 14.43 -6.84
CA ALA A 361 -32.23 13.40 -6.86
C ALA A 361 -32.80 12.05 -6.47
N SER A 362 -34.12 11.96 -6.32
CA SER A 362 -34.83 10.78 -5.86
C SER A 362 -34.89 9.79 -7.01
N LEU A 363 -33.83 9.00 -7.14
CA LEU A 363 -33.57 8.26 -8.37
C LEU A 363 -33.20 6.81 -8.13
N GLY A 364 -32.90 6.40 -6.89
CA GLY A 364 -32.55 5.03 -6.61
C GLY A 364 -33.77 4.15 -6.48
N PRO A 365 -33.58 2.93 -5.99
CA PRO A 365 -34.72 2.06 -5.66
C PRO A 365 -35.58 2.68 -4.58
N ALA A 366 -36.87 2.33 -4.59
CA ALA A 366 -37.78 2.76 -3.53
C ALA A 366 -37.78 1.71 -2.43
N LEU A 367 -38.71 1.82 -1.47
CA LEU A 367 -38.73 0.93 -0.32
C LEU A 367 -39.69 -0.24 -0.48
N GLY A 368 -40.64 -0.14 -1.39
CA GLY A 368 -41.61 -1.19 -1.64
C GLY A 368 -43.03 -0.65 -1.71
N GLY A 369 -43.93 -1.51 -2.17
CA GLY A 369 -45.33 -1.18 -2.14
C GLY A 369 -45.89 -1.11 -0.72
N ARG A 370 -47.05 -0.48 -0.63
CA ARG A 370 -47.84 -0.39 0.60
C ARG A 370 -47.92 -1.71 1.35
N GLU A 371 -48.31 -2.78 0.65
CA GLU A 371 -48.58 -4.04 1.30
C GLU A 371 -47.31 -4.76 1.71
N GLN A 372 -46.28 -4.76 0.86
CA GLN A 372 -45.05 -5.48 1.22
C GLN A 372 -44.31 -4.76 2.34
N ILE A 373 -44.49 -3.45 2.46
CA ILE A 373 -43.86 -2.74 3.56
C ILE A 373 -44.54 -3.07 4.87
N ARG A 374 -45.88 -3.11 4.87
CA ARG A 374 -46.62 -3.49 6.07
C ARG A 374 -46.31 -4.93 6.47
N ALA A 375 -46.23 -5.84 5.52
CA ALA A 375 -45.88 -7.23 5.86
C ALA A 375 -44.46 -7.34 6.40
N ARG A 376 -43.50 -6.62 5.82
CA ARG A 376 -42.13 -6.68 6.32
C ARG A 376 -42.00 -6.07 7.71
N LEU A 377 -42.72 -4.97 7.98
CA LEU A 377 -42.67 -4.38 9.31
C LEU A 377 -43.22 -5.34 10.37
N ALA A 378 -44.23 -6.15 10.00
CA ALA A 378 -44.70 -7.19 10.89
C ALA A 378 -43.60 -8.20 11.20
N ASP A 379 -42.74 -8.55 10.22
CA ASP A 379 -41.61 -9.42 10.52
C ASP A 379 -40.72 -8.82 11.62
N TRP A 380 -40.67 -7.49 11.73
CA TRP A 380 -39.87 -6.85 12.77
C TRP A 380 -40.64 -6.64 14.07
N ALA A 381 -41.87 -7.14 14.18
CA ALA A 381 -42.69 -6.90 15.36
C ALA A 381 -42.00 -7.19 16.68
N PRO A 382 -41.20 -8.25 16.84
CA PRO A 382 -40.54 -8.46 18.14
C PRO A 382 -39.60 -7.35 18.53
N LEU A 383 -39.24 -6.43 17.61
CA LEU A 383 -38.36 -5.32 17.95
C LEU A 383 -39.03 -3.94 17.89
N ILE A 384 -40.14 -3.78 17.16
CA ILE A 384 -40.71 -2.45 16.96
C ILE A 384 -42.22 -2.44 17.25
N ASP A 385 -42.72 -1.26 17.60
CA ASP A 385 -44.15 -0.95 17.59
C ASP A 385 -44.47 -0.02 16.43
N VAL A 386 -45.59 -0.26 15.76
CA VAL A 386 -45.93 0.45 14.54
C VAL A 386 -47.33 1.01 14.68
N GLU A 387 -47.50 2.28 14.32
CA GLU A 387 -48.80 2.92 14.18
C GLU A 387 -49.00 3.36 12.73
N PHE A 388 -50.27 3.50 12.34
CA PHE A 388 -50.63 3.91 10.98
C PHE A 388 -51.53 5.15 11.07
N PRO A 389 -50.95 6.34 11.22
CA PRO A 389 -51.79 7.53 11.40
C PRO A 389 -52.52 7.90 10.11
N ASP A 390 -53.62 8.65 10.30
CA ASP A 390 -54.40 9.12 9.15
C ASP A 390 -53.58 10.00 8.23
N ASP A 391 -52.68 10.80 8.79
CA ASP A 391 -51.89 11.79 8.05
C ASP A 391 -50.50 11.79 8.69
N ALA A 392 -49.61 10.93 8.17
CA ALA A 392 -48.28 10.78 8.77
C ALA A 392 -47.50 12.08 8.72
N VAL A 393 -47.65 12.85 7.64
CA VAL A 393 -46.92 14.11 7.56
C VAL A 393 -47.37 15.07 8.65
N GLU A 394 -48.68 15.21 8.83
CA GLU A 394 -49.21 16.03 9.92
C GLU A 394 -48.68 15.56 11.26
N THR A 395 -48.73 14.26 11.51
CA THR A 395 -48.24 13.73 12.78
C THR A 395 -46.73 13.97 12.93
N ALA A 396 -45.96 13.76 11.86
CA ALA A 396 -44.52 13.97 11.92
C ALA A 396 -44.17 15.44 12.21
N ALA A 397 -44.89 16.38 11.59
CA ALA A 397 -44.65 17.78 11.92
C ALA A 397 -44.93 18.06 13.39
N GLY A 398 -45.98 17.44 13.94
CA GLY A 398 -46.27 17.66 15.35
C GLY A 398 -45.17 17.10 16.23
N LEU A 399 -44.72 15.88 15.93
CA LEU A 399 -43.62 15.27 16.68
C LEU A 399 -42.36 16.14 16.60
N LEU A 400 -42.05 16.68 15.42
CA LEU A 400 -40.89 17.55 15.32
C LEU A 400 -41.05 18.79 16.19
N ALA A 401 -42.24 19.41 16.15
CA ALA A 401 -42.47 20.57 16.99
C ALA A 401 -42.40 20.22 18.48
N GLU A 402 -42.65 18.96 18.85
CA GLU A 402 -42.49 18.51 20.23
C GLU A 402 -41.05 18.14 20.59
N GLY A 403 -40.10 18.34 19.68
CA GLY A 403 -38.72 18.05 20.01
C GLY A 403 -38.24 16.65 19.69
N GLN A 404 -39.01 15.84 18.99
CA GLN A 404 -38.56 14.51 18.59
C GLN A 404 -37.59 14.59 17.40
N VAL A 405 -36.62 13.69 17.38
CA VAL A 405 -35.69 13.54 16.25
C VAL A 405 -36.16 12.35 15.44
N LEU A 406 -36.40 12.55 14.14
CA LEU A 406 -37.11 11.58 13.33
C LEU A 406 -36.21 11.00 12.24
N GLY A 407 -36.33 9.69 12.03
CA GLY A 407 -35.95 9.12 10.74
C GLY A 407 -37.07 9.34 9.74
N TRP A 408 -36.69 9.64 8.50
CA TRP A 408 -37.65 10.01 7.47
C TRP A 408 -37.24 9.26 6.21
N ALA A 409 -38.01 8.22 5.85
CA ALA A 409 -37.69 7.37 4.70
C ALA A 409 -38.92 7.23 3.81
N TYR A 410 -38.80 7.68 2.57
CA TYR A 410 -39.90 7.69 1.62
C TYR A 410 -39.36 7.47 0.21
N GLY A 411 -40.03 6.60 -0.54
CA GLY A 411 -39.80 6.52 -1.98
C GLY A 411 -38.35 6.23 -2.35
N ARG A 412 -37.91 6.86 -3.44
CA ARG A 412 -36.67 6.53 -4.10
C ARG A 412 -35.48 7.27 -3.50
N SER A 413 -34.38 6.54 -3.28
CA SER A 413 -33.26 7.09 -2.52
C SER A 413 -32.48 8.13 -3.35
N GLU A 414 -31.76 9.01 -2.63
CA GLU A 414 -31.05 10.13 -3.24
C GLU A 414 -29.80 9.68 -3.99
N PHE A 415 -29.67 10.11 -5.25
CA PHE A 415 -28.42 9.98 -5.98
C PHE A 415 -27.46 11.07 -5.53
N GLY A 416 -26.25 10.68 -5.15
CA GLY A 416 -25.28 11.62 -4.63
C GLY A 416 -25.30 11.67 -3.13
N PRO A 417 -24.32 12.36 -2.50
CA PRO A 417 -24.11 12.22 -1.06
C PRO A 417 -25.13 12.91 -0.17
N ARG A 418 -25.91 13.87 -0.66
CA ARG A 418 -26.81 14.62 0.19
C ARG A 418 -28.15 13.91 0.36
N ALA A 419 -28.62 13.85 1.60
CA ALA A 419 -29.99 13.48 1.92
C ALA A 419 -30.89 14.68 1.74
N LEU A 420 -32.05 14.46 1.12
CA LEU A 420 -32.89 15.57 0.66
C LEU A 420 -34.38 15.31 0.89
N GLY A 421 -34.73 14.47 1.87
CA GLY A 421 -36.12 14.17 2.15
C GLY A 421 -36.58 12.80 1.73
N HIS A 422 -35.69 11.92 1.30
CA HIS A 422 -36.06 10.55 1.02
C HIS A 422 -35.38 9.55 1.91
N ARG A 423 -34.17 9.86 2.43
CA ARG A 423 -33.47 9.04 3.42
C ARG A 423 -32.80 10.02 4.38
N SER A 424 -33.62 10.70 5.17
CA SER A 424 -33.16 11.81 5.99
C SER A 424 -33.39 11.53 7.47
N ILE A 425 -32.65 12.26 8.29
CA ILE A 425 -32.95 12.43 9.71
C ILE A 425 -33.25 13.91 9.91
N VAL A 426 -34.39 14.21 10.53
CA VAL A 426 -34.85 15.59 10.63
C VAL A 426 -35.16 15.91 12.09
N ALA A 427 -35.01 17.19 12.42
CA ALA A 427 -35.26 17.67 13.76
C ALA A 427 -35.54 19.15 13.68
N ASP A 428 -36.09 19.67 14.77
CA ASP A 428 -36.28 21.12 14.93
C ASP A 428 -34.95 21.83 14.69
N ALA A 429 -34.97 22.83 13.81
CA ALA A 429 -33.73 23.56 13.51
C ALA A 429 -33.43 24.70 14.50
N ARG A 430 -34.36 25.02 15.41
CA ARG A 430 -34.20 26.19 16.26
C ARG A 430 -33.23 26.00 17.44
N PRO A 431 -33.33 24.93 18.25
CA PRO A 431 -32.46 24.87 19.43
C PRO A 431 -31.04 24.45 19.07
N GLU A 432 -30.08 25.29 19.48
CA GLU A 432 -28.67 24.99 19.32
C GLU A 432 -28.32 23.60 19.87
N GLU A 433 -29.01 23.19 20.94
CA GLU A 433 -28.74 21.91 21.60
C GLU A 433 -28.95 20.73 20.67
N ASN A 434 -29.84 20.87 19.67
CA ASN A 434 -30.07 19.78 18.74
C ASN A 434 -28.80 19.45 17.95
N ARG A 435 -28.01 20.47 17.60
CA ARG A 435 -26.72 20.23 16.96
CA ARG A 435 -26.72 20.23 16.96
C ARG A 435 -25.79 19.44 17.88
N THR A 436 -25.72 19.86 19.15
CA THR A 436 -24.84 19.19 20.11
C THR A 436 -25.20 17.72 20.24
N ARG A 437 -26.48 17.42 20.41
CA ARG A 437 -26.90 16.05 20.70
C ARG A 437 -26.94 15.17 19.44
N ILE A 438 -27.43 15.70 18.32
CA ILE A 438 -27.48 14.88 17.12
C ILE A 438 -26.08 14.52 16.64
N ASN A 439 -25.12 15.45 16.78
CA ASN A 439 -23.71 15.10 16.59
C ASN A 439 -23.27 14.02 17.58
N ALA A 440 -23.48 14.25 18.88
CA ALA A 440 -22.86 13.38 19.88
C ALA A 440 -23.58 12.06 20.05
N MET A 441 -24.91 12.05 20.03
CA MET A 441 -25.69 10.88 20.43
C MET A 441 -26.28 10.12 19.26
N VAL A 442 -26.69 10.84 18.21
CA VAL A 442 -27.39 10.23 17.08
C VAL A 442 -26.38 9.83 16.00
N LYS A 443 -25.71 10.81 15.39
CA LYS A 443 -24.75 10.47 14.32
C LYS A 443 -23.41 10.02 14.87
N LYS A 444 -23.12 10.30 16.14
CA LYS A 444 -21.85 9.92 16.76
C LYS A 444 -20.65 10.43 15.95
N ARG A 445 -20.55 11.75 15.87
CA ARG A 445 -19.49 12.37 15.08
C ARG A 445 -19.00 13.60 15.83
N GLU A 446 -18.05 14.29 15.23
CA GLU A 446 -17.34 15.34 15.94
C GLU A 446 -18.24 16.53 16.23
N GLY A 447 -18.03 17.16 17.39
CA GLY A 447 -18.88 18.27 17.78
C GLY A 447 -18.74 19.50 16.92
N PHE A 448 -17.64 19.62 16.17
CA PHE A 448 -17.51 20.78 15.31
C PHE A 448 -18.41 20.71 14.07
N ARG A 449 -18.96 19.54 13.75
CA ARG A 449 -19.60 19.35 12.46
C ARG A 449 -20.90 20.14 12.38
N PRO A 450 -21.14 20.87 11.29
CA PRO A 450 -22.37 21.66 11.17
C PRO A 450 -23.53 20.77 10.73
N PHE A 451 -24.75 21.33 10.83
CA PHE A 451 -25.96 20.70 10.30
C PHE A 451 -26.62 21.63 9.29
N ALA A 452 -27.11 21.03 8.23
CA ALA A 452 -27.68 21.71 7.07
C ALA A 452 -29.17 21.89 7.25
N PRO A 453 -29.73 23.06 6.96
CA PRO A 453 -31.18 23.23 7.01
C PRO A 453 -31.87 22.98 5.68
N VAL A 454 -33.15 22.62 5.78
CA VAL A 454 -34.05 22.64 4.64
C VAL A 454 -35.15 23.67 4.92
N VAL A 455 -35.50 24.45 3.89
CA VAL A 455 -36.48 25.53 4.01
C VAL A 455 -37.41 25.44 2.80
N THR A 456 -38.67 25.82 3.00
CA THR A 456 -39.60 25.92 1.87
C THR A 456 -39.14 27.01 0.89
N ALA A 457 -39.44 26.78 -0.39
CA ALA A 457 -39.11 27.77 -1.42
C ALA A 457 -39.73 29.13 -1.13
N GLU A 458 -40.94 29.14 -0.57
CA GLU A 458 -41.67 30.38 -0.33
C GLU A 458 -41.03 31.18 0.81
N ALA A 459 -40.40 30.52 1.77
CA ALA A 459 -39.79 31.19 2.90
C ALA A 459 -38.29 31.36 2.78
N ALA A 460 -37.66 30.80 1.75
CA ALA A 460 -36.19 30.78 1.70
C ALA A 460 -35.60 32.17 1.92
N ARG A 461 -36.08 33.18 1.17
CA ARG A 461 -35.42 34.48 1.29
C ARG A 461 -35.78 35.22 2.57
N ASP A 462 -36.68 34.69 3.42
CA ASP A 462 -36.87 35.24 4.75
C ASP A 462 -35.78 34.83 5.74
N TYR A 463 -34.99 33.79 5.41
CA TYR A 463 -34.01 33.22 6.32
C TYR A 463 -32.60 33.21 5.79
N PHE A 464 -32.41 33.16 4.47
CA PHE A 464 -31.09 33.02 3.88
C PHE A 464 -30.87 34.10 2.84
N ASP A 465 -29.60 34.45 2.66
CA ASP A 465 -29.21 35.49 1.72
C ASP A 465 -28.79 34.77 0.44
N LEU A 466 -29.70 34.73 -0.52
CA LEU A 466 -29.48 34.06 -1.79
C LEU A 466 -29.00 35.04 -2.88
N SER A 467 -28.66 36.28 -2.52
CA SER A 467 -28.30 37.29 -3.49
C SER A 467 -27.03 36.89 -4.26
N GLY A 468 -26.77 37.64 -5.33
CA GLY A 468 -25.73 37.28 -6.26
C GLY A 468 -26.35 36.50 -7.40
N ALA A 469 -25.63 35.52 -7.92
CA ALA A 469 -26.17 34.71 -8.99
C ALA A 469 -27.39 33.91 -8.52
N ASP A 470 -28.14 33.41 -9.48
CA ASP A 470 -29.16 32.40 -9.21
C ASP A 470 -28.48 31.03 -9.20
N GLY A 471 -28.31 30.46 -8.01
CA GLY A 471 -27.85 29.10 -7.89
C GLY A 471 -29.04 28.17 -7.73
N ASN A 472 -28.82 26.89 -8.00
CA ASN A 472 -29.83 25.86 -7.72
C ASN A 472 -29.59 25.31 -6.33
N HIS A 473 -30.61 25.39 -5.47
CA HIS A 473 -30.48 24.98 -4.07
C HIS A 473 -31.27 23.72 -3.75
N GLU A 474 -31.69 22.97 -4.77
CA GLU A 474 -32.44 21.74 -4.53
C GLU A 474 -31.59 20.63 -3.95
N PHE A 475 -30.26 20.74 -4.02
CA PHE A 475 -29.37 19.63 -3.71
C PHE A 475 -28.31 20.04 -2.69
N MET A 476 -28.52 21.14 -1.94
CA MET A 476 -27.55 21.64 -0.94
C MET A 476 -26.16 21.84 -1.55
N SER A 477 -26.14 22.34 -2.78
CA SER A 477 -24.87 22.59 -3.44
C SER A 477 -24.17 23.84 -2.94
N PHE A 478 -24.90 24.79 -2.36
CA PHE A 478 -24.35 26.11 -2.04
C PHE A 478 -24.44 26.40 -0.54
N VAL A 479 -23.33 26.85 0.04
CA VAL A 479 -23.37 27.50 1.35
C VAL A 479 -23.76 28.96 1.13
N VAL A 480 -24.70 29.45 1.93
CA VAL A 480 -25.21 30.82 1.84
C VAL A 480 -25.23 31.42 3.26
N PRO A 481 -25.16 32.74 3.40
CA PRO A 481 -25.32 33.33 4.74
C PRO A 481 -26.74 33.13 5.26
N VAL A 482 -26.84 32.80 6.54
CA VAL A 482 -28.10 32.96 7.24
C VAL A 482 -28.28 34.45 7.51
N LEU A 483 -29.47 34.96 7.29
CA LEU A 483 -29.68 36.39 7.54
C LEU A 483 -29.38 36.68 9.01
N PRO A 484 -28.66 37.77 9.30
CA PRO A 484 -28.23 38.02 10.69
C PRO A 484 -29.38 38.02 11.69
N GLU A 485 -30.52 38.58 11.34
CA GLU A 485 -31.60 38.66 12.29
C GLU A 485 -32.32 37.33 12.49
N ARG A 486 -31.89 36.27 11.80
CA ARG A 486 -32.44 34.94 11.97
C ARG A 486 -31.46 33.95 12.60
N ARG A 487 -30.22 34.36 12.86
CA ARG A 487 -29.19 33.42 13.28
C ARG A 487 -29.49 32.84 14.64
N THR A 488 -29.98 33.67 15.58
CA THR A 488 -30.38 33.18 16.89
C THR A 488 -31.59 32.26 16.79
N GLU A 489 -32.53 32.58 15.90
CA GLU A 489 -33.70 31.71 15.71
C GLU A 489 -33.27 30.31 15.23
N LEU A 490 -32.34 30.25 14.28
CA LEU A 490 -31.91 28.97 13.66
C LEU A 490 -30.65 28.42 14.35
N GLY A 491 -30.79 28.07 15.62
CA GLY A 491 -29.61 27.75 16.42
C GLY A 491 -28.90 26.48 15.97
N ALA A 492 -29.65 25.46 15.53
CA ALA A 492 -29.02 24.19 15.21
C ALA A 492 -28.35 24.16 13.84
N VAL A 493 -28.71 25.07 12.94
CA VAL A 493 -28.35 24.97 11.53
C VAL A 493 -27.57 26.18 11.05
N THR A 494 -27.20 27.10 11.95
CA THR A 494 -26.39 28.25 11.58
C THR A 494 -24.95 27.92 11.98
N HIS A 495 -24.05 27.87 11.01
CA HIS A 495 -22.69 27.50 11.31
C HIS A 495 -22.00 28.64 12.06
N VAL A 496 -20.83 28.34 12.63
CA VAL A 496 -20.05 29.28 13.44
C VAL A 496 -19.75 30.56 12.69
N ASP A 497 -19.73 30.54 11.36
CA ASP A 497 -19.50 31.75 10.59
C ASP A 497 -20.79 32.39 10.08
N GLY A 498 -21.94 31.90 10.53
CA GLY A 498 -23.21 32.49 10.12
C GLY A 498 -23.77 32.00 8.80
N THR A 499 -23.30 30.85 8.31
CA THR A 499 -23.70 30.32 7.01
C THR A 499 -24.41 28.97 7.17
N ALA A 500 -25.00 28.51 6.07
CA ALA A 500 -25.73 27.24 6.07
C ALA A 500 -25.75 26.65 4.67
N ARG A 501 -25.50 25.33 4.59
CA ARG A 501 -25.58 24.59 3.33
C ARG A 501 -27.04 24.23 3.06
N VAL A 502 -27.77 25.18 2.49
CA VAL A 502 -29.23 25.15 2.54
C VAL A 502 -29.79 24.21 1.48
N GLN A 503 -30.86 23.47 1.85
CA GLN A 503 -31.76 22.87 0.87
C GLN A 503 -33.03 23.71 0.77
N VAL A 504 -33.33 24.18 -0.42
CA VAL A 504 -34.59 24.86 -0.67
C VAL A 504 -35.51 23.85 -1.33
N VAL A 505 -36.52 23.39 -0.62
CA VAL A 505 -37.43 22.39 -1.14
C VAL A 505 -38.68 23.08 -1.66
N SER A 506 -39.20 22.59 -2.77
CA SER A 506 -40.40 23.14 -3.37
C SER A 506 -41.36 22.00 -3.60
N ALA A 507 -42.63 22.36 -3.85
CA ALA A 507 -43.61 21.35 -4.21
C ALA A 507 -43.16 20.56 -5.43
N GLU A 508 -42.40 21.19 -6.32
CA GLU A 508 -41.92 20.48 -7.51
C GLU A 508 -40.66 19.65 -7.24
N SER A 509 -39.75 20.13 -6.38
CA SER A 509 -38.56 19.30 -6.10
C SER A 509 -38.88 18.11 -5.20
N GLY A 510 -39.75 18.30 -4.20
CA GLY A 510 -40.02 17.25 -3.23
C GLY A 510 -41.31 17.56 -2.50
N GLU A 511 -42.42 17.16 -3.13
CA GLU A 511 -43.74 17.56 -2.67
C GLU A 511 -43.99 17.16 -1.23
N ARG A 512 -43.69 15.91 -0.87
CA ARG A 512 -44.02 15.47 0.48
C ARG A 512 -43.15 16.16 1.51
N PHE A 513 -41.86 16.33 1.21
CA PHE A 513 -40.93 16.96 2.15
C PHE A 513 -41.27 18.44 2.31
N HIS A 514 -41.65 19.10 1.22
CA HIS A 514 -42.13 20.48 1.26
C HIS A 514 -43.34 20.62 2.19
N ARG A 515 -44.32 19.71 2.02
CA ARG A 515 -45.47 19.72 2.92
C ARG A 515 -45.05 19.54 4.37
N LEU A 516 -44.14 18.60 4.65
CA LEU A 516 -43.62 18.47 6.01
C LEU A 516 -43.07 19.78 6.53
N VAL A 517 -42.15 20.40 5.78
CA VAL A 517 -41.51 21.62 6.26
C VAL A 517 -42.52 22.75 6.37
N ARG A 518 -43.45 22.83 5.41
CA ARG A 518 -44.46 23.89 5.46
C ARG A 518 -45.36 23.71 6.69
N ARG A 519 -45.84 22.49 6.93
CA ARG A 519 -46.72 22.27 8.09
C ARG A 519 -45.99 22.58 9.38
N PHE A 520 -44.73 22.13 9.50
CA PHE A 520 -43.94 22.44 10.69
C PHE A 520 -43.87 23.95 10.93
N GLY A 521 -43.63 24.72 9.85
CA GLY A 521 -43.57 26.18 9.98
C GLY A 521 -44.91 26.78 10.39
N GLU A 522 -46.02 26.21 9.91
CA GLU A 522 -47.33 26.66 10.35
C GLU A 522 -47.57 26.36 11.83
N LEU A 523 -47.01 25.26 12.34
CA LEU A 523 -47.17 24.91 13.75
C LEU A 523 -46.29 25.77 14.65
N THR A 524 -45.09 26.13 14.19
CA THR A 524 -44.10 26.75 15.06
C THR A 524 -43.77 28.19 14.70
N GLY A 525 -44.12 28.64 13.50
CA GLY A 525 -43.64 29.92 13.01
C GLY A 525 -42.29 29.87 12.29
N THR A 526 -41.66 28.70 12.19
CA THR A 526 -40.33 28.58 11.56
C THR A 526 -40.34 27.47 10.51
N PRO A 527 -40.47 27.80 9.22
CA PRO A 527 -40.52 26.77 8.18
C PRO A 527 -39.13 26.29 7.77
N VAL A 528 -38.40 25.76 8.75
CA VAL A 528 -37.02 25.31 8.57
C VAL A 528 -36.84 24.07 9.43
N LEU A 529 -36.23 23.02 8.86
CA LEU A 529 -35.86 21.84 9.60
C LEU A 529 -34.37 21.54 9.42
N LEU A 530 -33.77 20.96 10.46
CA LEU A 530 -32.48 20.33 10.31
C LEU A 530 -32.64 19.04 9.52
N ASN A 531 -31.72 18.80 8.58
CA ASN A 531 -31.81 17.66 7.66
C ASN A 531 -30.42 17.07 7.47
N THR A 532 -30.16 15.95 8.12
CA THR A 532 -28.90 15.24 7.99
C THR A 532 -29.16 13.87 7.39
N SER A 533 -28.10 13.25 6.87
CA SER A 533 -28.31 12.02 6.11
C SER A 533 -28.64 10.87 7.05
N PHE A 534 -29.51 9.97 6.58
CA PHE A 534 -29.99 8.84 7.38
C PHE A 534 -28.98 7.70 7.27
N ASN A 535 -28.02 7.71 8.19
CA ASN A 535 -26.99 6.68 8.30
C ASN A 535 -26.24 6.91 9.60
N ASN A 536 -25.79 5.82 10.24
CA ASN A 536 -24.86 6.02 11.35
C ASN A 536 -23.43 6.15 10.82
N ASN A 537 -22.48 6.21 11.75
CA ASN A 537 -21.08 6.43 11.39
C ASN A 537 -20.45 5.27 10.62
N ALA A 538 -21.12 4.11 10.53
CA ALA A 538 -20.53 2.92 9.94
C ALA A 538 -21.17 2.51 8.62
N GLU A 539 -21.90 3.42 7.96
CA GLU A 539 -22.65 2.98 6.78
C GLU A 539 -22.89 4.16 5.85
N PRO A 540 -23.11 3.90 4.55
CA PRO A 540 -23.65 4.94 3.68
C PRO A 540 -25.13 5.15 3.96
N ILE A 541 -25.71 6.11 3.26
CA ILE A 541 -27.14 6.38 3.38
C ILE A 541 -27.90 5.08 3.25
N VAL A 542 -28.87 4.87 4.15
CA VAL A 542 -29.65 3.64 4.14
C VAL A 542 -30.47 3.55 2.84
N GLN A 543 -30.65 2.33 2.35
CA GLN A 543 -31.33 2.10 1.08
C GLN A 543 -32.68 1.44 1.29
N SER A 544 -32.70 0.17 1.71
CA SER A 544 -33.89 -0.65 1.80
C SER A 544 -34.61 -0.46 3.12
N LEU A 545 -35.83 -1.03 3.19
CA LEU A 545 -36.62 -0.93 4.41
C LEU A 545 -35.86 -1.56 5.58
N ASP A 546 -35.23 -2.72 5.36
CA ASP A 546 -34.44 -3.36 6.41
C ASP A 546 -33.26 -2.48 6.79
N ASP A 547 -32.62 -1.84 5.80
CA ASP A 547 -31.58 -0.86 6.11
C ASP A 547 -32.13 0.22 7.04
N VAL A 548 -33.29 0.74 6.70
CA VAL A 548 -33.87 1.86 7.44
C VAL A 548 -34.19 1.44 8.89
N VAL A 549 -34.87 0.30 9.04
CA VAL A 549 -35.23 -0.15 10.38
C VAL A 549 -33.98 -0.49 11.18
N THR A 550 -33.01 -1.17 10.54
CA THR A 550 -31.77 -1.50 11.22
C THR A 550 -31.09 -0.25 11.72
N SER A 551 -31.06 0.78 10.89
CA SER A 551 -30.40 2.01 11.29
C SER A 551 -31.18 2.72 12.38
N PHE A 552 -32.51 2.75 12.27
CA PHE A 552 -33.32 3.30 13.34
C PHE A 552 -33.03 2.61 14.67
N LEU A 553 -33.00 1.28 14.65
CA LEU A 553 -32.81 0.52 15.89
C LEU A 553 -31.39 0.64 16.46
N THR A 554 -30.39 1.06 15.68
CA THR A 554 -29.02 1.11 16.17
C THR A 554 -28.48 2.53 16.26
N THR A 555 -29.31 3.52 16.02
CA THR A 555 -29.03 4.89 16.37
C THR A 555 -30.06 5.35 17.39
N ASP A 556 -29.82 6.49 18.00
CA ASP A 556 -30.70 6.92 19.09
C ASP A 556 -31.75 7.91 18.58
N LEU A 557 -32.52 7.44 17.60
CA LEU A 557 -33.63 8.18 17.02
C LEU A 557 -34.90 7.96 17.85
N ASP A 558 -35.76 8.97 17.86
CA ASP A 558 -36.99 8.88 18.65
C ASP A 558 -38.07 8.10 17.91
N VAL A 559 -38.35 8.48 16.66
CA VAL A 559 -39.39 7.85 15.87
C VAL A 559 -38.88 7.70 14.45
N LEU A 560 -39.39 6.70 13.76
CA LEU A 560 -39.12 6.50 12.35
C LEU A 560 -40.43 6.68 11.59
N VAL A 561 -40.44 7.57 10.61
CA VAL A 561 -41.56 7.71 9.70
C VAL A 561 -41.11 7.12 8.36
N VAL A 562 -41.67 5.97 8.01
CA VAL A 562 -41.31 5.30 6.77
C VAL A 562 -42.60 4.96 6.03
N GLU A 563 -42.76 5.55 4.83
CA GLU A 563 -43.91 5.34 3.96
C GLU A 563 -45.22 5.37 4.74
N ASP A 564 -45.38 6.41 5.55
CA ASP A 564 -46.59 6.70 6.32
C ASP A 564 -46.78 5.76 7.50
N CYS A 565 -45.83 4.87 7.80
CA CYS A 565 -45.87 4.09 9.03
C CYS A 565 -45.03 4.77 10.11
N LEU A 566 -45.56 4.83 11.33
CA LEU A 566 -44.86 5.38 12.48
C LEU A 566 -44.26 4.25 13.29
N VAL A 567 -42.93 4.22 13.40
CA VAL A 567 -42.22 3.10 13.99
C VAL A 567 -41.49 3.59 15.23
N ARG A 568 -41.61 2.84 16.32
CA ARG A 568 -40.84 3.06 17.54
C ARG A 568 -40.22 1.76 18.01
N GLY A 569 -39.06 1.86 18.66
CA GLY A 569 -38.44 0.68 19.24
C GLY A 569 -39.21 0.18 20.44
N LYS A 570 -39.32 -1.14 20.55
CA LYS A 570 -40.01 -1.76 21.68
C LYS A 570 -39.22 -1.53 22.96
N ALA A 571 -39.94 -1.59 24.09
CA ALA A 571 -39.34 -1.43 25.40
C ALA A 571 -38.17 -2.40 25.60
N SER A 572 -38.45 -3.70 25.42
CA SER A 572 -37.41 -4.73 25.42
C SER A 572 -37.46 -5.46 24.08
N PRO A 573 -36.55 -5.16 23.16
CA PRO A 573 -36.60 -5.78 21.83
C PRO A 573 -35.93 -7.14 21.82
N ASP A 574 -36.61 -8.12 21.22
CA ASP A 574 -36.11 -9.50 21.18
C ASP A 574 -35.12 -9.66 20.03
N LEU A 575 -33.83 -9.45 20.33
CA LEU A 575 -32.78 -9.68 19.32
C LEU A 575 -32.76 -11.12 18.83
N GLY A 576 -33.19 -12.08 19.66
CA GLY A 576 -33.04 -13.49 19.33
C GLY A 576 -33.80 -13.95 18.11
N VAL A 577 -34.82 -13.19 17.67
CA VAL A 577 -35.57 -13.59 16.48
C VAL A 577 -34.88 -13.17 15.17
N LEU A 578 -33.83 -12.39 15.25
CA LEU A 578 -33.13 -11.93 14.06
C LEU A 578 -32.19 -13.01 13.55
N VAL A 579 -32.08 -13.11 12.23
CA VAL A 579 -31.26 -14.12 11.57
C VAL A 579 -29.92 -13.49 11.18
N PRO A 580 -28.80 -13.92 11.77
CA PRO A 580 -27.50 -13.35 11.37
C PRO A 580 -27.11 -13.81 9.97
N ARG A 581 -26.55 -12.89 9.19
CA ARG A 581 -26.02 -13.23 7.87
C ARG A 581 -24.66 -12.58 7.71
N PHE A 582 -23.70 -13.34 7.21
CA PHE A 582 -22.44 -12.74 6.80
C PHE A 582 -22.68 -11.76 5.64
N ARG A 583 -21.95 -10.66 5.63
CA ARG A 583 -21.79 -9.90 4.41
C ARG A 583 -20.73 -10.58 3.55
N PRO A 584 -20.74 -10.34 2.23
CA PRO A 584 -19.72 -10.98 1.38
C PRO A 584 -18.30 -10.67 1.80
N VAL A 585 -18.07 -9.58 2.55
CA VAL A 585 -16.74 -9.23 3.05
C VAL A 585 -16.55 -9.57 4.53
N THR A 586 -17.53 -10.16 5.20
CA THR A 586 -17.34 -10.55 6.60
C THR A 586 -16.32 -11.67 6.72
N ARG A 587 -15.40 -11.55 7.70
CA ARG A 587 -14.41 -12.58 8.01
C ARG A 587 -14.30 -12.75 9.54
N LEU A 588 -14.07 -13.99 9.96
CA LEU A 588 -13.82 -14.33 11.36
C LEU A 588 -12.43 -14.90 11.48
N VAL A 589 -11.71 -14.54 12.54
CA VAL A 589 -10.35 -15.05 12.72
C VAL A 589 -10.10 -15.36 14.19
N GLU A 590 -9.44 -16.49 14.42
CA GLU A 590 -8.78 -16.80 15.67
C GLU A 590 -7.28 -16.71 15.41
N ARG A 591 -6.58 -15.89 16.17
CA ARG A 591 -5.19 -15.55 15.87
C ARG A 591 -4.32 -15.75 17.10
N ARG A 592 -3.11 -16.29 16.87
CA ARG A 592 -2.03 -16.27 17.85
C ARG A 592 -0.80 -15.63 17.22
N THR A 593 -0.19 -14.67 17.92
CA THR A 593 1.11 -14.11 17.57
C THR A 593 2.17 -14.79 18.43
N ALA A 594 3.41 -14.31 18.34
CA ALA A 594 4.45 -14.86 19.21
C ALA A 594 4.23 -14.37 20.63
N GLY A 595 4.50 -15.24 21.59
CA GLY A 595 4.35 -14.88 22.97
C GLY A 595 5.68 -14.87 23.68
N PRO A 596 5.64 -14.78 25.01
CA PRO A 596 6.90 -14.75 25.78
C PRO A 596 7.70 -16.03 25.57
N ASP A 597 9.01 -15.85 25.39
CA ASP A 597 9.96 -16.95 25.20
C ASP A 597 9.67 -17.74 23.93
N ALA A 598 9.26 -17.04 22.86
CA ALA A 598 9.00 -17.63 21.56
C ALA A 598 7.90 -18.70 21.62
N SER A 599 7.08 -18.66 22.66
CA SER A 599 5.86 -19.46 22.72
C SER A 599 4.85 -18.96 21.69
N ALA A 600 3.81 -19.76 21.47
CA ALA A 600 2.61 -19.26 20.84
C ALA A 600 1.86 -18.37 21.82
N GLY A 601 1.47 -17.19 21.38
CA GLY A 601 0.73 -16.30 22.25
C GLY A 601 -0.70 -16.77 22.50
N ALA A 602 -1.36 -16.05 23.41
CA ALA A 602 -2.76 -16.32 23.72
C ALA A 602 -3.65 -16.05 22.51
N LYS A 603 -4.63 -16.93 22.31
CA LYS A 603 -5.65 -16.74 21.28
C LYS A 603 -6.40 -15.43 21.47
N THR A 604 -6.63 -14.74 20.36
CA THR A 604 -7.65 -13.69 20.30
C THR A 604 -8.55 -13.97 19.13
N HIS A 605 -9.73 -13.36 19.16
CA HIS A 605 -10.77 -13.60 18.17
C HIS A 605 -11.25 -12.28 17.63
N GLU A 606 -11.41 -12.21 16.31
CA GLU A 606 -11.79 -10.96 15.65
C GLU A 606 -12.78 -11.21 14.54
N ILE A 607 -13.60 -10.19 14.30
CA ILE A 607 -14.41 -10.10 13.09
C ILE A 607 -13.91 -8.90 12.31
N HIS A 608 -13.84 -9.03 10.99
CA HIS A 608 -13.42 -7.86 10.22
C HIS A 608 -14.10 -7.89 8.86
N LEU A 609 -14.06 -6.74 8.19
CA LEU A 609 -14.56 -6.63 6.82
C LEU A 609 -13.36 -6.56 5.88
N ASP A 610 -13.32 -7.50 4.94
CA ASP A 610 -12.18 -7.73 4.05
C ASP A 610 -12.26 -6.80 2.84
N TYR A 611 -11.87 -5.54 3.06
CA TYR A 611 -11.61 -4.60 1.98
C TYR A 611 -10.67 -3.55 2.54
N ASP A 612 -9.95 -2.89 1.63
CA ASP A 612 -8.97 -1.91 2.06
C ASP A 612 -9.63 -0.81 2.87
N GLY A 613 -9.16 -0.62 4.10
CA GLY A 613 -9.77 0.31 5.04
C GLY A 613 -10.88 -0.28 5.90
N GLY A 614 -11.23 -1.55 5.71
CA GLY A 614 -12.30 -2.14 6.47
C GLY A 614 -12.00 -2.22 7.97
N PRO A 615 -13.04 -2.06 8.77
CA PRO A 615 -12.87 -2.13 10.22
C PRO A 615 -12.70 -3.56 10.71
N SER A 616 -12.34 -3.68 11.98
CA SER A 616 -12.23 -4.96 12.67
C SER A 616 -12.60 -4.74 14.13
N ALA A 617 -12.98 -5.82 14.80
CA ALA A 617 -13.40 -5.73 16.18
C ALA A 617 -13.12 -7.05 16.89
N LYS A 618 -12.64 -6.94 18.13
CA LYS A 618 -12.44 -8.12 18.96
C LYS A 618 -13.78 -8.72 19.34
N VAL A 619 -13.84 -10.03 19.40
CA VAL A 619 -15.03 -10.72 19.86
C VAL A 619 -14.63 -11.73 20.94
N SER A 620 -15.58 -12.03 21.82
CA SER A 620 -15.37 -13.02 22.86
C SER A 620 -15.24 -14.42 22.22
N PRO A 621 -14.60 -15.37 22.93
CA PRO A 621 -14.61 -16.75 22.42
C PRO A 621 -16.00 -17.32 22.19
N GLU A 622 -16.99 -16.90 22.97
CA GLU A 622 -18.35 -17.43 22.79
C GLU A 622 -19.01 -16.88 21.53
N LEU A 623 -18.89 -15.57 21.31
CA LEU A 623 -19.42 -15.01 20.07
C LEU A 623 -18.70 -15.59 18.86
N TYR A 624 -17.38 -15.81 18.96
CA TYR A 624 -16.66 -16.42 17.84
C TYR A 624 -17.26 -17.78 17.51
N GLU A 625 -17.55 -18.58 18.53
CA GLU A 625 -18.14 -19.89 18.27
C GLU A 625 -19.55 -19.75 17.71
N LEU A 626 -20.37 -18.88 18.31
CA LEU A 626 -21.71 -18.65 17.80
C LEU A 626 -21.67 -18.25 16.32
N LEU A 627 -20.83 -17.28 15.97
CA LEU A 627 -20.83 -16.76 14.60
C LEU A 627 -20.33 -17.78 13.60
N GLY A 628 -19.43 -18.68 14.03
CA GLY A 628 -18.95 -19.71 13.13
C GLY A 628 -20.03 -20.66 12.69
N ALA A 629 -21.14 -20.71 13.42
CA ALA A 629 -22.27 -21.55 13.08
C ALA A 629 -23.32 -20.85 12.24
N VAL A 630 -23.10 -19.59 11.85
CA VAL A 630 -24.10 -18.86 11.08
C VAL A 630 -24.36 -19.58 9.76
N ASP A 631 -25.63 -19.77 9.43
CA ASP A 631 -26.00 -20.47 8.20
C ASP A 631 -26.84 -19.65 7.25
N GLY A 632 -27.30 -18.47 7.67
CA GLY A 632 -28.17 -17.65 6.85
C GLY A 632 -29.65 -17.85 7.11
N THR A 633 -30.04 -18.88 7.85
CA THR A 633 -31.46 -19.19 8.00
C THR A 633 -31.83 -19.28 9.47
N THR A 634 -30.91 -19.78 10.30
CA THR A 634 -31.18 -19.96 11.71
C THR A 634 -31.14 -18.64 12.45
N THR A 635 -32.05 -18.46 13.41
CA THR A 635 -32.12 -17.23 14.18
C THR A 635 -30.99 -17.17 15.21
N LEU A 636 -30.74 -15.94 15.66
CA LEU A 636 -29.68 -15.69 16.64
C LEU A 636 -29.93 -16.46 17.94
N GLY A 637 -31.18 -16.54 18.38
CA GLY A 637 -31.50 -17.26 19.60
C GLY A 637 -31.24 -18.76 19.48
N ASP A 638 -31.66 -19.36 18.38
CA ASP A 638 -31.36 -20.77 18.17
C ASP A 638 -29.86 -21.01 18.07
N LEU A 639 -29.14 -20.14 17.33
CA LEU A 639 -27.69 -20.27 17.24
C LEU A 639 -27.04 -20.22 18.61
N ALA A 640 -27.49 -19.31 19.47
CA ALA A 640 -26.87 -19.12 20.77
C ALA A 640 -27.06 -20.32 21.69
N LYS A 641 -27.95 -21.26 21.37
CA LYS A 641 -28.07 -22.48 22.15
C LYS A 641 -26.70 -23.15 22.31
N THR A 642 -25.99 -23.34 21.20
CA THR A 642 -24.75 -24.10 21.18
C THR A 642 -23.67 -23.50 22.08
N VAL A 643 -23.83 -22.27 22.53
CA VAL A 643 -22.92 -21.69 23.52
C VAL A 643 -23.72 -21.44 24.79
N GLY A 644 -24.79 -22.21 24.98
CA GLY A 644 -25.56 -22.10 26.21
C GLY A 644 -26.47 -20.90 26.30
N GLY A 645 -27.10 -20.50 25.19
CA GLY A 645 -28.16 -19.53 25.26
C GLY A 645 -27.76 -18.08 25.15
N LEU A 646 -28.64 -17.29 24.53
CA LEU A 646 -28.39 -15.87 24.29
C LEU A 646 -28.46 -15.16 25.63
N SER A 647 -27.34 -15.16 26.35
CA SER A 647 -27.28 -14.35 27.55
C SER A 647 -27.47 -12.89 27.18
N ASP A 648 -27.71 -12.05 28.19
CA ASP A 648 -27.74 -10.61 27.96
C ASP A 648 -26.38 -10.09 27.51
N ALA A 649 -25.30 -10.75 27.95
CA ALA A 649 -23.97 -10.31 27.54
C ALA A 649 -23.73 -10.61 26.07
N LEU A 650 -24.16 -11.78 25.60
CA LEU A 650 -24.04 -12.13 24.19
C LEU A 650 -24.91 -11.23 23.32
N ALA A 651 -26.14 -10.97 23.77
CA ALA A 651 -27.02 -10.06 23.04
C ALA A 651 -26.41 -8.67 22.94
N THR A 652 -25.75 -8.22 24.01
CA THR A 652 -25.13 -6.90 24.01
C THR A 652 -23.93 -6.85 23.08
N GLU A 653 -23.08 -7.88 23.13
CA GLU A 653 -21.96 -7.99 22.20
C GLU A 653 -22.44 -8.03 20.77
N VAL A 654 -23.46 -8.83 20.48
CA VAL A 654 -23.98 -8.92 19.12
C VAL A 654 -24.49 -7.55 18.67
N PHE A 655 -25.16 -6.83 19.58
CA PHE A 655 -25.74 -5.54 19.21
C PHE A 655 -24.67 -4.55 18.80
N ALA A 656 -23.52 -4.55 19.51
CA ALA A 656 -22.44 -3.65 19.16
C ALA A 656 -21.86 -3.97 17.77
N LEU A 657 -21.73 -5.25 17.43
CA LEU A 657 -21.25 -5.62 16.09
C LEU A 657 -22.28 -5.28 15.02
N TRP A 658 -23.57 -5.40 15.36
CA TRP A 658 -24.63 -4.97 14.47
C TRP A 658 -24.52 -3.47 14.18
N GLU A 659 -24.32 -2.67 15.23
CA GLU A 659 -24.24 -1.23 15.08
C GLU A 659 -23.11 -0.84 14.15
N GLN A 660 -22.01 -1.60 14.17
CA GLN A 660 -20.88 -1.36 13.29
C GLN A 660 -21.01 -2.07 11.96
N ARG A 661 -22.10 -2.82 11.73
CA ARG A 661 -22.41 -3.43 10.43
C ARG A 661 -21.43 -4.54 10.05
N PHE A 662 -20.84 -5.24 11.02
CA PHE A 662 -19.96 -6.35 10.68
C PHE A 662 -20.71 -7.51 10.05
N LEU A 663 -22.02 -7.59 10.28
CA LEU A 663 -22.85 -8.65 9.73
C LEU A 663 -24.26 -8.11 9.60
N THR A 664 -25.10 -8.83 8.88
CA THR A 664 -26.48 -8.43 8.66
C THR A 664 -27.34 -9.14 9.69
N LEU A 665 -28.11 -8.36 10.45
CA LEU A 665 -29.10 -8.89 11.39
C LEU A 665 -30.45 -8.36 10.99
N ALA A 666 -31.35 -9.26 10.59
CA ALA A 666 -32.68 -8.89 10.13
C ALA A 666 -33.58 -10.11 10.32
N PRO A 667 -34.89 -9.92 10.39
CA PRO A 667 -35.81 -11.06 10.49
C PRO A 667 -35.62 -12.03 9.33
N ALA A 668 -36.06 -13.26 9.56
CA ALA A 668 -36.12 -14.26 8.51
C ALA A 668 -36.87 -13.73 7.31
N GLY A 669 -36.41 -14.07 6.12
CA GLY A 669 -37.07 -13.62 4.91
C GLY A 669 -36.51 -12.31 4.40
N ASP A 670 -37.18 -11.78 3.39
CA ASP A 670 -36.91 -10.42 2.93
C ASP A 670 -38.20 -9.80 2.43
N ILE A 671 -38.12 -8.53 2.04
CA ILE A 671 -39.31 -7.81 1.60
C ILE A 671 -39.81 -8.30 0.25
N GLY A 672 -38.96 -9.00 -0.53
CA GLY A 672 -39.34 -9.45 -1.85
C GLY A 672 -39.03 -8.41 -2.91
N PRO A 673 -39.26 -8.75 -4.19
CA PRO A 673 -39.03 -7.77 -5.25
C PRO A 673 -39.94 -6.57 -5.09
N LEU A 674 -39.42 -5.40 -5.42
CA LEU A 674 -40.13 -4.15 -5.23
C LEU A 674 -41.13 -3.93 -6.36
N MET B 1 38.54 5.74 19.47
CA MET B 1 37.46 6.32 18.66
C MET B 1 36.53 5.26 18.06
N LEU B 2 35.45 4.95 18.77
CA LEU B 2 34.56 3.84 18.45
C LEU B 2 33.22 4.38 17.96
N VAL B 3 32.86 4.05 16.72
CA VAL B 3 31.75 4.70 16.04
C VAL B 3 30.82 3.65 15.44
N LEU B 4 29.54 3.76 15.79
CA LEU B 4 28.53 2.83 15.30
C LEU B 4 27.84 3.42 14.07
N GLY B 5 27.77 2.64 13.00
CA GLY B 5 27.03 3.03 11.80
C GLY B 5 25.70 2.29 11.75
N LEU B 6 24.63 3.01 11.39
CA LEU B 6 23.28 2.49 11.41
C LEU B 6 22.57 2.78 10.09
N ASN B 7 21.80 1.82 9.60
CA ASN B 7 20.87 2.03 8.50
C ASN B 7 19.68 1.09 8.68
N GLY B 8 18.55 1.48 8.10
CA GLY B 8 17.30 0.75 8.23
C GLY B 8 16.19 1.60 8.84
N ASN B 9 15.02 0.98 8.94
CA ASN B 9 13.88 1.61 9.60
C ASN B 9 13.95 1.28 11.08
N PHE B 10 12.86 1.48 11.83
CA PHE B 10 12.91 1.52 13.29
C PHE B 10 11.96 0.53 13.94
N SER B 11 11.42 -0.42 13.18
CA SER B 11 10.46 -1.38 13.73
C SER B 11 11.10 -2.34 14.72
N ALA B 12 10.32 -2.70 15.73
CA ALA B 12 10.69 -3.77 16.66
C ALA B 12 10.67 -5.14 15.96
N ALA B 13 11.04 -6.17 16.73
CA ALA B 13 11.08 -7.54 16.21
C ALA B 13 9.71 -8.01 15.72
N ASP B 14 8.64 -7.70 16.45
CA ASP B 14 7.36 -8.37 16.24
C ASP B 14 6.29 -7.50 15.60
N THR B 15 6.50 -6.19 15.53
CA THR B 15 5.57 -5.29 14.84
C THR B 15 6.39 -4.33 14.00
N ASP B 16 5.72 -3.66 13.07
CA ASP B 16 6.35 -2.62 12.28
C ASP B 16 5.89 -1.24 12.76
N VAL B 17 6.66 -0.22 12.39
CA VAL B 17 6.39 1.13 12.89
CA VAL B 17 6.39 1.15 12.86
C VAL B 17 4.98 1.58 12.50
N VAL B 18 4.52 1.20 11.31
CA VAL B 18 3.12 1.31 10.91
C VAL B 18 2.78 -0.07 10.36
N PRO B 19 1.54 -0.54 10.52
CA PRO B 19 1.21 -1.92 10.13
C PRO B 19 1.53 -2.21 8.68
N GLN B 20 2.16 -3.36 8.44
CA GLN B 20 2.54 -3.81 7.10
C GLN B 20 3.40 -2.78 6.38
N LEU B 21 4.24 -2.06 7.13
CA LEU B 21 5.21 -1.13 6.57
C LEU B 21 5.90 -1.71 5.34
N GLY B 22 5.78 -1.02 4.20
CA GLY B 22 6.27 -1.55 2.93
C GLY B 22 7.73 -1.96 3.00
N GLU B 23 8.09 -3.07 2.33
CA GLU B 23 9.45 -3.58 2.34
C GLU B 23 10.47 -2.61 1.74
N VAL B 24 10.00 -1.56 1.06
CA VAL B 24 10.88 -0.57 0.42
C VAL B 24 11.24 0.60 1.32
N PHE B 25 10.66 0.69 2.52
CA PHE B 25 10.89 1.84 3.42
C PHE B 25 12.10 1.57 4.31
N PHE B 26 13.29 1.85 3.76
CA PHE B 26 14.56 1.81 4.50
C PHE B 26 14.97 0.39 4.83
N HIS B 27 15.29 -0.37 3.79
CA HIS B 27 15.53 -1.81 3.80
C HIS B 27 17.01 -2.13 4.04
N ASP B 28 17.34 -3.43 4.08
CA ASP B 28 18.71 -3.94 4.32
C ASP B 28 19.32 -3.32 5.58
N SER B 29 18.52 -3.24 6.64
CA SER B 29 19.02 -2.75 7.93
C SER B 29 20.30 -3.47 8.32
N ALA B 30 21.20 -2.73 8.94
CA ALA B 30 22.50 -3.27 9.29
C ALA B 30 23.15 -2.37 10.35
N ALA B 31 24.15 -2.92 11.01
CA ALA B 31 24.97 -2.15 11.94
C ALA B 31 26.43 -2.42 11.62
N SER B 32 27.24 -1.38 11.74
CA SER B 32 28.67 -1.44 11.49
C SER B 32 29.39 -0.77 12.65
N LEU B 33 30.58 -1.27 12.97
CA LEU B 33 31.38 -0.71 14.05
C LEU B 33 32.77 -0.41 13.52
N ILE B 34 33.17 0.85 13.61
N ILE B 34 33.18 0.85 13.56
CA ILE B 34 34.50 1.31 13.26
CA ILE B 34 34.55 1.20 13.22
C ILE B 34 35.26 1.63 14.54
C ILE B 34 35.27 1.63 14.49
N ARG B 35 36.55 1.30 14.57
CA ARG B 35 37.42 1.64 15.69
C ARG B 35 38.72 2.14 15.11
N ASP B 36 39.07 3.39 15.42
CA ASP B 36 40.31 4.01 14.96
C ASP B 36 40.47 3.83 13.45
N GLY B 37 39.38 4.08 12.73
CA GLY B 37 39.38 4.05 11.28
C GLY B 37 39.23 2.69 10.65
N GLU B 38 39.25 1.60 11.42
CA GLU B 38 39.14 0.27 10.83
C GLU B 38 37.75 -0.28 11.06
N LEU B 39 37.19 -0.92 10.04
CA LEU B 39 35.92 -1.61 10.19
C LEU B 39 36.18 -2.89 10.98
N VAL B 40 35.74 -2.94 12.24
CA VAL B 40 36.01 -4.11 13.05
C VAL B 40 34.86 -5.12 13.06
N ALA B 41 33.62 -4.70 12.78
CA ALA B 41 32.48 -5.60 12.71
C ALA B 41 31.39 -4.97 11.85
N ALA B 42 30.65 -5.83 11.16
CA ALA B 42 29.46 -5.41 10.42
C ALA B 42 28.63 -6.64 10.14
N VAL B 43 27.31 -6.51 10.30
CA VAL B 43 26.41 -7.60 9.95
C VAL B 43 25.07 -6.99 9.57
N GLU B 44 24.43 -7.59 8.57
CA GLU B 44 23.08 -7.14 8.23
C GLU B 44 22.05 -7.79 9.14
N GLU B 45 21.02 -7.01 9.50
CA GLU B 45 20.00 -7.50 10.41
C GLU B 45 19.27 -8.71 9.83
N GLU B 46 19.18 -8.81 8.50
CA GLU B 46 18.56 -9.97 7.87
C GLU B 46 19.16 -11.28 8.35
N ARG B 47 20.47 -11.30 8.64
CA ARG B 47 21.12 -12.53 9.06
C ARG B 47 20.63 -12.99 10.41
N LEU B 48 20.08 -12.07 11.21
CA LEU B 48 19.71 -12.34 12.59
C LEU B 48 18.21 -12.48 12.80
N ASN B 49 17.38 -11.62 12.21
CA ASN B 49 15.94 -11.89 12.28
C ASN B 49 15.46 -12.79 11.15
N ARG B 50 16.35 -13.17 10.23
CA ARG B 50 16.11 -14.16 9.18
C ARG B 50 15.06 -13.68 8.18
N ILE B 51 14.91 -12.37 8.01
CA ILE B 51 14.01 -11.76 7.04
C ILE B 51 14.86 -11.07 5.97
N LYS B 52 14.87 -11.62 4.77
CA LYS B 52 15.65 -11.05 3.68
C LYS B 52 15.43 -9.54 3.56
N LYS B 53 16.55 -8.80 3.54
CA LYS B 53 16.53 -7.35 3.27
C LYS B 53 15.59 -6.62 4.21
N THR B 54 15.49 -7.11 5.44
CA THR B 54 14.57 -6.59 6.43
C THR B 54 14.71 -5.07 6.57
N THR B 55 13.61 -4.43 6.96
CA THR B 55 13.58 -3.02 7.24
C THR B 55 13.65 -2.75 8.73
N LYS B 56 13.63 -3.81 9.54
CA LYS B 56 13.46 -3.65 10.98
C LYS B 56 14.73 -3.05 11.58
N PHE B 57 14.55 -2.41 12.72
CA PHE B 57 15.70 -1.77 13.36
C PHE B 57 16.78 -2.80 13.65
N PRO B 58 18.06 -2.50 13.35
CA PRO B 58 19.13 -3.50 13.45
C PRO B 58 19.65 -3.70 14.87
N LEU B 59 18.72 -3.86 15.82
CA LEU B 59 19.09 -3.99 17.22
C LEU B 59 20.05 -5.16 17.43
N ASN B 60 19.69 -6.35 16.92
CA ASN B 60 20.56 -7.51 17.08
C ASN B 60 21.92 -7.26 16.46
N ALA B 61 21.95 -6.65 15.27
CA ALA B 61 23.23 -6.37 14.62
C ALA B 61 24.11 -5.48 15.49
N VAL B 62 23.52 -4.47 16.14
CA VAL B 62 24.29 -3.64 17.06
C VAL B 62 24.85 -4.48 18.20
N ARG B 63 24.03 -5.39 18.73
CA ARG B 63 24.49 -6.24 19.82
C ARG B 63 25.65 -7.11 19.37
N GLU B 64 25.54 -7.72 18.19
CA GLU B 64 26.61 -8.58 17.70
C GLU B 64 27.90 -7.78 17.47
N CYS B 65 27.79 -6.56 16.93
CA CYS B 65 28.98 -5.77 16.68
C CYS B 65 29.68 -5.37 17.97
N LEU B 66 28.92 -4.87 18.96
CA LEU B 66 29.48 -4.56 20.27
C LEU B 66 30.25 -5.74 20.86
N ALA B 67 29.64 -6.92 20.84
CA ALA B 67 30.30 -8.11 21.37
C ALA B 67 31.59 -8.42 20.61
N LEU B 68 31.54 -8.34 19.28
CA LEU B 68 32.75 -8.61 18.50
C LEU B 68 33.89 -7.63 18.81
N ALA B 69 33.56 -6.41 19.24
CA ALA B 69 34.58 -5.43 19.61
C ALA B 69 34.90 -5.43 21.10
N GLY B 70 34.23 -6.27 21.89
CA GLY B 70 34.44 -6.25 23.33
C GLY B 70 34.02 -4.96 23.98
N ALA B 71 32.98 -4.29 23.47
CA ALA B 71 32.57 -2.98 23.95
C ALA B 71 31.24 -3.03 24.67
N ARG B 72 31.09 -2.18 25.67
CA ARG B 72 29.78 -1.83 26.18
C ARG B 72 29.12 -0.85 25.22
N PRO B 73 27.79 -0.78 25.22
CA PRO B 73 27.14 0.30 24.45
C PRO B 73 27.71 1.65 24.79
N GLU B 74 27.97 1.88 26.08
CA GLU B 74 28.49 3.16 26.57
C GLU B 74 29.90 3.46 26.07
N ASP B 75 30.61 2.47 25.52
CA ASP B 75 31.94 2.74 24.97
C ASP B 75 31.86 3.43 23.61
N VAL B 76 30.70 3.39 22.94
CA VAL B 76 30.60 4.00 21.63
C VAL B 76 30.73 5.51 21.77
N ASP B 77 31.58 6.11 20.95
CA ASP B 77 31.78 7.56 20.99
C ASP B 77 30.77 8.30 20.14
N ALA B 78 30.29 7.71 19.05
CA ALA B 78 29.33 8.39 18.20
C ALA B 78 28.57 7.38 17.36
N VAL B 79 27.34 7.75 16.99
CA VAL B 79 26.46 6.94 16.15
C VAL B 79 26.12 7.76 14.92
N GLY B 80 26.34 7.20 13.75
CA GLY B 80 25.97 7.82 12.48
C GLY B 80 24.78 7.09 11.88
N TYR B 81 23.83 7.86 11.34
CA TYR B 81 22.68 7.29 10.65
C TYR B 81 22.70 7.77 9.19
N TYR B 82 22.39 6.85 8.27
CA TYR B 82 22.69 6.99 6.85
C TYR B 82 21.78 7.91 6.03
N PHE B 83 20.99 8.77 6.68
CA PHE B 83 20.14 9.75 6.00
C PHE B 83 20.06 10.99 6.87
N PRO B 84 19.88 12.18 6.29
CA PRO B 84 19.64 13.38 7.12
C PRO B 84 18.36 13.24 7.92
N GLU B 85 18.40 13.86 9.10
CA GLU B 85 17.30 13.78 10.05
C GLU B 85 15.99 14.30 9.46
N ASN B 86 16.05 15.44 8.76
CA ASN B 86 14.82 16.02 8.26
C ASN B 86 14.18 15.10 7.23
N HIS B 87 15.00 14.38 6.46
CA HIS B 87 14.44 13.53 5.41
C HIS B 87 13.77 12.29 5.98
N ILE B 88 14.49 11.54 6.81
CA ILE B 88 13.86 10.36 7.41
C ILE B 88 12.65 10.76 8.23
N ASP B 89 12.73 11.90 8.92
CA ASP B 89 11.59 12.28 9.75
C ASP B 89 10.40 12.71 8.90
N THR B 90 10.66 13.32 7.75
CA THR B 90 9.60 13.66 6.83
C THR B 90 8.93 12.40 6.26
N VAL B 91 9.72 11.35 5.99
CA VAL B 91 9.11 10.11 5.53
C VAL B 91 8.29 9.46 6.65
N LEU B 92 8.85 9.39 7.86
CA LEU B 92 8.05 8.88 8.99
C LEU B 92 6.77 9.69 9.17
N ASN B 93 6.87 11.02 9.09
CA ASN B 93 5.69 11.87 9.21
C ASN B 93 4.64 11.51 8.15
N HIS B 94 5.09 11.23 6.93
CA HIS B 94 4.16 10.80 5.88
C HIS B 94 3.51 9.47 6.23
N LEU B 95 4.29 8.49 6.72
CA LEU B 95 3.70 7.25 7.21
C LEU B 95 2.66 7.54 8.29
N TYR B 96 2.94 8.50 9.17
CA TYR B 96 2.01 8.77 10.27
C TYR B 96 0.74 9.45 9.79
N THR B 97 0.80 10.28 8.74
CA THR B 97 -0.45 10.82 8.21
C THR B 97 -1.32 9.72 7.61
N GLU B 98 -0.71 8.65 7.10
CA GLU B 98 -1.49 7.54 6.56
C GLU B 98 -2.03 6.61 7.63
N TYR B 99 -1.48 6.66 8.84
CA TYR B 99 -1.88 5.78 9.92
C TYR B 99 -2.11 6.65 11.14
N PRO B 100 -3.31 7.26 11.25
CA PRO B 100 -3.54 8.25 12.32
C PRO B 100 -3.50 7.66 13.72
N ARG B 101 -3.47 6.34 13.87
CA ARG B 101 -3.34 5.73 15.19
C ARG B 101 -1.89 5.64 15.65
N ALA B 102 -0.93 5.80 14.74
CA ALA B 102 0.47 5.65 15.11
C ALA B 102 0.94 6.84 15.92
N PRO B 103 1.57 6.62 17.07
CA PRO B 103 2.13 7.76 17.83
C PRO B 103 3.21 8.46 17.02
N LEU B 104 3.42 9.75 17.32
CA LEU B 104 4.34 10.57 16.53
C LEU B 104 5.74 10.48 17.12
N ARG B 105 6.42 9.36 16.82
CA ARG B 105 7.81 9.16 17.22
C ARG B 105 8.72 9.29 16.00
N TYR B 106 9.60 10.28 16.03
CA TYR B 106 10.50 10.50 14.90
C TYR B 106 11.82 9.78 15.14
N SER B 107 12.77 9.94 14.22
CA SER B 107 13.88 9.00 14.14
C SER B 107 14.80 9.10 15.35
N ARG B 108 15.06 10.31 15.82
CA ARG B 108 15.95 10.50 16.97
C ARG B 108 15.38 9.78 18.20
N GLU B 109 14.08 9.95 18.44
CA GLU B 109 13.43 9.33 19.59
C GLU B 109 13.31 7.82 19.41
N LEU B 110 13.05 7.35 18.17
CA LEU B 110 12.97 5.91 17.96
C LEU B 110 14.33 5.25 18.13
N ILE B 111 15.40 5.87 17.62
CA ILE B 111 16.74 5.32 17.80
C ILE B 111 17.07 5.21 19.28
N ARG B 112 16.85 6.29 20.03
CA ARG B 112 17.13 6.25 21.45
C ARG B 112 16.26 5.23 22.17
N GLN B 113 14.99 5.11 21.79
CA GLN B 113 14.13 4.11 22.43
C GLN B 113 14.65 2.69 22.18
N ARG B 114 15.01 2.39 20.94
CA ARG B 114 15.42 1.00 20.66
C ARG B 114 16.71 0.66 21.38
N LEU B 115 17.64 1.62 21.48
CA LEU B 115 18.90 1.33 22.14
C LEU B 115 18.72 1.28 23.66
N LYS B 116 17.83 2.12 24.19
CA LYS B 116 17.59 2.12 25.62
C LYS B 116 16.88 0.83 26.04
N GLU B 117 15.78 0.50 25.37
CA GLU B 117 15.06 -0.72 25.70
C GLU B 117 15.85 -1.96 25.32
N GLY B 118 16.60 -1.90 24.22
CA GLY B 118 17.19 -3.10 23.68
C GLY B 118 18.52 -3.41 24.31
N LEU B 119 19.24 -2.37 24.73
CA LEU B 119 20.59 -2.53 25.25
C LEU B 119 20.83 -1.83 26.58
N GLY B 120 19.85 -1.14 27.14
CA GLY B 120 20.11 -0.35 28.34
C GLY B 120 20.95 0.87 28.09
N TRP B 121 21.19 1.20 26.82
CA TRP B 121 22.07 2.29 26.42
C TRP B 121 21.26 3.58 26.33
N ASP B 122 21.67 4.56 27.11
CA ASP B 122 21.10 5.89 27.12
C ASP B 122 21.96 6.76 26.21
N LEU B 123 21.52 6.98 24.98
CA LEU B 123 22.36 7.63 23.99
C LEU B 123 22.21 9.15 24.07
N PRO B 124 23.24 9.89 24.47
CA PRO B 124 23.14 11.35 24.46
C PRO B 124 22.90 11.89 23.06
N ASP B 125 22.07 12.92 22.98
CA ASP B 125 21.74 13.54 21.69
C ASP B 125 22.98 13.93 20.91
N GLU B 126 23.99 14.45 21.61
CA GLU B 126 25.19 14.96 20.96
C GLU B 126 25.94 13.87 20.23
N LYS B 127 25.67 12.60 20.54
CA LYS B 127 26.41 11.52 19.91
C LYS B 127 25.74 10.99 18.64
N LEU B 128 24.52 11.41 18.34
CA LEU B 128 23.82 10.94 17.15
C LEU B 128 24.04 11.93 16.02
N VAL B 129 24.68 11.48 14.93
CA VAL B 129 24.97 12.31 13.78
C VAL B 129 24.27 11.74 12.55
N TYR B 130 23.53 12.59 11.84
CA TYR B 130 22.84 12.19 10.63
C TYR B 130 23.65 12.64 9.44
N VAL B 131 23.60 11.85 8.37
CA VAL B 131 24.57 11.97 7.29
C VAL B 131 23.85 12.07 5.95
N PRO B 132 24.30 12.90 5.01
CA PRO B 132 23.84 12.77 3.62
C PRO B 132 24.05 11.36 3.07
N HIS B 133 23.02 10.84 2.40
CA HIS B 133 23.00 9.42 2.08
C HIS B 133 24.10 9.05 1.10
N HIS B 134 24.28 9.85 0.04
CA HIS B 134 25.30 9.48 -0.93
C HIS B 134 26.70 9.76 -0.39
N GLU B 135 26.81 10.68 0.55
CA GLU B 135 28.06 10.85 1.26
C GLU B 135 28.45 9.59 2.04
N ALA B 136 27.47 8.94 2.68
CA ALA B 136 27.78 7.71 3.41
C ALA B 136 28.23 6.62 2.45
N HIS B 137 27.48 6.44 1.36
CA HIS B 137 27.93 5.51 0.31
C HIS B 137 29.37 5.80 -0.10
N ALA B 138 29.67 7.07 -0.35
CA ALA B 138 30.96 7.40 -0.96
C ALA B 138 32.11 7.11 0.00
N TYR B 139 31.96 7.48 1.28
CA TYR B 139 33.00 7.17 2.25
C TYR B 139 33.27 5.68 2.29
N SER B 140 32.20 4.87 2.33
CA SER B 140 32.37 3.42 2.45
C SER B 140 33.06 2.87 1.21
N SER B 141 32.63 3.29 0.02
CA SER B 141 33.26 2.79 -1.20
C SER B 141 34.70 3.27 -1.33
N TYR B 142 34.97 4.55 -1.02
CA TYR B 142 36.31 5.08 -1.26
C TYR B 142 37.29 4.66 -0.17
N LEU B 143 36.89 4.74 1.10
CA LEU B 143 37.85 4.58 2.18
C LEU B 143 38.41 3.17 2.27
N HIS B 144 37.73 2.17 1.72
CA HIS B 144 38.21 0.80 1.71
C HIS B 144 38.95 0.42 0.43
N SER B 145 39.11 1.36 -0.51
CA SER B 145 39.67 1.03 -1.82
C SER B 145 41.19 0.90 -1.83
N GLY B 146 41.87 1.36 -0.79
CA GLY B 146 43.32 1.50 -0.83
C GLY B 146 43.84 2.65 -1.66
N MET B 147 42.98 3.40 -2.34
CA MET B 147 43.44 4.46 -3.23
C MET B 147 43.68 5.76 -2.48
N ASP B 148 44.63 6.56 -2.99
CA ASP B 148 44.98 7.85 -2.40
C ASP B 148 44.03 8.94 -2.86
N SER B 149 43.46 8.75 -4.05
CA SER B 149 42.50 9.66 -4.62
C SER B 149 41.72 8.87 -5.67
N ALA B 150 40.52 9.33 -5.97
CA ALA B 150 39.72 8.63 -6.97
C ALA B 150 38.52 9.48 -7.37
N LEU B 151 38.01 9.17 -8.56
CA LEU B 151 36.63 9.50 -8.90
C LEU B 151 35.72 8.51 -8.18
N VAL B 152 34.71 9.02 -7.47
CA VAL B 152 33.71 8.20 -6.78
C VAL B 152 32.35 8.45 -7.40
N LEU B 153 31.73 7.38 -7.94
CA LEU B 153 30.38 7.44 -8.48
C LEU B 153 29.43 6.66 -7.57
N VAL B 154 28.35 7.29 -7.15
CA VAL B 154 27.31 6.62 -6.37
C VAL B 154 26.02 6.63 -7.18
N LEU B 155 25.47 5.45 -7.45
CA LEU B 155 24.16 5.29 -8.10
C LEU B 155 23.34 4.29 -7.31
N ASP B 156 22.19 4.71 -6.79
CA ASP B 156 21.34 3.81 -6.02
C ASP B 156 19.89 4.08 -6.40
N GLY B 157 18.96 3.62 -5.55
CA GLY B 157 17.56 3.91 -5.74
C GLY B 157 17.34 5.39 -5.49
N ARG B 158 17.71 5.86 -4.29
CA ARG B 158 17.71 7.29 -4.00
C ARG B 158 18.35 7.55 -2.65
N GLY B 159 18.96 8.73 -2.52
CA GLY B 159 19.17 9.36 -1.24
C GLY B 159 18.13 10.44 -0.98
N GLU B 160 18.47 11.39 -0.10
CA GLU B 160 17.48 12.38 0.29
C GLU B 160 17.05 13.24 -0.90
N LEU B 161 17.99 13.58 -1.78
CA LEU B 161 17.73 14.53 -2.86
C LEU B 161 18.15 14.03 -4.23
N HIS B 162 18.91 12.95 -4.33
CA HIS B 162 19.50 12.54 -5.60
C HIS B 162 19.44 11.02 -5.76
N SER B 163 19.49 10.57 -7.01
CA SER B 163 19.66 9.15 -7.30
C SER B 163 21.08 8.81 -7.76
N GLY B 164 21.91 9.81 -8.03
CA GLY B 164 23.30 9.59 -8.37
C GLY B 164 24.11 10.78 -7.91
N THR B 165 25.35 10.52 -7.50
CA THR B 165 26.28 11.57 -7.13
C THR B 165 27.68 11.21 -7.59
N VAL B 166 28.46 12.23 -7.97
CA VAL B 166 29.83 12.11 -8.44
C VAL B 166 30.71 12.94 -7.53
N TYR B 167 31.76 12.32 -6.98
CA TYR B 167 32.72 12.98 -6.12
C TYR B 167 34.14 12.83 -6.65
N ARG B 168 35.01 13.76 -6.26
CA ARG B 168 36.46 13.56 -6.26
C ARG B 168 36.91 13.32 -4.83
N ALA B 169 37.62 12.21 -4.61
CA ALA B 169 38.11 11.86 -3.28
C ALA B 169 39.62 12.00 -3.25
N GLU B 170 40.15 12.65 -2.22
CA GLU B 170 41.59 12.83 -2.01
C GLU B 170 41.86 12.74 -0.52
N GLY B 171 42.77 11.85 -0.15
CA GLY B 171 43.03 11.63 1.26
C GLY B 171 41.77 11.14 1.92
N THR B 172 41.20 11.94 2.80
CA THR B 172 39.90 11.66 3.40
C THR B 172 38.85 12.70 3.02
N ARG B 173 39.11 13.53 2.02
CA ARG B 173 38.20 14.61 1.68
C ARG B 173 37.38 14.19 0.47
N LEU B 174 36.07 14.39 0.56
CA LEU B 174 35.16 14.18 -0.55
C LEU B 174 34.76 15.54 -1.07
N GLU B 175 34.82 15.72 -2.39
CA GLU B 175 34.37 16.95 -3.03
C GLU B 175 33.35 16.57 -4.09
N LYS B 176 32.16 17.15 -4.00
CA LYS B 176 31.07 16.76 -4.87
C LYS B 176 31.24 17.47 -6.21
N LEU B 177 31.16 16.69 -7.29
CA LEU B 177 31.29 17.25 -8.64
C LEU B 177 29.95 17.39 -9.33
N ALA B 178 29.01 16.49 -9.07
CA ALA B 178 27.75 16.49 -9.80
C ALA B 178 26.75 15.62 -9.05
N ASP B 179 25.48 15.75 -9.46
CA ASP B 179 24.43 14.88 -8.96
C ASP B 179 23.37 14.72 -10.05
N TYR B 180 22.50 13.73 -9.85
CA TYR B 180 21.39 13.41 -10.75
C TYR B 180 20.12 13.27 -9.91
N PRO B 181 18.99 13.86 -10.32
CA PRO B 181 17.82 13.91 -9.44
C PRO B 181 17.13 12.56 -9.25
N VAL B 182 16.32 12.50 -8.20
CA VAL B 182 15.59 11.27 -7.87
C VAL B 182 14.87 10.65 -9.06
N PRO B 183 14.06 11.38 -9.83
CA PRO B 183 13.30 10.70 -10.91
C PRO B 183 14.17 10.07 -11.99
N LYS B 184 15.47 10.31 -12.02
CA LYS B 184 16.36 9.67 -12.98
C LYS B 184 16.97 8.37 -12.45
N SER B 185 16.47 7.89 -11.30
CA SER B 185 17.04 6.73 -10.65
C SER B 185 17.14 5.53 -11.60
N LEU B 186 18.33 4.94 -11.66
CA LEU B 186 18.51 3.70 -12.42
C LEU B 186 18.13 2.50 -11.58
N GLY B 187 18.30 2.60 -10.26
CA GLY B 187 17.65 1.63 -9.38
C GLY B 187 16.15 1.63 -9.57
N GLY B 188 15.55 2.82 -9.64
CA GLY B 188 14.12 2.90 -9.87
C GLY B 188 13.73 2.29 -11.20
N LEU B 189 14.46 2.66 -12.25
CA LEU B 189 14.19 2.10 -13.58
C LEU B 189 14.30 0.58 -13.56
N TYR B 190 15.39 0.05 -13.00
CA TYR B 190 15.60 -1.39 -13.01
C TYR B 190 14.49 -2.13 -12.25
N LEU B 191 14.11 -1.61 -11.07
CA LEU B 191 13.04 -2.24 -10.30
C LEU B 191 11.68 -2.15 -11.01
N ASN B 192 11.35 -0.99 -11.58
CA ASN B 192 10.12 -0.87 -12.37
C ASN B 192 10.06 -1.97 -13.43
N ALA B 193 11.14 -2.12 -14.19
CA ALA B 193 11.20 -3.15 -15.24
C ALA B 193 11.07 -4.54 -14.65
N THR B 194 11.76 -4.80 -13.54
CA THR B 194 11.76 -6.12 -12.92
C THR B 194 10.34 -6.60 -12.61
N TYR B 195 9.44 -5.67 -12.25
CA TYR B 195 8.06 -6.04 -11.96
C TYR B 195 7.39 -6.68 -13.16
N LEU B 196 7.77 -6.28 -14.38
CA LEU B 196 7.16 -6.85 -15.57
C LEU B 196 7.53 -8.32 -15.77
N LEU B 197 8.55 -8.80 -15.07
CA LEU B 197 8.98 -10.19 -15.20
C LEU B 197 8.43 -11.09 -14.09
N GLY B 198 7.29 -10.72 -13.51
CA GLY B 198 6.78 -11.49 -12.38
C GLY B 198 7.67 -11.48 -11.15
N TYR B 199 8.65 -10.59 -11.09
CA TYR B 199 9.54 -10.50 -9.96
C TYR B 199 9.21 -9.27 -9.13
N GLY B 200 9.93 -9.10 -8.03
CA GLY B 200 9.70 -7.88 -7.26
C GLY B 200 10.94 -7.31 -6.60
N PHE B 201 10.71 -6.49 -5.58
CA PHE B 201 11.77 -5.85 -4.81
C PHE B 201 12.84 -6.86 -4.38
N GLY B 202 14.09 -6.52 -4.65
CA GLY B 202 15.18 -7.42 -4.35
C GLY B 202 15.45 -8.52 -5.36
N ASP B 203 14.63 -8.66 -6.41
CA ASP B 203 14.89 -9.68 -7.43
C ASP B 203 15.69 -9.17 -8.62
N GLU B 204 16.15 -7.92 -8.58
CA GLU B 204 16.86 -7.34 -9.73
C GLU B 204 18.03 -8.22 -10.16
N TYR B 205 18.74 -8.80 -9.21
CA TYR B 205 19.92 -9.59 -9.57
C TYR B 205 19.54 -10.86 -10.33
N LYS B 206 18.32 -11.37 -10.10
CA LYS B 206 17.85 -12.48 -10.93
C LYS B 206 17.60 -12.02 -12.36
N VAL B 207 17.05 -10.82 -12.53
CA VAL B 207 16.85 -10.28 -13.87
C VAL B 207 18.19 -10.13 -14.58
N MET B 208 19.23 -9.77 -13.84
CA MET B 208 20.54 -9.65 -14.45
C MET B 208 21.08 -11.03 -14.84
N GLY B 209 20.85 -12.05 -14.01
CA GLY B 209 21.19 -13.41 -14.40
C GLY B 209 20.46 -13.89 -15.63
N LEU B 210 19.26 -13.36 -15.89
CA LEU B 210 18.50 -13.78 -17.06
C LEU B 210 18.94 -13.07 -18.34
N ALA B 211 19.44 -11.85 -18.22
CA ALA B 211 19.68 -11.01 -19.40
C ALA B 211 20.55 -11.66 -20.47
N PRO B 212 21.62 -12.41 -20.17
CA PRO B 212 22.41 -13.02 -21.26
C PRO B 212 21.63 -14.02 -22.11
N TRP B 213 20.60 -14.67 -21.57
CA TRP B 213 19.77 -15.55 -22.38
C TRP B 213 18.98 -14.81 -23.44
N GLY B 214 18.98 -13.48 -23.42
CA GLY B 214 18.10 -12.74 -24.30
C GLY B 214 18.85 -11.98 -25.36
N ASN B 215 18.14 -11.56 -26.40
CA ASN B 215 18.72 -10.75 -27.47
C ASN B 215 18.30 -9.31 -27.24
N PRO B 216 19.24 -8.40 -26.93
CA PRO B 216 18.84 -7.03 -26.57
C PRO B 216 18.21 -6.25 -27.72
N GLU B 217 18.22 -6.79 -28.93
CA GLU B 217 17.81 -6.01 -30.09
C GLU B 217 16.30 -5.86 -30.17
N THR B 218 15.54 -6.86 -29.71
CA THR B 218 14.11 -6.87 -29.99
C THR B 218 13.39 -5.72 -29.27
N TYR B 219 13.85 -5.32 -28.08
CA TYR B 219 13.22 -4.22 -27.36
C TYR B 219 14.11 -2.99 -27.25
N ARG B 220 15.27 -2.99 -27.92
CA ARG B 220 16.18 -1.85 -27.84
C ARG B 220 15.48 -0.53 -28.18
N ASP B 221 14.71 -0.52 -29.28
CA ASP B 221 14.05 0.71 -29.72
C ASP B 221 12.90 1.09 -28.80
N THR B 222 12.28 0.12 -28.13
CA THR B 222 11.24 0.45 -27.16
C THR B 222 11.83 1.14 -25.94
N PHE B 223 12.85 0.52 -25.32
CA PHE B 223 13.55 1.17 -24.22
C PHE B 223 14.12 2.53 -24.62
N ALA B 224 14.51 2.69 -25.89
CA ALA B 224 15.06 3.99 -26.32
C ALA B 224 14.05 5.12 -26.20
N LYS B 225 12.75 4.81 -26.18
CA LYS B 225 11.76 5.84 -25.94
C LYS B 225 11.70 6.27 -24.48
N LEU B 226 12.34 5.53 -23.57
CA LEU B 226 12.24 5.83 -22.14
C LEU B 226 13.43 6.62 -21.61
N TYR B 227 14.46 6.84 -22.41
CA TYR B 227 15.61 7.61 -21.95
C TYR B 227 16.26 8.31 -23.13
N THR B 228 16.97 9.40 -22.83
CA THR B 228 17.73 10.14 -23.82
C THR B 228 19.09 10.48 -23.22
N LEU B 229 20.16 10.11 -23.92
CA LEU B 229 21.50 10.50 -23.51
C LEU B 229 21.79 11.89 -24.01
N GLN B 230 22.42 12.70 -23.18
CA GLN B 230 22.57 14.12 -23.46
C GLN B 230 24.02 14.54 -23.28
N ASP B 231 24.30 15.78 -23.68
CA ASP B 231 25.63 16.34 -23.56
C ASP B 231 26.05 16.45 -22.10
N ASN B 232 27.36 16.53 -21.90
CA ASN B 232 27.94 16.76 -20.58
C ASN B 232 27.53 15.69 -19.58
N GLY B 233 27.51 14.43 -20.04
CA GLY B 233 27.21 13.33 -19.14
C GLY B 233 25.82 13.37 -18.53
N GLU B 234 24.89 14.04 -19.19
CA GLU B 234 23.50 14.13 -18.76
C GLU B 234 22.67 13.06 -19.44
N TYR B 235 21.54 12.76 -18.82
CA TYR B 235 20.55 11.89 -19.43
C TYR B 235 19.21 12.23 -18.81
N GLU B 236 18.16 11.73 -19.44
CA GLU B 236 16.80 11.96 -18.98
C GLU B 236 16.06 10.63 -19.06
N LEU B 237 15.23 10.35 -18.06
CA LEU B 237 14.23 9.27 -18.16
C LEU B 237 12.87 9.90 -18.40
N HIS B 238 12.14 9.36 -19.37
CA HIS B 238 10.88 9.95 -19.81
C HIS B 238 9.72 9.30 -19.05
N GLY B 239 9.14 10.05 -18.12
CA GLY B 239 8.09 9.53 -17.27
C GLY B 239 6.73 9.61 -17.91
N ASN B 240 5.72 9.28 -17.12
CA ASN B 240 4.36 9.31 -17.60
C ASN B 240 3.45 9.62 -16.40
N ILE B 241 2.27 10.17 -16.69
CA ILE B 241 1.34 10.52 -15.62
C ILE B 241 0.30 9.43 -15.42
N MET B 242 0.58 8.23 -15.94
CA MET B 242 -0.43 7.18 -15.93
C MET B 242 -0.36 6.38 -14.63
N VAL B 243 0.82 5.85 -14.30
CA VAL B 243 1.01 4.99 -13.13
C VAL B 243 2.41 5.25 -12.61
N PRO B 244 2.71 4.90 -11.36
CA PRO B 244 4.08 5.09 -10.83
C PRO B 244 5.01 3.97 -11.26
N ASN B 245 5.19 3.83 -12.57
CA ASN B 245 6.13 2.88 -13.14
C ASN B 245 6.53 3.46 -14.48
N LEU B 246 7.84 3.66 -14.66
CA LEU B 246 8.35 4.26 -15.89
C LEU B 246 8.11 3.38 -17.10
N VAL B 247 8.06 2.07 -16.87
CA VAL B 247 8.27 1.10 -17.93
C VAL B 247 6.96 0.45 -18.39
N SER B 248 6.03 0.18 -17.47
CA SER B 248 4.88 -0.66 -17.83
C SER B 248 3.92 -0.04 -18.85
N PRO B 249 3.54 1.25 -18.74
CA PRO B 249 2.60 1.79 -19.76
C PRO B 249 3.04 1.61 -21.20
N LEU B 250 4.29 1.93 -21.52
CA LEU B 250 4.74 1.79 -22.90
C LEU B 250 4.76 0.34 -23.33
N PHE B 251 5.27 -0.55 -22.47
CA PHE B 251 5.32 -1.94 -22.87
C PHE B 251 3.93 -2.55 -22.96
N TYR B 252 3.00 -2.11 -22.11
CA TYR B 252 1.62 -2.58 -22.27
C TYR B 252 1.05 -2.10 -23.59
N ALA B 253 1.33 -0.84 -23.96
CA ALA B 253 0.81 -0.31 -25.22
C ALA B 253 1.35 -1.04 -26.43
N GLU B 254 2.53 -1.68 -26.32
CA GLU B 254 3.07 -2.45 -27.42
C GLU B 254 2.78 -3.95 -27.29
N GLY B 255 1.86 -4.35 -26.42
CA GLY B 255 1.47 -5.74 -26.32
C GLY B 255 2.36 -6.62 -25.48
N PHE B 256 3.31 -6.05 -24.75
CA PHE B 256 4.05 -6.86 -23.79
C PHE B 256 3.14 -7.19 -22.62
N ARG B 257 3.16 -8.45 -22.20
CA ARG B 257 2.29 -8.87 -21.12
C ARG B 257 3.11 -9.41 -19.95
N PRO B 258 2.95 -8.83 -18.76
CA PRO B 258 3.81 -9.21 -17.62
C PRO B 258 3.65 -10.66 -17.23
N ARG B 259 4.79 -11.28 -16.91
CA ARG B 259 4.83 -12.69 -16.55
C ARG B 259 4.07 -12.94 -15.26
N ARG B 260 3.32 -14.05 -15.24
CA ARG B 260 2.56 -14.49 -14.07
C ARG B 260 3.39 -15.48 -13.26
N LYS B 261 3.01 -15.65 -12.00
CA LYS B 261 3.75 -16.56 -11.14
C LYS B 261 3.60 -17.98 -11.67
N GLY B 262 4.68 -18.75 -11.63
CA GLY B 262 4.69 -20.09 -12.16
C GLY B 262 4.78 -20.19 -13.65
N GLU B 263 4.71 -19.09 -14.37
CA GLU B 263 4.87 -19.13 -15.81
C GLU B 263 6.33 -19.27 -16.19
N PRO B 264 6.65 -20.03 -17.23
CA PRO B 264 8.03 -20.04 -17.73
C PRO B 264 8.42 -18.68 -18.28
N PHE B 265 9.72 -18.43 -18.31
CA PHE B 265 10.24 -17.23 -18.94
C PHE B 265 10.27 -17.43 -20.45
N THR B 266 9.48 -16.65 -21.18
CA THR B 266 9.43 -16.78 -22.62
C THR B 266 10.67 -16.13 -23.24
N GLN B 267 10.81 -16.26 -24.56
CA GLN B 267 11.89 -15.55 -25.23
C GLN B 267 11.70 -14.04 -25.14
N ALA B 268 10.44 -13.59 -25.14
CA ALA B 268 10.16 -12.17 -24.95
C ALA B 268 10.69 -11.69 -23.59
N HIS B 269 10.41 -12.45 -22.53
CA HIS B 269 10.90 -12.08 -21.21
C HIS B 269 12.41 -12.02 -21.18
N ARG B 270 13.07 -13.03 -21.79
CA ARG B 270 14.52 -13.04 -21.84
C ARG B 270 15.05 -11.83 -22.61
N ASP B 271 14.45 -11.51 -23.76
CA ASP B 271 14.90 -10.36 -24.53
C ASP B 271 14.61 -9.05 -23.79
N PHE B 272 13.49 -9.00 -23.05
CA PHE B 272 13.18 -7.82 -22.24
C PHE B 272 14.27 -7.58 -21.21
N ALA B 273 14.65 -8.61 -20.46
CA ALA B 273 15.74 -8.49 -19.51
C ALA B 273 17.02 -8.06 -20.19
N ALA B 274 17.30 -8.58 -21.38
CA ALA B 274 18.53 -8.19 -22.07
C ALA B 274 18.50 -6.72 -22.48
N ALA B 275 17.39 -6.25 -23.03
CA ALA B 275 17.34 -4.85 -23.42
C ALA B 275 17.35 -3.92 -22.20
N LEU B 276 16.77 -4.35 -21.08
CA LEU B 276 16.82 -3.54 -19.86
C LEU B 276 18.27 -3.40 -19.36
N GLN B 277 19.01 -4.51 -19.33
CA GLN B 277 20.39 -4.48 -18.86
C GLN B 277 21.26 -3.63 -19.79
N GLU B 278 21.08 -3.76 -21.11
CA GLU B 278 21.79 -2.93 -22.06
C GLU B 278 21.53 -1.44 -21.81
N THR B 279 20.29 -1.10 -21.43
CA THR B 279 19.93 0.30 -21.21
C THR B 279 20.71 0.92 -20.06
N VAL B 280 20.69 0.27 -18.90
CA VAL B 280 21.41 0.80 -17.73
C VAL B 280 22.91 0.83 -18.01
N GLU B 281 23.43 -0.19 -18.68
CA GLU B 281 24.83 -0.14 -19.09
C GLU B 281 25.09 1.09 -19.95
N LYS B 282 24.24 1.35 -20.94
CA LYS B 282 24.52 2.44 -21.86
C LYS B 282 24.50 3.77 -21.12
N ILE B 283 23.57 3.93 -20.19
CA ILE B 283 23.47 5.18 -19.45
C ILE B 283 24.70 5.37 -18.56
N VAL B 284 25.11 4.32 -17.86
CA VAL B 284 26.18 4.49 -16.87
C VAL B 284 27.53 4.66 -17.56
N LEU B 285 27.78 3.89 -18.63
CA LEU B 285 28.99 4.14 -19.40
C LEU B 285 29.00 5.54 -20.00
N HIS B 286 27.82 6.11 -20.26
CA HIS B 286 27.73 7.48 -20.76
C HIS B 286 28.06 8.49 -19.66
N ILE B 287 27.55 8.29 -18.46
CA ILE B 287 27.97 9.09 -17.30
C ILE B 287 29.47 8.97 -17.09
N LEU B 288 30.01 7.75 -17.13
CA LEU B 288 31.39 7.53 -16.74
C LEU B 288 32.37 8.05 -17.81
N GLU B 289 32.02 7.97 -19.10
CA GLU B 289 32.96 8.48 -20.07
C GLU B 289 33.07 9.99 -19.95
N TYR B 290 31.96 10.67 -19.62
CA TYR B 290 32.04 12.10 -19.43
C TYR B 290 32.82 12.46 -18.18
N TRP B 291 32.64 11.72 -17.08
CA TRP B 291 33.33 12.10 -15.86
C TRP B 291 34.76 11.59 -15.76
N ALA B 292 35.10 10.51 -16.48
CA ALA B 292 36.50 10.14 -16.58
C ALA B 292 37.30 11.22 -17.28
N LYS B 293 36.75 11.77 -18.37
CA LYS B 293 37.51 12.75 -19.14
C LYS B 293 37.46 14.12 -18.49
N THR B 294 36.30 14.50 -17.94
CA THR B 294 36.21 15.82 -17.31
C THR B 294 37.08 15.90 -16.06
N SER B 295 37.06 14.86 -15.23
CA SER B 295 37.86 14.88 -14.01
C SER B 295 39.31 14.52 -14.28
N GLY B 296 39.58 13.82 -15.38
CA GLY B 296 40.91 13.37 -15.68
C GLY B 296 41.42 12.23 -14.82
N HIS B 297 40.59 11.65 -13.96
CA HIS B 297 41.08 10.67 -13.01
C HIS B 297 41.13 9.27 -13.62
N SER B 298 42.15 8.49 -13.24
CA SER B 298 42.30 7.14 -13.76
C SER B 298 41.79 6.07 -12.81
N ARG B 299 41.40 6.43 -11.59
CA ARG B 299 40.85 5.49 -10.61
C ARG B 299 39.36 5.78 -10.36
N LEU B 300 38.56 4.71 -10.26
CA LEU B 300 37.13 4.81 -9.98
C LEU B 300 36.76 3.94 -8.79
N CYS B 301 36.03 4.52 -7.83
CA CYS B 301 35.27 3.75 -6.85
C CYS B 301 33.80 3.89 -7.19
N PHE B 302 33.10 2.75 -7.31
CA PHE B 302 31.71 2.71 -7.73
C PHE B 302 30.88 2.09 -6.61
N GLY B 303 29.87 2.83 -6.16
CA GLY B 303 29.04 2.43 -5.03
C GLY B 303 27.57 2.76 -5.21
N GLY B 304 26.76 2.60 -4.16
CA GLY B 304 25.32 2.54 -4.31
C GLY B 304 24.87 1.18 -4.80
N GLY B 305 23.56 0.93 -4.68
CA GLY B 305 23.03 -0.40 -4.97
C GLY B 305 23.16 -0.82 -6.43
N VAL B 306 23.19 0.15 -7.34
CA VAL B 306 23.40 -0.18 -8.76
C VAL B 306 24.77 -0.84 -8.97
N ALA B 307 25.73 -0.60 -8.07
CA ALA B 307 27.06 -1.19 -8.17
C ALA B 307 27.08 -2.68 -7.81
N HIS B 308 25.93 -3.26 -7.49
CA HIS B 308 25.85 -4.71 -7.42
C HIS B 308 25.47 -5.31 -8.76
N ASN B 309 25.32 -4.49 -9.79
CA ASN B 309 25.13 -5.02 -11.14
C ASN B 309 26.49 -5.47 -11.64
N SER B 310 26.77 -6.76 -11.43
CA SER B 310 28.06 -7.35 -11.77
C SER B 310 28.35 -7.23 -13.26
N SER B 311 27.33 -7.40 -14.10
CA SER B 311 27.53 -7.25 -15.53
C SER B 311 27.97 -5.85 -15.90
N LEU B 312 27.32 -4.84 -15.30
CA LEU B 312 27.72 -3.46 -15.51
C LEU B 312 29.17 -3.25 -15.10
N ASN B 313 29.55 -3.79 -13.94
CA ASN B 313 30.90 -3.61 -13.42
C ASN B 313 31.93 -4.20 -14.39
N GLY B 314 31.68 -5.41 -14.89
CA GLY B 314 32.56 -5.99 -15.89
C GLY B 314 32.70 -5.10 -17.11
N LEU B 315 31.59 -4.49 -17.55
CA LEU B 315 31.67 -3.59 -18.70
C LEU B 315 32.47 -2.33 -18.38
N ILE B 316 32.38 -1.82 -17.14
CA ILE B 316 33.21 -0.68 -16.75
C ILE B 316 34.68 -1.06 -16.79
N LEU B 317 35.02 -2.23 -16.24
CA LEU B 317 36.39 -2.72 -16.24
C LEU B 317 36.96 -2.80 -17.66
N LYS B 318 36.18 -3.30 -18.60
CA LYS B 318 36.63 -3.51 -19.96
C LYS B 318 36.56 -2.25 -20.81
N SER B 319 36.10 -1.12 -20.25
CA SER B 319 35.90 0.06 -21.07
C SER B 319 37.20 0.83 -21.33
N GLY B 320 38.23 0.60 -20.53
CA GLY B 320 39.45 1.37 -20.68
C GLY B 320 39.37 2.79 -20.17
N LEU B 321 38.25 3.16 -19.54
CA LEU B 321 38.12 4.51 -19.01
C LEU B 321 38.95 4.71 -17.76
N PHE B 322 39.34 3.63 -17.08
CA PHE B 322 40.05 3.73 -15.82
C PHE B 322 41.17 2.69 -15.79
N ASP B 323 42.19 2.95 -14.97
CA ASP B 323 43.22 1.96 -14.71
C ASP B 323 42.88 1.05 -13.54
N GLU B 324 42.19 1.60 -12.54
CA GLU B 324 41.82 0.89 -11.33
C GLU B 324 40.33 1.11 -11.08
N VAL B 325 39.63 0.04 -10.66
CA VAL B 325 38.26 0.14 -10.20
C VAL B 325 38.12 -0.67 -8.91
N PHE B 326 37.46 -0.09 -7.91
CA PHE B 326 37.19 -0.76 -6.64
C PHE B 326 35.69 -0.75 -6.34
N VAL B 327 35.15 -1.89 -5.91
CA VAL B 327 33.74 -2.02 -5.51
C VAL B 327 33.67 -2.72 -4.17
N HIS B 328 32.93 -2.15 -3.23
CA HIS B 328 32.79 -2.65 -1.86
C HIS B 328 31.84 -3.85 -1.84
N PRO B 329 32.08 -4.82 -0.95
CA PRO B 329 31.20 -6.01 -0.94
C PRO B 329 29.76 -5.69 -0.54
N ALA B 330 29.54 -4.63 0.24
CA ALA B 330 28.20 -4.15 0.60
C ALA B 330 28.06 -2.74 0.03
N SER B 331 27.71 -2.64 -1.24
CA SER B 331 27.53 -1.33 -1.86
C SER B 331 26.10 -0.83 -1.76
N HIS B 332 25.18 -1.67 -1.30
CA HIS B 332 23.80 -1.27 -1.05
C HIS B 332 23.75 -0.55 0.31
N ASP B 333 22.54 -0.34 0.84
CA ASP B 333 22.39 0.55 2.00
C ASP B 333 23.13 0.06 3.26
N ALA B 334 23.39 -1.23 3.39
CA ALA B 334 24.22 -1.68 4.51
C ALA B 334 25.60 -1.01 4.45
N GLY B 335 26.14 -0.80 3.25
CA GLY B 335 27.38 -0.07 3.14
C GLY B 335 27.22 1.41 3.45
N ALA B 336 26.08 2.00 3.05
CA ALA B 336 25.79 3.37 3.48
C ALA B 336 25.80 3.48 5.00
N GLY B 337 25.27 2.46 5.69
CA GLY B 337 25.31 2.46 7.14
C GLY B 337 26.73 2.51 7.66
N GLU B 338 27.62 1.69 7.07
CA GLU B 338 29.04 1.75 7.41
C GLU B 338 29.61 3.15 7.17
N GLY B 339 29.36 3.69 5.97
CA GLY B 339 29.87 5.01 5.63
C GLY B 339 29.33 6.11 6.51
N ALA B 340 28.13 5.93 7.07
CA ALA B 340 27.63 6.91 8.03
C ALA B 340 28.52 6.97 9.27
N ALA B 341 29.10 5.84 9.68
CA ALA B 341 30.02 5.87 10.82
C ALA B 341 31.23 6.77 10.51
N TYR B 342 31.81 6.63 9.32
CA TYR B 342 32.95 7.47 8.97
C TYR B 342 32.57 8.95 8.93
N ALA B 343 31.41 9.26 8.34
CA ALA B 343 30.96 10.65 8.29
C ALA B 343 30.70 11.18 9.69
N ALA B 344 30.12 10.37 10.56
CA ALA B 344 29.96 10.80 11.93
C ALA B 344 31.31 11.08 12.56
N ALA B 345 32.33 10.26 12.25
CA ALA B 345 33.66 10.50 12.81
C ALA B 345 34.23 11.82 12.28
N ALA B 346 34.02 12.11 11.00
CA ALA B 346 34.53 13.34 10.42
C ALA B 346 33.83 14.56 11.01
N SER B 347 32.53 14.47 11.26
CA SER B 347 31.79 15.55 11.90
C SER B 347 32.37 15.81 13.27
N LEU B 348 32.20 14.85 14.18
CA LEU B 348 32.74 14.96 15.52
C LEU B 348 34.24 14.76 15.50
N GLY B 349 34.99 15.83 15.37
CA GLY B 349 36.44 15.74 15.46
C GLY B 349 37.04 15.20 14.19
N THR B 350 37.85 14.16 14.32
CA THR B 350 38.74 13.74 13.25
C THR B 350 38.38 12.36 12.72
N LEU B 351 38.55 12.20 11.42
CA LEU B 351 38.27 10.98 10.67
C LEU B 351 39.56 10.20 10.49
N GLU B 352 39.55 8.94 10.89
CA GLU B 352 40.62 8.00 10.57
C GLU B 352 40.13 6.99 9.54
N ARG B 353 41.00 6.60 8.62
CA ARG B 353 40.64 5.74 7.51
C ARG B 353 41.37 4.40 7.59
N PRO B 354 40.83 3.36 6.94
CA PRO B 354 41.53 2.06 6.95
C PRO B 354 42.90 2.16 6.31
N GLY B 355 43.83 1.33 6.83
CA GLY B 355 45.20 1.35 6.38
C GLY B 355 45.44 0.68 5.03
N LYS B 356 44.56 -0.23 4.63
CA LYS B 356 44.77 -1.02 3.43
C LYS B 356 43.45 -1.22 2.71
N ARG B 357 43.53 -1.69 1.46
CA ARG B 357 42.35 -2.07 0.71
C ARG B 357 41.67 -3.28 1.37
N LEU B 358 40.35 -3.24 1.45
CA LEU B 358 39.59 -4.32 2.05
C LEU B 358 39.69 -5.57 1.19
N LEU B 359 40.15 -6.67 1.78
CA LEU B 359 40.22 -7.93 1.05
C LEU B 359 39.19 -8.97 1.49
N SER B 360 38.68 -8.88 2.71
CA SER B 360 37.81 -9.93 3.23
C SER B 360 36.52 -9.30 3.75
N ALA B 361 35.39 -9.87 3.35
CA ALA B 361 34.08 -9.46 3.84
C ALA B 361 33.67 -10.20 5.10
N SER B 362 34.60 -10.95 5.71
CA SER B 362 34.28 -11.84 6.83
C SER B 362 34.20 -10.99 8.10
N LEU B 363 33.03 -10.39 8.33
CA LEU B 363 32.90 -9.39 9.39
C LEU B 363 31.76 -9.60 10.35
N GLY B 364 30.85 -10.55 10.11
CA GLY B 364 29.78 -10.78 11.03
C GLY B 364 30.19 -11.61 12.24
N PRO B 365 29.18 -12.08 13.00
CA PRO B 365 29.47 -13.00 14.10
C PRO B 365 30.06 -14.29 13.56
N ALA B 366 30.88 -14.94 14.40
CA ALA B 366 31.44 -16.24 14.10
C ALA B 366 30.45 -17.35 14.49
N LEU B 367 30.85 -18.61 14.33
CA LEU B 367 29.99 -19.73 14.67
C LEU B 367 30.14 -20.16 16.12
N GLY B 368 31.26 -19.87 16.75
CA GLY B 368 31.49 -20.21 18.14
C GLY B 368 32.82 -20.90 18.32
N GLY B 369 33.19 -21.03 19.60
CA GLY B 369 34.36 -21.82 19.94
C GLY B 369 34.23 -23.26 19.48
N ARG B 370 35.38 -23.89 19.31
CA ARG B 370 35.38 -25.27 18.85
C ARG B 370 34.75 -26.21 19.88
N GLU B 371 34.86 -25.87 21.16
CA GLU B 371 34.24 -26.70 22.20
C GLU B 371 32.74 -26.53 22.23
N GLN B 372 32.24 -25.31 22.06
CA GLN B 372 30.79 -25.15 22.04
C GLN B 372 30.17 -25.60 20.73
N ILE B 373 30.92 -25.58 19.63
CA ILE B 373 30.41 -26.17 18.38
C ILE B 373 30.24 -27.68 18.54
N ARG B 374 31.28 -28.36 19.05
CA ARG B 374 31.17 -29.79 19.33
C ARG B 374 29.98 -30.08 20.23
N ALA B 375 29.86 -29.34 21.35
CA ALA B 375 28.75 -29.54 22.29
C ALA B 375 27.40 -29.32 21.61
N ARG B 376 27.25 -28.23 20.85
CA ARG B 376 25.96 -27.96 20.22
C ARG B 376 25.62 -29.01 19.17
N LEU B 377 26.62 -29.47 18.40
CA LEU B 377 26.37 -30.54 17.43
C LEU B 377 25.93 -31.83 18.12
N ALA B 378 26.40 -32.08 19.34
CA ALA B 378 25.87 -33.22 20.08
C ALA B 378 24.39 -33.03 20.42
N ASP B 379 23.95 -31.78 20.64
CA ASP B 379 22.52 -31.55 20.82
C ASP B 379 21.72 -31.97 19.59
N TRP B 380 22.31 -31.90 18.40
CA TRP B 380 21.66 -32.30 17.17
C TRP B 380 21.80 -33.78 16.86
N ALA B 381 22.43 -34.55 17.76
CA ALA B 381 22.72 -35.95 17.48
C ALA B 381 21.55 -36.77 16.94
N PRO B 382 20.30 -36.62 17.41
CA PRO B 382 19.22 -37.45 16.87
C PRO B 382 18.92 -37.21 15.41
N LEU B 383 19.56 -36.23 14.78
CA LEU B 383 19.33 -35.95 13.37
C LEU B 383 20.57 -36.08 12.49
N ILE B 384 21.78 -36.01 13.05
CA ILE B 384 23.01 -35.97 12.26
C ILE B 384 24.04 -36.95 12.79
N ASP B 385 25.00 -37.30 11.92
CA ASP B 385 26.24 -37.97 12.28
C ASP B 385 27.41 -37.02 12.01
N VAL B 386 28.40 -37.03 12.89
CA VAL B 386 29.52 -36.09 12.83
C VAL B 386 30.83 -36.85 12.83
N GLU B 387 31.75 -36.44 11.96
CA GLU B 387 33.14 -36.90 11.97
C GLU B 387 34.07 -35.72 12.21
N PHE B 388 35.23 -36.00 12.83
CA PHE B 388 36.24 -34.99 13.12
C PHE B 388 37.55 -35.37 12.42
N PRO B 389 37.65 -35.13 11.12
CA PRO B 389 38.84 -35.60 10.38
C PRO B 389 40.09 -34.93 10.88
N ASP B 390 41.23 -35.43 10.41
CA ASP B 390 42.50 -34.81 10.77
C ASP B 390 42.69 -33.50 10.01
N ASP B 391 42.25 -33.47 8.75
CA ASP B 391 42.39 -32.30 7.89
C ASP B 391 41.06 -32.17 7.13
N ALA B 392 40.14 -31.40 7.70
CA ALA B 392 38.85 -31.19 7.06
C ALA B 392 39.02 -30.67 5.64
N VAL B 393 39.93 -29.71 5.45
CA VAL B 393 40.13 -29.13 4.13
C VAL B 393 40.56 -30.20 3.14
N GLU B 394 41.53 -31.03 3.54
CA GLU B 394 41.97 -32.13 2.70
C GLU B 394 40.79 -33.05 2.36
N THR B 395 40.02 -33.45 3.37
CA THR B 395 38.86 -34.31 3.13
C THR B 395 37.84 -33.64 2.22
N ALA B 396 37.57 -32.35 2.46
CA ALA B 396 36.54 -31.66 1.70
C ALA B 396 36.91 -31.56 0.23
N ALA B 397 38.19 -31.32 -0.07
CA ALA B 397 38.63 -31.30 -1.46
C ALA B 397 38.40 -32.64 -2.14
N GLY B 398 38.77 -33.74 -1.47
CA GLY B 398 38.51 -35.05 -2.03
C GLY B 398 37.03 -35.28 -2.28
N LEU B 399 36.21 -35.05 -1.25
CA LEU B 399 34.76 -35.20 -1.39
C LEU B 399 34.25 -34.39 -2.58
N LEU B 400 34.81 -33.19 -2.79
CA LEU B 400 34.42 -32.37 -3.93
C LEU B 400 34.90 -32.98 -5.25
N ALA B 401 36.12 -33.52 -5.28
CA ALA B 401 36.57 -34.23 -6.49
C ALA B 401 35.76 -35.49 -6.73
N GLU B 402 35.23 -36.13 -5.68
CA GLU B 402 34.31 -37.25 -5.88
C GLU B 402 32.94 -36.81 -6.38
N GLY B 403 32.65 -35.51 -6.44
CA GLY B 403 31.42 -35.02 -7.05
C GLY B 403 30.32 -34.65 -6.09
N GLN B 404 30.61 -34.56 -4.81
CA GLN B 404 29.61 -34.16 -3.82
C GLN B 404 29.48 -32.65 -3.72
N VAL B 405 28.29 -32.22 -3.32
CA VAL B 405 27.98 -30.81 -3.08
C VAL B 405 28.07 -30.57 -1.58
N LEU B 406 28.90 -29.60 -1.18
CA LEU B 406 29.22 -29.37 0.22
C LEU B 406 28.63 -28.06 0.74
N GLY B 407 28.16 -28.10 1.98
CA GLY B 407 28.03 -26.89 2.76
C GLY B 407 29.36 -26.57 3.44
N TRP B 408 29.73 -25.29 3.40
CA TRP B 408 31.01 -24.82 3.89
C TRP B 408 30.76 -23.63 4.81
N ALA B 409 31.00 -23.81 6.11
CA ALA B 409 30.64 -22.82 7.12
C ALA B 409 31.81 -22.61 8.10
N TYR B 410 32.45 -21.45 8.03
CA TYR B 410 33.65 -21.20 8.84
C TYR B 410 33.71 -19.74 9.27
N GLY B 411 34.07 -19.51 10.53
CA GLY B 411 34.41 -18.19 11.00
C GLY B 411 33.26 -17.19 10.87
N ARG B 412 33.66 -15.93 10.63
CA ARG B 412 32.71 -14.80 10.64
C ARG B 412 31.98 -14.67 9.30
N SER B 413 30.70 -14.36 9.39
CA SER B 413 29.82 -14.34 8.21
C SER B 413 30.10 -13.14 7.32
N GLU B 414 29.82 -13.32 6.03
CA GLU B 414 30.08 -12.30 5.02
C GLU B 414 29.17 -11.07 5.18
N PHE B 415 29.77 -9.90 5.06
CA PHE B 415 29.05 -8.64 4.94
C PHE B 415 28.74 -8.40 3.46
N GLY B 416 27.48 -8.17 3.14
CA GLY B 416 27.06 -8.04 1.77
C GLY B 416 26.48 -9.33 1.23
N PRO B 417 25.84 -9.26 0.05
CA PRO B 417 25.06 -10.41 -0.43
C PRO B 417 25.87 -11.62 -0.90
N ARG B 418 27.17 -11.49 -1.21
CA ARG B 418 27.92 -12.62 -1.78
C ARG B 418 28.52 -13.51 -0.69
N ALA B 419 28.37 -14.82 -0.87
CA ALA B 419 29.12 -15.79 -0.09
C ALA B 419 30.52 -15.98 -0.69
N LEU B 420 31.54 -16.03 0.18
CA LEU B 420 32.93 -15.95 -0.25
C LEU B 420 33.86 -16.91 0.51
N GLY B 421 33.33 -17.99 1.07
CA GLY B 421 34.15 -18.92 1.81
C GLY B 421 33.86 -19.00 3.29
N HIS B 422 32.81 -18.37 3.76
CA HIS B 422 32.45 -18.46 5.17
C HIS B 422 31.04 -18.98 5.41
N ARG B 423 30.12 -18.75 4.48
CA ARG B 423 28.79 -19.33 4.49
C ARG B 423 28.47 -19.69 3.04
N SER B 424 29.12 -20.74 2.53
CA SER B 424 29.03 -21.08 1.12
C SER B 424 28.54 -22.50 0.91
N ILE B 425 28.04 -22.74 -0.27
CA ILE B 425 27.81 -24.08 -0.79
C ILE B 425 28.72 -24.24 -2.01
N VAL B 426 29.60 -25.25 -1.97
CA VAL B 426 30.63 -25.43 -3.00
C VAL B 426 30.49 -26.79 -3.67
N ALA B 427 30.81 -26.80 -4.97
CA ALA B 427 30.83 -28.00 -5.78
C ALA B 427 31.88 -27.85 -6.88
N ASP B 428 32.23 -28.99 -7.47
CA ASP B 428 32.97 -29.05 -8.71
C ASP B 428 32.42 -28.05 -9.73
N ALA B 429 33.29 -27.21 -10.27
CA ALA B 429 32.87 -26.25 -11.29
C ALA B 429 32.86 -26.82 -12.71
N ARG B 430 33.43 -28.03 -12.93
CA ARG B 430 33.58 -28.55 -14.30
C ARG B 430 32.27 -29.03 -14.92
N PRO B 431 31.42 -29.80 -14.25
CA PRO B 431 30.27 -30.40 -14.95
C PRO B 431 29.13 -29.42 -15.17
N GLU B 432 28.71 -29.29 -16.44
CA GLU B 432 27.57 -28.44 -16.78
C GLU B 432 26.31 -28.86 -16.04
N GLU B 433 26.14 -30.17 -15.80
CA GLU B 433 24.94 -30.67 -15.14
C GLU B 433 24.82 -30.16 -13.71
N ASN B 434 25.91 -29.66 -13.12
CA ASN B 434 25.83 -29.18 -11.75
C ASN B 434 24.90 -27.97 -11.63
N ARG B 435 24.73 -27.20 -12.71
CA ARG B 435 23.83 -26.05 -12.66
C ARG B 435 22.40 -26.49 -12.37
N THR B 436 21.82 -27.31 -13.26
CA THR B 436 20.46 -27.82 -13.03
C THR B 436 20.39 -28.65 -11.75
N ARG B 437 21.48 -29.34 -11.40
CA ARG B 437 21.49 -30.16 -10.20
C ARG B 437 21.33 -29.32 -8.94
N ILE B 438 22.18 -28.30 -8.80
CA ILE B 438 22.19 -27.54 -7.57
C ILE B 438 21.07 -26.51 -7.54
N ASN B 439 20.64 -26.00 -8.70
CA ASN B 439 19.46 -25.14 -8.75
C ASN B 439 18.22 -25.91 -8.33
N ALA B 440 17.92 -27.01 -9.03
CA ALA B 440 16.63 -27.67 -8.87
C ALA B 440 16.52 -28.37 -7.53
N MET B 441 17.59 -28.99 -7.05
CA MET B 441 17.48 -29.84 -5.87
C MET B 441 18.22 -29.32 -4.65
N VAL B 442 18.88 -28.18 -4.72
CA VAL B 442 19.58 -27.69 -3.54
C VAL B 442 19.10 -26.28 -3.22
N LYS B 443 19.47 -25.31 -4.06
CA LYS B 443 18.90 -23.97 -3.90
C LYS B 443 17.39 -23.95 -4.13
N LYS B 444 16.86 -24.96 -4.83
CA LYS B 444 15.44 -25.02 -5.21
C LYS B 444 15.00 -23.68 -5.79
N ARG B 445 15.62 -23.32 -6.92
CA ARG B 445 15.35 -22.06 -7.61
C ARG B 445 15.40 -22.29 -9.11
N GLU B 446 15.20 -21.22 -9.88
CA GLU B 446 15.06 -21.30 -11.33
C GLU B 446 16.31 -21.90 -11.97
N GLY B 447 16.10 -22.55 -13.12
CA GLY B 447 17.19 -23.25 -13.78
C GLY B 447 18.14 -22.36 -14.56
N PHE B 448 17.68 -21.21 -15.04
CA PHE B 448 18.55 -20.32 -15.78
C PHE B 448 19.62 -19.68 -14.91
N ARG B 449 19.43 -19.70 -13.58
CA ARG B 449 20.30 -19.03 -12.62
C ARG B 449 21.72 -19.57 -12.73
N PRO B 450 22.66 -18.75 -13.20
CA PRO B 450 24.05 -19.19 -13.33
C PRO B 450 24.74 -19.26 -11.98
N PHE B 451 25.84 -20.01 -11.94
CA PHE B 451 26.62 -20.17 -10.72
C PHE B 451 28.00 -19.54 -10.89
N ALA B 452 28.53 -19.03 -9.78
CA ALA B 452 29.74 -18.24 -9.82
C ALA B 452 30.95 -19.07 -9.40
N PRO B 453 32.07 -18.88 -10.08
CA PRO B 453 33.31 -19.59 -9.73
C PRO B 453 34.15 -18.84 -8.72
N VAL B 454 34.88 -19.60 -7.91
CA VAL B 454 35.98 -19.09 -7.11
C VAL B 454 37.27 -19.75 -7.62
N VAL B 455 38.32 -18.94 -7.77
CA VAL B 455 39.58 -19.38 -8.36
C VAL B 455 40.71 -18.81 -7.52
N THR B 456 41.80 -19.57 -7.40
CA THR B 456 42.96 -19.09 -6.68
C THR B 456 43.58 -17.90 -7.40
N ALA B 457 44.24 -17.04 -6.62
CA ALA B 457 44.96 -15.89 -7.17
C ALA B 457 45.99 -16.34 -8.21
N GLU B 458 46.64 -17.49 -7.99
CA GLU B 458 47.71 -17.94 -8.88
C GLU B 458 47.17 -18.44 -10.21
N ALA B 459 46.02 -19.11 -10.19
CA ALA B 459 45.48 -19.65 -11.42
C ALA B 459 44.53 -18.70 -12.13
N ALA B 460 44.22 -17.55 -11.53
CA ALA B 460 43.11 -16.72 -12.01
C ALA B 460 43.27 -16.36 -13.48
N ARG B 461 44.46 -15.90 -13.88
CA ARG B 461 44.64 -15.49 -15.26
C ARG B 461 44.77 -16.66 -16.23
N ASP B 462 44.89 -17.90 -15.74
CA ASP B 462 44.82 -19.07 -16.60
C ASP B 462 43.41 -19.40 -17.06
N TYR B 463 42.40 -18.83 -16.41
CA TYR B 463 41.00 -19.16 -16.68
C TYR B 463 40.14 -17.97 -17.04
N PHE B 464 40.47 -16.77 -16.59
CA PHE B 464 39.60 -15.61 -16.72
C PHE B 464 40.35 -14.41 -17.30
N ASP B 465 39.68 -13.72 -18.22
CA ASP B 465 40.19 -12.52 -18.88
C ASP B 465 39.97 -11.32 -17.96
N LEU B 466 40.96 -11.06 -17.09
CA LEU B 466 40.91 -9.92 -16.18
C LEU B 466 41.44 -8.62 -16.80
N SER B 467 41.82 -8.64 -18.07
CA SER B 467 42.36 -7.48 -18.77
C SER B 467 41.40 -6.30 -18.77
N GLY B 468 41.86 -5.17 -19.30
CA GLY B 468 41.21 -3.90 -19.05
C GLY B 468 41.81 -3.32 -17.79
N ALA B 469 41.03 -2.58 -17.02
CA ALA B 469 41.53 -2.04 -15.76
C ALA B 469 41.87 -3.15 -14.77
N ASP B 470 42.45 -2.73 -13.66
CA ASP B 470 42.74 -3.57 -12.51
C ASP B 470 41.59 -3.45 -11.52
N GLY B 471 40.69 -4.44 -11.50
CA GLY B 471 39.58 -4.46 -10.58
C GLY B 471 39.86 -5.33 -9.38
N ASN B 472 39.13 -5.08 -8.29
CA ASN B 472 39.21 -5.94 -7.10
C ASN B 472 38.21 -7.09 -7.27
N HIS B 473 38.70 -8.32 -7.18
CA HIS B 473 37.90 -9.51 -7.43
C HIS B 473 37.67 -10.36 -6.18
N GLU B 474 38.03 -9.85 -4.99
CA GLU B 474 37.81 -10.61 -3.76
C GLU B 474 36.34 -10.72 -3.38
N PHE B 475 35.45 -9.94 -3.99
CA PHE B 475 34.06 -9.91 -3.57
C PHE B 475 33.10 -10.25 -4.69
N MET B 476 33.58 -10.80 -5.80
CA MET B 476 32.70 -11.16 -6.92
C MET B 476 31.99 -9.93 -7.50
N SER B 477 32.66 -8.77 -7.46
CA SER B 477 32.03 -7.54 -7.93
C SER B 477 31.96 -7.47 -9.45
N PHE B 478 32.79 -8.21 -10.17
CA PHE B 478 32.90 -8.07 -11.62
C PHE B 478 32.57 -9.37 -12.34
N VAL B 479 31.76 -9.26 -13.39
CA VAL B 479 31.64 -10.31 -14.39
C VAL B 479 32.80 -10.15 -15.38
N VAL B 480 33.49 -11.25 -15.67
CA VAL B 480 34.61 -11.20 -16.61
C VAL B 480 34.45 -12.34 -17.61
N PRO B 481 35.05 -12.24 -18.80
CA PRO B 481 34.94 -13.36 -19.74
C PRO B 481 35.73 -14.55 -19.23
N VAL B 482 35.18 -15.74 -19.44
CA VAL B 482 35.98 -16.95 -19.31
C VAL B 482 36.77 -17.12 -20.60
N LEU B 483 38.04 -17.48 -20.48
CA LEU B 483 38.87 -17.67 -21.67
C LEU B 483 38.22 -18.75 -22.55
N PRO B 484 38.13 -18.53 -23.86
CA PRO B 484 37.40 -19.47 -24.73
C PRO B 484 37.90 -20.91 -24.64
N GLU B 485 39.21 -21.11 -24.47
CA GLU B 485 39.78 -22.45 -24.35
C GLU B 485 39.61 -23.03 -22.96
N ARG B 486 38.85 -22.38 -22.07
CA ARG B 486 38.52 -22.95 -20.78
C ARG B 486 37.02 -23.09 -20.57
N ARG B 487 36.20 -22.63 -21.52
CA ARG B 487 34.76 -22.56 -21.29
C ARG B 487 34.14 -23.95 -21.13
N THR B 488 34.62 -24.93 -21.90
CA THR B 488 34.06 -26.27 -21.74
C THR B 488 34.55 -26.90 -20.44
N GLU B 489 35.80 -26.64 -20.05
CA GLU B 489 36.29 -27.16 -18.78
C GLU B 489 35.52 -26.59 -17.58
N LEU B 490 35.04 -25.36 -17.67
CA LEU B 490 34.29 -24.73 -16.57
C LEU B 490 32.81 -24.72 -16.92
N GLY B 491 32.24 -25.92 -16.96
CA GLY B 491 30.88 -26.08 -17.48
C GLY B 491 29.81 -25.52 -16.55
N ALA B 492 30.00 -25.67 -15.23
CA ALA B 492 28.97 -25.26 -14.29
C ALA B 492 28.93 -23.74 -14.05
N VAL B 493 30.01 -23.04 -14.37
CA VAL B 493 30.19 -21.66 -13.93
C VAL B 493 30.40 -20.69 -15.09
N THR B 494 30.19 -21.13 -16.32
CA THR B 494 30.32 -20.28 -17.50
C THR B 494 28.92 -19.98 -18.03
N HIS B 495 28.55 -18.70 -18.06
CA HIS B 495 27.24 -18.30 -18.56
C HIS B 495 27.15 -18.50 -20.06
N VAL B 496 25.92 -18.36 -20.58
CA VAL B 496 25.64 -18.56 -22.00
C VAL B 496 26.35 -17.56 -22.90
N ASP B 497 26.91 -16.49 -22.33
CA ASP B 497 27.68 -15.54 -23.11
C ASP B 497 29.17 -15.64 -22.83
N GLY B 498 29.60 -16.70 -22.15
CA GLY B 498 31.02 -16.95 -21.90
C GLY B 498 31.62 -16.21 -20.74
N THR B 499 30.79 -15.64 -19.85
CA THR B 499 31.25 -14.80 -18.75
C THR B 499 31.02 -15.49 -17.42
N ALA B 500 31.58 -14.91 -16.38
CA ALA B 500 31.49 -15.47 -15.04
C ALA B 500 31.74 -14.36 -14.02
N ARG B 501 31.00 -14.43 -12.91
CA ARG B 501 31.15 -13.47 -11.82
C ARG B 501 32.16 -14.06 -10.83
N VAL B 502 33.43 -13.81 -11.07
CA VAL B 502 34.49 -14.61 -10.45
C VAL B 502 34.85 -14.05 -9.09
N GLN B 503 35.12 -14.95 -8.15
CA GLN B 503 35.85 -14.61 -6.94
C GLN B 503 37.28 -15.10 -7.10
N VAL B 504 38.23 -14.20 -6.91
CA VAL B 504 39.64 -14.57 -6.84
C VAL B 504 40.00 -14.60 -5.36
N VAL B 505 40.27 -15.78 -4.84
CA VAL B 505 40.66 -15.92 -3.44
C VAL B 505 42.18 -16.04 -3.39
N SER B 506 42.76 -15.50 -2.33
CA SER B 506 44.19 -15.48 -2.10
C SER B 506 44.42 -15.87 -0.66
N ALA B 507 45.68 -16.18 -0.32
CA ALA B 507 45.99 -16.45 1.07
C ALA B 507 45.71 -15.25 1.95
N GLU B 508 45.72 -14.05 1.36
CA GLU B 508 45.45 -12.82 2.10
C GLU B 508 43.96 -12.61 2.32
N SER B 509 43.14 -12.82 1.29
CA SER B 509 41.71 -12.56 1.43
C SER B 509 41.01 -13.64 2.24
N GLY B 510 41.37 -14.91 2.03
CA GLY B 510 40.76 -16.02 2.74
C GLY B 510 41.61 -17.28 2.74
N GLU B 511 42.47 -17.40 3.74
CA GLU B 511 43.49 -18.44 3.75
C GLU B 511 42.88 -19.84 3.63
N ARG B 512 41.93 -20.17 4.50
CA ARG B 512 41.34 -21.50 4.49
C ARG B 512 40.68 -21.79 3.16
N PHE B 513 39.84 -20.86 2.70
CA PHE B 513 39.17 -21.05 1.42
C PHE B 513 40.17 -21.13 0.27
N HIS B 514 41.28 -20.38 0.36
CA HIS B 514 42.32 -20.50 -0.66
C HIS B 514 42.91 -21.90 -0.66
N ARG B 515 43.27 -22.40 0.54
CA ARG B 515 43.85 -23.73 0.64
C ARG B 515 42.91 -24.79 0.07
N LEU B 516 41.60 -24.62 0.30
CA LEU B 516 40.62 -25.57 -0.21
C LEU B 516 40.61 -25.59 -1.73
N VAL B 517 40.49 -24.42 -2.36
CA VAL B 517 40.47 -24.37 -3.81
C VAL B 517 41.82 -24.81 -4.40
N ARG B 518 42.93 -24.46 -3.73
CA ARG B 518 44.23 -24.94 -4.19
C ARG B 518 44.29 -26.46 -4.17
N ARG B 519 43.92 -27.07 -3.04
CA ARG B 519 43.99 -28.53 -2.93
C ARG B 519 43.13 -29.22 -3.98
N PHE B 520 41.91 -28.74 -4.19
CA PHE B 520 41.06 -29.32 -5.23
C PHE B 520 41.69 -29.20 -6.60
N GLY B 521 42.48 -28.15 -6.83
CA GLY B 521 43.21 -28.03 -8.09
C GLY B 521 44.35 -29.01 -8.21
N GLU B 522 45.07 -29.24 -7.11
CA GLU B 522 46.11 -30.26 -7.13
C GLU B 522 45.53 -31.64 -7.38
N LEU B 523 44.26 -31.85 -7.02
CA LEU B 523 43.67 -33.18 -7.13
C LEU B 523 43.02 -33.40 -8.47
N THR B 524 42.61 -32.33 -9.15
CA THR B 524 41.84 -32.46 -10.37
C THR B 524 42.47 -31.79 -11.57
N GLY B 525 43.46 -30.90 -11.37
CA GLY B 525 43.97 -30.08 -12.44
C GLY B 525 43.16 -28.82 -12.71
N THR B 526 42.02 -28.65 -12.05
CA THR B 526 41.17 -27.46 -12.20
C THR B 526 41.04 -26.76 -10.86
N PRO B 527 41.83 -25.73 -10.57
CA PRO B 527 41.74 -25.05 -9.28
C PRO B 527 40.59 -24.03 -9.22
N VAL B 528 39.42 -24.44 -9.71
CA VAL B 528 38.21 -23.63 -9.71
C VAL B 528 37.11 -24.43 -9.03
N LEU B 529 36.30 -23.74 -8.23
CA LEU B 529 35.12 -24.32 -7.60
C LEU B 529 33.89 -23.43 -7.85
N LEU B 530 32.75 -24.08 -8.04
CA LEU B 530 31.47 -23.40 -7.97
C LEU B 530 31.24 -22.93 -6.53
N ASN B 531 30.76 -21.69 -6.37
CA ASN B 531 30.55 -21.13 -5.03
C ASN B 531 29.25 -20.33 -5.03
N THR B 532 28.24 -20.84 -4.33
CA THR B 532 26.93 -20.22 -4.19
C THR B 532 26.64 -19.99 -2.71
N SER B 533 25.72 -19.06 -2.43
CA SER B 533 25.47 -18.70 -1.04
C SER B 533 24.76 -19.83 -0.29
N PHE B 534 25.09 -19.97 1.00
CA PHE B 534 24.54 -21.01 1.87
C PHE B 534 23.19 -20.55 2.41
N ASN B 535 22.13 -20.78 1.64
CA ASN B 535 20.76 -20.52 2.06
C ASN B 535 19.83 -21.23 1.10
N ASN B 536 18.71 -21.71 1.61
CA ASN B 536 17.69 -22.21 0.70
C ASN B 536 16.89 -21.01 0.19
N ASN B 537 15.82 -21.29 -0.55
CA ASN B 537 14.99 -20.27 -1.20
C ASN B 537 14.16 -19.43 -0.22
N ALA B 538 14.18 -19.73 1.09
CA ALA B 538 13.27 -19.08 2.02
C ALA B 538 13.99 -18.30 3.11
N GLU B 539 15.27 -17.99 2.92
CA GLU B 539 16.07 -17.42 4.00
C GLU B 539 17.21 -16.60 3.44
N PRO B 540 17.72 -15.61 4.19
CA PRO B 540 19.01 -15.02 3.83
C PRO B 540 20.13 -16.00 4.13
N ILE B 541 21.36 -15.62 3.81
CA ILE B 541 22.52 -16.44 4.09
C ILE B 541 22.51 -16.86 5.57
N VAL B 542 22.74 -18.15 5.82
CA VAL B 542 22.73 -18.65 7.19
C VAL B 542 23.82 -17.98 8.03
N GLN B 543 23.52 -17.77 9.32
CA GLN B 543 24.41 -17.05 10.23
C GLN B 543 24.99 -17.98 11.29
N SER B 544 24.17 -18.45 12.22
CA SER B 544 24.62 -19.23 13.37
C SER B 544 24.84 -20.70 12.98
N LEU B 545 25.45 -21.44 13.90
CA LEU B 545 25.59 -22.88 13.70
C LEU B 545 24.23 -23.55 13.58
N ASP B 546 23.26 -23.17 14.43
CA ASP B 546 21.91 -23.71 14.29
C ASP B 546 21.32 -23.39 12.91
N ASP B 547 21.48 -22.14 12.41
CA ASP B 547 21.02 -21.85 11.03
C ASP B 547 21.67 -22.78 10.03
N VAL B 548 22.99 -22.99 10.17
CA VAL B 548 23.75 -23.83 9.23
C VAL B 548 23.20 -25.25 9.23
N VAL B 549 22.96 -25.81 10.42
CA VAL B 549 22.51 -27.20 10.50
C VAL B 549 21.07 -27.31 10.00
N THR B 550 20.22 -26.33 10.35
CA THR B 550 18.85 -26.32 9.85
C THR B 550 18.84 -26.31 8.33
N SER B 551 19.66 -25.45 7.73
CA SER B 551 19.67 -25.33 6.29
C SER B 551 20.21 -26.61 5.64
N PHE B 552 21.31 -27.14 6.17
CA PHE B 552 21.81 -28.42 5.67
C PHE B 552 20.73 -29.50 5.76
N LEU B 553 20.04 -29.61 6.91
CA LEU B 553 19.03 -30.66 7.05
C LEU B 553 17.78 -30.43 6.21
N THR B 554 17.55 -29.21 5.69
CA THR B 554 16.33 -28.92 4.94
C THR B 554 16.59 -28.71 3.46
N THR B 555 17.83 -28.89 3.01
CA THR B 555 18.20 -28.95 1.61
C THR B 555 18.79 -30.33 1.33
N ASP B 556 19.12 -30.56 0.08
CA ASP B 556 19.61 -31.86 -0.39
C ASP B 556 21.12 -31.87 -0.57
N LEU B 557 21.85 -31.25 0.35
CA LEU B 557 23.30 -31.24 0.30
C LEU B 557 23.86 -32.59 0.76
N ASP B 558 24.96 -33.01 0.12
CA ASP B 558 25.57 -34.29 0.46
C ASP B 558 26.26 -34.25 1.81
N VAL B 559 27.09 -33.23 2.04
CA VAL B 559 27.91 -33.16 3.26
C VAL B 559 27.99 -31.71 3.69
N LEU B 560 28.08 -31.49 5.00
CA LEU B 560 28.31 -30.19 5.59
C LEU B 560 29.66 -30.18 6.30
N VAL B 561 30.55 -29.27 5.89
CA VAL B 561 31.81 -28.99 6.58
C VAL B 561 31.62 -27.72 7.41
N VAL B 562 31.71 -27.83 8.73
CA VAL B 562 31.52 -26.66 9.58
C VAL B 562 32.59 -26.68 10.68
N GLU B 563 33.51 -25.74 10.61
CA GLU B 563 34.58 -25.59 11.61
C GLU B 563 35.31 -26.93 11.84
N ASP B 564 35.72 -27.54 10.75
CA ASP B 564 36.45 -28.81 10.68
C ASP B 564 35.61 -30.04 11.03
N CYS B 565 34.30 -29.89 11.29
CA CYS B 565 33.44 -31.03 11.53
C CYS B 565 32.74 -31.42 10.24
N LEU B 566 32.65 -32.72 10.00
CA LEU B 566 31.93 -33.25 8.85
C LEU B 566 30.58 -33.75 9.34
N VAL B 567 29.50 -33.21 8.75
CA VAL B 567 28.14 -33.48 9.20
C VAL B 567 27.37 -34.13 8.07
N ARG B 568 26.67 -35.21 8.39
CA ARG B 568 25.73 -35.82 7.45
C ARG B 568 24.43 -36.11 8.19
N GLY B 569 23.32 -36.13 7.45
CA GLY B 569 22.02 -36.39 8.06
C GLY B 569 21.84 -37.89 8.30
N LYS B 570 21.39 -38.23 9.51
CA LYS B 570 21.09 -39.63 9.82
C LYS B 570 20.11 -40.18 8.80
N ALA B 571 20.16 -41.50 8.62
CA ALA B 571 19.27 -42.16 7.67
C ALA B 571 17.80 -41.89 8.00
N SER B 572 17.46 -41.91 9.29
CA SER B 572 16.13 -41.53 9.75
C SER B 572 16.28 -40.49 10.85
N PRO B 573 16.16 -39.20 10.53
CA PRO B 573 16.35 -38.16 11.55
C PRO B 573 15.13 -38.06 12.45
N ASP B 574 15.39 -37.93 13.75
CA ASP B 574 14.30 -37.85 14.74
C ASP B 574 13.91 -36.37 14.92
N LEU B 575 12.91 -35.95 14.16
CA LEU B 575 12.37 -34.61 14.30
C LEU B 575 11.76 -34.36 15.67
N GLY B 576 11.38 -35.41 16.39
CA GLY B 576 10.65 -35.21 17.65
C GLY B 576 11.45 -34.51 18.72
N VAL B 577 12.78 -34.54 18.66
CA VAL B 577 13.58 -33.88 19.69
C VAL B 577 13.71 -32.38 19.48
N LEU B 578 13.25 -31.88 18.33
CA LEU B 578 13.36 -30.45 18.03
C LEU B 578 12.31 -29.68 18.81
N VAL B 579 12.71 -28.55 19.39
CA VAL B 579 11.81 -27.68 20.15
C VAL B 579 11.28 -26.62 19.20
N PRO B 580 9.96 -26.55 18.96
CA PRO B 580 9.42 -25.49 18.11
C PRO B 580 9.32 -24.18 18.86
N ARG B 581 9.71 -23.11 18.18
CA ARG B 581 9.60 -21.77 18.73
C ARG B 581 8.98 -20.89 17.65
N PHE B 582 8.05 -20.03 18.05
CA PHE B 582 7.55 -19.02 17.13
C PHE B 582 8.66 -18.03 16.79
N ARG B 583 8.72 -17.60 15.54
CA ARG B 583 9.49 -16.39 15.27
C ARG B 583 8.68 -15.18 15.72
N PRO B 584 9.32 -14.03 15.95
CA PRO B 584 8.54 -12.86 16.39
C PRO B 584 7.45 -12.46 15.41
N VAL B 585 7.58 -12.82 14.13
CA VAL B 585 6.59 -12.51 13.10
C VAL B 585 5.67 -13.67 12.78
N THR B 586 5.81 -14.81 13.47
CA THR B 586 4.95 -15.97 13.20
C THR B 586 3.54 -15.69 13.67
N ARG B 587 2.55 -15.91 12.80
CA ARG B 587 1.15 -15.83 13.19
C ARG B 587 0.45 -17.12 12.82
N LEU B 588 -0.42 -17.58 13.69
CA LEU B 588 -1.16 -18.82 13.49
C LEU B 588 -2.64 -18.48 13.56
N VAL B 589 -3.37 -18.91 12.55
CA VAL B 589 -4.68 -18.32 12.28
C VAL B 589 -5.65 -19.41 11.86
N GLU B 590 -6.83 -19.38 12.43
CA GLU B 590 -8.01 -20.06 11.91
C GLU B 590 -8.92 -18.99 11.31
N ARG B 591 -9.38 -19.23 10.08
CA ARG B 591 -10.11 -18.21 9.34
C ARG B 591 -11.46 -18.77 8.87
N ARG B 592 -12.50 -17.95 8.98
CA ARG B 592 -13.76 -18.25 8.32
C ARG B 592 -14.11 -17.07 7.41
N THR B 593 -14.40 -17.37 6.16
CA THR B 593 -14.77 -16.38 5.17
C THR B 593 -16.28 -16.44 4.98
N ALA B 594 -16.80 -15.64 4.04
CA ALA B 594 -18.23 -15.64 3.80
C ALA B 594 -18.60 -16.82 2.91
N GLY B 595 -19.77 -17.42 3.17
CA GLY B 595 -20.19 -18.58 2.41
C GLY B 595 -21.43 -18.33 1.57
N PRO B 596 -21.84 -19.32 0.80
CA PRO B 596 -23.09 -19.20 0.03
C PRO B 596 -24.29 -18.96 0.94
N ASP B 597 -25.27 -18.24 0.41
CA ASP B 597 -26.49 -17.88 1.14
C ASP B 597 -26.17 -17.11 2.43
N ALA B 598 -25.10 -16.32 2.41
CA ALA B 598 -24.72 -15.44 3.50
C ALA B 598 -24.41 -16.21 4.78
N SER B 599 -23.93 -17.45 4.62
CA SER B 599 -23.51 -18.25 5.76
C SER B 599 -22.07 -17.95 6.11
N ALA B 600 -21.66 -18.40 7.31
CA ALA B 600 -20.25 -18.47 7.65
C ALA B 600 -19.59 -19.52 6.76
N GLY B 601 -18.58 -19.11 6.01
CA GLY B 601 -18.04 -19.93 4.95
C GLY B 601 -16.88 -20.81 5.34
N ALA B 602 -15.98 -21.00 4.37
CA ALA B 602 -14.93 -22.01 4.49
C ALA B 602 -14.04 -21.74 5.69
N LYS B 603 -13.73 -22.82 6.41
CA LYS B 603 -12.82 -22.79 7.55
C LYS B 603 -11.46 -23.28 7.07
N THR B 604 -10.43 -22.47 7.31
CA THR B 604 -9.06 -22.81 6.96
C THR B 604 -8.15 -22.47 8.12
N HIS B 605 -7.05 -23.19 8.23
CA HIS B 605 -6.01 -22.93 9.21
C HIS B 605 -4.74 -22.58 8.47
N GLU B 606 -4.05 -21.55 8.93
CA GLU B 606 -2.89 -21.05 8.20
C GLU B 606 -1.81 -20.63 9.18
N ILE B 607 -0.56 -20.70 8.71
CA ILE B 607 0.57 -20.08 9.38
C ILE B 607 1.13 -19.03 8.44
N HIS B 608 1.54 -17.88 8.99
CA HIS B 608 2.15 -16.91 8.10
C HIS B 608 3.15 -16.05 8.88
N LEU B 609 3.97 -15.34 8.11
CA LEU B 609 4.96 -14.43 8.66
C LEU B 609 4.46 -13.01 8.45
N ASP B 610 4.29 -12.28 9.55
CA ASP B 610 3.61 -10.99 9.56
C ASP B 610 4.61 -9.89 9.25
N TYR B 611 4.99 -9.81 7.97
CA TYR B 611 5.67 -8.65 7.42
C TYR B 611 5.27 -8.52 5.97
N ASP B 612 5.45 -7.33 5.42
CA ASP B 612 5.06 -7.05 4.04
C ASP B 612 5.80 -7.97 3.09
N GLY B 613 5.06 -8.74 2.30
CA GLY B 613 5.66 -9.74 1.43
C GLY B 613 5.99 -11.05 2.12
N GLY B 614 5.51 -11.28 3.34
CA GLY B 614 5.80 -12.50 4.06
C GLY B 614 5.01 -13.69 3.54
N PRO B 615 5.61 -14.87 3.60
CA PRO B 615 4.92 -16.06 3.09
C PRO B 615 3.79 -16.51 4.02
N SER B 616 3.00 -17.46 3.52
CA SER B 616 1.92 -18.08 4.28
C SER B 616 1.69 -19.48 3.73
N ALA B 617 1.17 -20.37 4.59
CA ALA B 617 0.92 -21.75 4.21
C ALA B 617 -0.29 -22.27 4.96
N LYS B 618 -1.15 -23.01 4.26
CA LYS B 618 -2.21 -23.76 4.92
C LYS B 618 -1.61 -24.87 5.80
N VAL B 619 -2.28 -25.14 6.92
CA VAL B 619 -1.92 -26.25 7.80
C VAL B 619 -3.17 -27.06 8.09
N SER B 620 -2.94 -28.32 8.48
CA SER B 620 -4.01 -29.21 8.85
C SER B 620 -4.59 -28.82 10.20
N PRO B 621 -5.85 -29.19 10.45
CA PRO B 621 -6.44 -28.91 11.77
C PRO B 621 -5.62 -29.50 12.90
N GLU B 622 -4.99 -30.65 12.67
CA GLU B 622 -4.16 -31.28 13.70
C GLU B 622 -2.91 -30.47 13.98
N LEU B 623 -2.20 -30.04 12.93
CA LEU B 623 -1.01 -29.22 13.14
C LEU B 623 -1.38 -27.87 13.73
N TYR B 624 -2.53 -27.32 13.34
CA TYR B 624 -3.03 -26.09 13.98
C TYR B 624 -3.14 -26.26 15.50
N GLU B 625 -3.79 -27.35 15.93
CA GLU B 625 -3.95 -27.57 17.37
C GLU B 625 -2.60 -27.82 18.04
N LEU B 626 -1.69 -28.54 17.37
CA LEU B 626 -0.36 -28.75 17.92
C LEU B 626 0.42 -27.44 17.99
N LEU B 627 0.47 -26.67 16.91
CA LEU B 627 1.24 -25.43 16.93
C LEU B 627 0.68 -24.42 17.94
N GLY B 628 -0.62 -24.49 18.22
CA GLY B 628 -1.20 -23.60 19.22
C GLY B 628 -0.69 -23.84 20.63
N ALA B 629 -0.16 -25.02 20.90
CA ALA B 629 0.36 -25.34 22.23
C ALA B 629 1.86 -25.09 22.34
N VAL B 630 2.49 -24.54 21.31
CA VAL B 630 3.92 -24.30 21.36
C VAL B 630 4.23 -23.39 22.53
N ASP B 631 5.14 -23.82 23.39
CA ASP B 631 5.47 -23.02 24.54
C ASP B 631 6.91 -22.53 24.51
N GLY B 632 7.67 -22.88 23.47
CA GLY B 632 9.07 -22.50 23.42
C GLY B 632 10.02 -23.40 24.16
N THR B 633 9.53 -24.39 24.89
CA THR B 633 10.44 -25.28 25.60
C THR B 633 10.11 -26.76 25.38
N THR B 634 8.84 -27.11 25.25
CA THR B 634 8.47 -28.50 25.03
C THR B 634 8.84 -28.95 23.61
N THR B 635 9.36 -30.18 23.51
CA THR B 635 9.79 -30.68 22.20
C THR B 635 8.59 -30.98 21.29
N LEU B 636 8.90 -31.09 20.00
CA LEU B 636 7.87 -31.40 19.01
C LEU B 636 7.22 -32.76 19.28
N GLY B 637 8.02 -33.77 19.63
CA GLY B 637 7.45 -35.06 19.97
C GLY B 637 6.50 -35.00 21.15
N ASP B 638 6.87 -34.27 22.21
CA ASP B 638 6.02 -34.16 23.39
C ASP B 638 4.77 -33.34 23.10
N LEU B 639 4.90 -32.28 22.31
CA LEU B 639 3.70 -31.54 21.89
C LEU B 639 2.78 -32.40 21.05
N ALA B 640 3.36 -33.24 20.18
CA ALA B 640 2.53 -34.07 19.31
C ALA B 640 1.71 -35.09 20.09
N LYS B 641 2.12 -35.43 21.32
CA LYS B 641 1.32 -36.39 22.09
C LYS B 641 -0.10 -35.90 22.26
N THR B 642 -0.31 -34.59 22.37
CA THR B 642 -1.65 -34.06 22.63
C THR B 642 -2.59 -34.26 21.44
N VAL B 643 -2.09 -34.67 20.27
CA VAL B 643 -2.94 -34.93 19.11
C VAL B 643 -2.66 -36.33 18.60
N GLY B 644 -2.13 -37.18 19.46
CA GLY B 644 -2.02 -38.61 19.15
C GLY B 644 -0.64 -39.07 18.81
N GLY B 645 0.36 -38.22 18.87
CA GLY B 645 1.71 -38.65 18.56
C GLY B 645 2.18 -38.12 17.22
N LEU B 646 3.50 -37.95 17.10
CA LEU B 646 4.13 -37.49 15.87
C LEU B 646 4.08 -38.55 14.78
N SER B 647 3.00 -38.60 14.01
CA SER B 647 2.90 -39.52 12.90
C SER B 647 3.80 -39.09 11.74
N ASP B 648 4.05 -40.03 10.82
CA ASP B 648 4.84 -39.69 9.64
C ASP B 648 4.18 -38.57 8.87
N ALA B 649 2.85 -38.60 8.77
CA ALA B 649 2.15 -37.51 8.09
C ALA B 649 2.42 -36.16 8.77
N LEU B 650 2.31 -36.12 10.10
CA LEU B 650 2.53 -34.86 10.81
C LEU B 650 3.99 -34.42 10.70
N ALA B 651 4.93 -35.37 10.82
CA ALA B 651 6.33 -35.01 10.77
C ALA B 651 6.68 -34.44 9.39
N THR B 652 6.06 -35.00 8.35
CA THR B 652 6.23 -34.49 7.00
C THR B 652 5.65 -33.09 6.85
N GLU B 653 4.45 -32.86 7.39
CA GLU B 653 3.86 -31.53 7.34
C GLU B 653 4.72 -30.51 8.07
N VAL B 654 5.24 -30.86 9.25
CA VAL B 654 6.08 -29.94 10.02
C VAL B 654 7.36 -29.65 9.27
N PHE B 655 7.99 -30.70 8.71
CA PHE B 655 9.22 -30.53 7.96
C PHE B 655 9.05 -29.52 6.82
N ALA B 656 7.94 -29.62 6.08
CA ALA B 656 7.71 -28.67 4.99
C ALA B 656 7.57 -27.24 5.51
N LEU B 657 6.94 -27.06 6.68
CA LEU B 657 6.90 -25.72 7.27
C LEU B 657 8.28 -25.26 7.71
N TRP B 658 9.06 -26.19 8.28
CA TRP B 658 10.45 -25.91 8.68
C TRP B 658 11.28 -25.43 7.50
N GLU B 659 11.12 -26.10 6.36
CA GLU B 659 11.83 -25.72 5.16
C GLU B 659 11.50 -24.30 4.73
N GLN B 660 10.26 -23.86 4.94
CA GLN B 660 9.89 -22.49 4.58
C GLN B 660 10.15 -21.51 5.72
N ARG B 661 10.71 -21.98 6.83
CA ARG B 661 11.10 -21.16 7.98
C ARG B 661 9.92 -20.46 8.65
N PHE B 662 8.74 -21.08 8.66
CA PHE B 662 7.61 -20.47 9.37
C PHE B 662 7.83 -20.39 10.87
N LEU B 663 8.69 -21.24 11.40
CA LEU B 663 8.95 -21.24 12.83
C LEU B 663 10.34 -21.79 13.01
N THR B 664 10.89 -21.62 14.21
CA THR B 664 12.23 -22.09 14.53
C THR B 664 12.15 -23.51 15.08
N LEU B 665 12.94 -24.41 14.50
CA LEU B 665 13.01 -25.79 14.95
C LEU B 665 14.47 -26.13 15.23
N ALA B 666 14.78 -26.45 16.48
CA ALA B 666 16.15 -26.70 16.92
C ALA B 666 16.10 -27.46 18.23
N PRO B 667 17.18 -28.15 18.60
CA PRO B 667 17.21 -28.83 19.91
C PRO B 667 17.08 -27.84 21.06
N ALA B 668 16.72 -28.39 22.23
CA ALA B 668 16.60 -27.60 23.46
C ALA B 668 17.87 -26.82 23.74
N GLY B 669 17.70 -25.63 24.33
CA GLY B 669 18.82 -24.78 24.66
C GLY B 669 19.37 -24.05 23.43
N ASP B 670 20.61 -23.58 23.56
CA ASP B 670 21.31 -22.96 22.45
C ASP B 670 22.81 -23.14 22.64
N ILE B 671 23.59 -22.64 21.67
CA ILE B 671 25.04 -22.75 21.72
C ILE B 671 25.65 -21.90 22.84
N GLY B 672 24.89 -20.96 23.40
CA GLY B 672 25.40 -20.07 24.42
C GLY B 672 26.18 -18.92 23.81
N PRO B 673 26.64 -17.99 24.64
CA PRO B 673 27.44 -16.86 24.13
C PRO B 673 28.66 -17.38 23.38
N LEU B 674 28.91 -16.79 22.21
CA LEU B 674 29.87 -17.34 21.25
C LEU B 674 31.34 -17.38 21.75
#